data_1I77
# 
_entry.id   1I77 
# 
_audit_conform.dict_name       mmcif_pdbx.dic 
_audit_conform.dict_version    5.398 
_audit_conform.dict_location   http://mmcif.pdb.org/dictionaries/ascii/mmcif_pdbx.dic 
# 
loop_
_database_2.database_id 
_database_2.database_code 
_database_2.pdbx_database_accession 
_database_2.pdbx_DOI 
PDB   1I77         pdb_00001i77 10.2210/pdb1i77/pdb 
RCSB  RCSB012990   ?            ?                   
WWPDB D_1000012990 ?            ?                   
# 
loop_
_pdbx_audit_revision_history.ordinal 
_pdbx_audit_revision_history.data_content_type 
_pdbx_audit_revision_history.major_revision 
_pdbx_audit_revision_history.minor_revision 
_pdbx_audit_revision_history.revision_date 
1 'Structure model' 1 0 2001-08-29 
2 'Structure model' 1 1 2008-04-27 
3 'Structure model' 1 2 2011-07-13 
4 'Structure model' 1 3 2023-08-09 
5 'Structure model' 1 4 2024-11-13 
# 
_pdbx_audit_revision_details.ordinal             1 
_pdbx_audit_revision_details.revision_ordinal    1 
_pdbx_audit_revision_details.data_content_type   'Structure model' 
_pdbx_audit_revision_details.provider            repository 
_pdbx_audit_revision_details.type                'Initial release' 
_pdbx_audit_revision_details.description         ? 
_pdbx_audit_revision_details.details             ? 
# 
loop_
_pdbx_audit_revision_group.ordinal 
_pdbx_audit_revision_group.revision_ordinal 
_pdbx_audit_revision_group.data_content_type 
_pdbx_audit_revision_group.group 
1 2 'Structure model' 'Version format compliance' 
2 3 'Structure model' 'Version format compliance' 
3 4 'Structure model' 'Data collection'           
4 4 'Structure model' 'Database references'       
5 4 'Structure model' 'Derived calculations'      
6 4 'Structure model' 'Refinement description'    
7 5 'Structure model' 'Structure summary'         
# 
loop_
_pdbx_audit_revision_category.ordinal 
_pdbx_audit_revision_category.revision_ordinal 
_pdbx_audit_revision_category.data_content_type 
_pdbx_audit_revision_category.category 
1  4 'Structure model' chem_comp_atom                
2  4 'Structure model' chem_comp_bond                
3  4 'Structure model' database_2                    
4  4 'Structure model' pdbx_initial_refinement_model 
5  4 'Structure model' pdbx_struct_conn_angle        
6  4 'Structure model' struct_conn                   
7  4 'Structure model' struct_conn_type              
8  4 'Structure model' struct_site                   
9  5 'Structure model' pdbx_entry_details            
10 5 'Structure model' pdbx_modification_feature     
# 
loop_
_pdbx_audit_revision_item.ordinal 
_pdbx_audit_revision_item.revision_ordinal 
_pdbx_audit_revision_item.data_content_type 
_pdbx_audit_revision_item.item 
1  4 'Structure model' '_database_2.pdbx_DOI'                        
2  4 'Structure model' '_database_2.pdbx_database_accession'         
3  4 'Structure model' '_pdbx_struct_conn_angle.ptnr1_auth_seq_id'   
4  4 'Structure model' '_pdbx_struct_conn_angle.ptnr1_label_asym_id' 
5  4 'Structure model' '_pdbx_struct_conn_angle.ptnr1_label_seq_id'  
6  4 'Structure model' '_pdbx_struct_conn_angle.ptnr2_auth_seq_id'   
7  4 'Structure model' '_pdbx_struct_conn_angle.ptnr2_label_asym_id' 
8  4 'Structure model' '_pdbx_struct_conn_angle.ptnr3_auth_seq_id'   
9  4 'Structure model' '_pdbx_struct_conn_angle.ptnr3_label_asym_id' 
10 4 'Structure model' '_pdbx_struct_conn_angle.ptnr3_label_seq_id'  
11 4 'Structure model' '_pdbx_struct_conn_angle.value'               
12 4 'Structure model' '_struct_conn.conn_type_id'                   
13 4 'Structure model' '_struct_conn.id'                             
14 4 'Structure model' '_struct_conn.pdbx_dist_value'                
15 4 'Structure model' '_struct_conn.pdbx_leaving_atom_flag'         
16 4 'Structure model' '_struct_conn.ptnr1_auth_comp_id'             
17 4 'Structure model' '_struct_conn.ptnr1_auth_seq_id'              
18 4 'Structure model' '_struct_conn.ptnr1_label_asym_id'            
19 4 'Structure model' '_struct_conn.ptnr1_label_atom_id'            
20 4 'Structure model' '_struct_conn.ptnr1_label_comp_id'            
21 4 'Structure model' '_struct_conn.ptnr1_label_seq_id'             
22 4 'Structure model' '_struct_conn.ptnr2_auth_comp_id'             
23 4 'Structure model' '_struct_conn.ptnr2_auth_seq_id'              
24 4 'Structure model' '_struct_conn.ptnr2_label_asym_id'            
25 4 'Structure model' '_struct_conn.ptnr2_label_atom_id'            
26 4 'Structure model' '_struct_conn.ptnr2_label_comp_id'            
27 4 'Structure model' '_struct_conn.ptnr2_label_seq_id'             
28 4 'Structure model' '_struct_conn_type.id'                        
29 4 'Structure model' '_struct_site.pdbx_auth_asym_id'              
30 4 'Structure model' '_struct_site.pdbx_auth_comp_id'              
31 4 'Structure model' '_struct_site.pdbx_auth_seq_id'               
# 
_pdbx_database_status.status_code                     REL 
_pdbx_database_status.entry_id                        1I77 
_pdbx_database_status.recvd_initial_deposition_date   2001-03-08 
_pdbx_database_status.deposit_site                    RCSB 
_pdbx_database_status.process_site                    RCSB 
_pdbx_database_status.SG_entry                        . 
_pdbx_database_status.pdb_format_compatible           Y 
_pdbx_database_status.status_code_mr                  ? 
_pdbx_database_status.status_code_sf                  ? 
_pdbx_database_status.status_code_cs                  ? 
_pdbx_database_status.status_code_nmr_data            ? 
_pdbx_database_status.methods_development_category    ? 
# 
loop_
_audit_author.name 
_audit_author.pdbx_ordinal 
'Einsle, O.'        1 
'Foerster, S.'      2 
'Mann, K.H.'        3 
'Fritz, G.'         4 
'Messerschmidt, A.' 5 
'Kroneck, P.M.H.'   6 
# 
_citation.id                        primary 
_citation.title                     
;Spectroscopic investigation and determination of reactivity and structure of the tetraheme cytochrome c3 from Desulfovibrio desulfuricans Essex 6.
;
_citation.journal_abbrev            Eur.J.Biochem. 
_citation.journal_volume            268 
_citation.page_first                3028 
_citation.page_last                 3035 
_citation.year                      2001 
_citation.journal_id_ASTM           EJBCAI 
_citation.country                   IX 
_citation.journal_id_ISSN           0014-2956 
_citation.journal_id_CSD            0262 
_citation.book_publisher            ? 
_citation.pdbx_database_id_PubMed   11358521 
_citation.pdbx_database_id_DOI      10.1046/j.1432-1327.2001.02195.x 
# 
loop_
_citation_author.citation_id 
_citation_author.name 
_citation_author.ordinal 
_citation_author.identifier_ORCID 
primary 'Einsle, O.'        1 ? 
primary 'Foerster, S.'      2 ? 
primary 'Mann, K.'          3 ? 
primary 'Fritz, G.'         4 ? 
primary 'Messerschmidt, A.' 5 ? 
primary 'Kroneck, P.M.'     6 ? 
# 
loop_
_entity.id 
_entity.type 
_entity.src_method 
_entity.pdbx_description 
_entity.formula_weight 
_entity.pdbx_number_of_molecules 
_entity.pdbx_ec 
_entity.pdbx_mutation 
_entity.pdbx_fragment 
_entity.details 
1 polymer     nat 'CYTOCHROME C3'                   11637.477 1   ? ? ? ? 
2 non-polymer syn 'PROTOPORPHYRIN IX CONTAINING FE' 616.487   4   ? ? ? ? 
3 water       nat water                             18.015    117 ? ? ? ? 
# 
_entity_poly.entity_id                      1 
_entity_poly.type                           'polypeptide(L)' 
_entity_poly.nstd_linkage                   no 
_entity_poly.nstd_monomer                   no 
_entity_poly.pdbx_seq_one_letter_code       
;APAAPDKPLEFKGSQKTVMFPHAVHAKVECVTCHHQVDGKESFAKCGSSGCHDDLAGKQGEKSLYYVVHTKKELKHTNCI
GCHSKVVEGKPELKKDLTACAKSKCHP
;
_entity_poly.pdbx_seq_one_letter_code_can   
;APAAPDKPLEFKGSQKTVMFPHAVHAKVECVTCHHQVDGKESFAKCGSSGCHDDLAGKQGEKSLYYVVHTKKELKHTNCI
GCHSKVVEGKPELKKDLTACAKSKCHP
;
_entity_poly.pdbx_strand_id                 A 
_entity_poly.pdbx_target_identifier         ? 
# 
loop_
_pdbx_entity_nonpoly.entity_id 
_pdbx_entity_nonpoly.name 
_pdbx_entity_nonpoly.comp_id 
2 'PROTOPORPHYRIN IX CONTAINING FE' HEM 
3 water                             HOH 
# 
loop_
_entity_poly_seq.entity_id 
_entity_poly_seq.num 
_entity_poly_seq.mon_id 
_entity_poly_seq.hetero 
1 1   ALA n 
1 2   PRO n 
1 3   ALA n 
1 4   ALA n 
1 5   PRO n 
1 6   ASP n 
1 7   LYS n 
1 8   PRO n 
1 9   LEU n 
1 10  GLU n 
1 11  PHE n 
1 12  LYS n 
1 13  GLY n 
1 14  SER n 
1 15  GLN n 
1 16  LYS n 
1 17  THR n 
1 18  VAL n 
1 19  MET n 
1 20  PHE n 
1 21  PRO n 
1 22  HIS n 
1 23  ALA n 
1 24  VAL n 
1 25  HIS n 
1 26  ALA n 
1 27  LYS n 
1 28  VAL n 
1 29  GLU n 
1 30  CYS n 
1 31  VAL n 
1 32  THR n 
1 33  CYS n 
1 34  HIS n 
1 35  HIS n 
1 36  GLN n 
1 37  VAL n 
1 38  ASP n 
1 39  GLY n 
1 40  LYS n 
1 41  GLU n 
1 42  SER n 
1 43  PHE n 
1 44  ALA n 
1 45  LYS n 
1 46  CYS n 
1 47  GLY n 
1 48  SER n 
1 49  SER n 
1 50  GLY n 
1 51  CYS n 
1 52  HIS n 
1 53  ASP n 
1 54  ASP n 
1 55  LEU n 
1 56  ALA n 
1 57  GLY n 
1 58  LYS n 
1 59  GLN n 
1 60  GLY n 
1 61  GLU n 
1 62  LYS n 
1 63  SER n 
1 64  LEU n 
1 65  TYR n 
1 66  TYR n 
1 67  VAL n 
1 68  VAL n 
1 69  HIS n 
1 70  THR n 
1 71  LYS n 
1 72  LYS n 
1 73  GLU n 
1 74  LEU n 
1 75  LYS n 
1 76  HIS n 
1 77  THR n 
1 78  ASN n 
1 79  CYS n 
1 80  ILE n 
1 81  GLY n 
1 82  CYS n 
1 83  HIS n 
1 84  SER n 
1 85  LYS n 
1 86  VAL n 
1 87  VAL n 
1 88  GLU n 
1 89  GLY n 
1 90  LYS n 
1 91  PRO n 
1 92  GLU n 
1 93  LEU n 
1 94  LYS n 
1 95  LYS n 
1 96  ASP n 
1 97  LEU n 
1 98  THR n 
1 99  ALA n 
1 100 CYS n 
1 101 ALA n 
1 102 LYS n 
1 103 SER n 
1 104 LYS n 
1 105 CYS n 
1 106 HIS n 
1 107 PRO n 
# 
_entity_src_nat.entity_id                  1 
_entity_src_nat.pdbx_src_id                1 
_entity_src_nat.pdbx_alt_source_flag       sample 
_entity_src_nat.pdbx_beg_seq_num           ? 
_entity_src_nat.pdbx_end_seq_num           ? 
_entity_src_nat.common_name                ? 
_entity_src_nat.pdbx_organism_scientific   'Desulfovibrio desulfuricans' 
_entity_src_nat.pdbx_ncbi_taxonomy_id      876 
_entity_src_nat.genus                      Desulfovibrio 
_entity_src_nat.species                    ? 
_entity_src_nat.strain                     'ESSEX 6' 
_entity_src_nat.tissue                     ? 
_entity_src_nat.tissue_fraction            ? 
_entity_src_nat.pdbx_secretion             ? 
_entity_src_nat.pdbx_fragment              ? 
_entity_src_nat.pdbx_variant               ? 
_entity_src_nat.pdbx_cell_line             ? 
_entity_src_nat.pdbx_atcc                  ? 
_entity_src_nat.pdbx_cellular_location     ? 
_entity_src_nat.pdbx_organ                 ? 
_entity_src_nat.pdbx_organelle             ? 
_entity_src_nat.pdbx_cell                  ? 
_entity_src_nat.pdbx_plasmid_name          ? 
_entity_src_nat.pdbx_plasmid_details       ? 
_entity_src_nat.details                    ? 
# 
loop_
_chem_comp.id 
_chem_comp.type 
_chem_comp.mon_nstd_flag 
_chem_comp.name 
_chem_comp.pdbx_synonyms 
_chem_comp.formula 
_chem_comp.formula_weight 
ALA 'L-peptide linking' y ALANINE                           ?    'C3 H7 N O2'       89.093  
ASN 'L-peptide linking' y ASPARAGINE                        ?    'C4 H8 N2 O3'      132.118 
ASP 'L-peptide linking' y 'ASPARTIC ACID'                   ?    'C4 H7 N O4'       133.103 
CYS 'L-peptide linking' y CYSTEINE                          ?    'C3 H7 N O2 S'     121.158 
GLN 'L-peptide linking' y GLUTAMINE                         ?    'C5 H10 N2 O3'     146.144 
GLU 'L-peptide linking' y 'GLUTAMIC ACID'                   ?    'C5 H9 N O4'       147.129 
GLY 'peptide linking'   y GLYCINE                           ?    'C2 H5 N O2'       75.067  
HEM non-polymer         . 'PROTOPORPHYRIN IX CONTAINING FE' HEME 'C34 H32 Fe N4 O4' 616.487 
HIS 'L-peptide linking' y HISTIDINE                         ?    'C6 H10 N3 O2 1'   156.162 
HOH non-polymer         . WATER                             ?    'H2 O'             18.015  
ILE 'L-peptide linking' y ISOLEUCINE                        ?    'C6 H13 N O2'      131.173 
LEU 'L-peptide linking' y LEUCINE                           ?    'C6 H13 N O2'      131.173 
LYS 'L-peptide linking' y LYSINE                            ?    'C6 H15 N2 O2 1'   147.195 
MET 'L-peptide linking' y METHIONINE                        ?    'C5 H11 N O2 S'    149.211 
PHE 'L-peptide linking' y PHENYLALANINE                     ?    'C9 H11 N O2'      165.189 
PRO 'L-peptide linking' y PROLINE                           ?    'C5 H9 N O2'       115.130 
SER 'L-peptide linking' y SERINE                            ?    'C3 H7 N O3'       105.093 
THR 'L-peptide linking' y THREONINE                         ?    'C4 H9 N O3'       119.119 
TYR 'L-peptide linking' y TYROSINE                          ?    'C9 H11 N O3'      181.189 
VAL 'L-peptide linking' y VALINE                            ?    'C5 H11 N O2'      117.146 
# 
loop_
_pdbx_poly_seq_scheme.asym_id 
_pdbx_poly_seq_scheme.entity_id 
_pdbx_poly_seq_scheme.seq_id 
_pdbx_poly_seq_scheme.mon_id 
_pdbx_poly_seq_scheme.ndb_seq_num 
_pdbx_poly_seq_scheme.pdb_seq_num 
_pdbx_poly_seq_scheme.auth_seq_num 
_pdbx_poly_seq_scheme.pdb_mon_id 
_pdbx_poly_seq_scheme.auth_mon_id 
_pdbx_poly_seq_scheme.pdb_strand_id 
_pdbx_poly_seq_scheme.pdb_ins_code 
_pdbx_poly_seq_scheme.hetero 
A 1 1   ALA 1   1   1   ALA ALA A . n 
A 1 2   PRO 2   2   2   PRO PRO A . n 
A 1 3   ALA 3   3   3   ALA ALA A . n 
A 1 4   ALA 4   4   4   ALA ALA A . n 
A 1 5   PRO 5   5   5   PRO PRO A . n 
A 1 6   ASP 6   6   6   ASP ASP A . n 
A 1 7   LYS 7   7   7   LYS LYS A . n 
A 1 8   PRO 8   8   8   PRO PRO A . n 
A 1 9   LEU 9   9   9   LEU LEU A . n 
A 1 10  GLU 10  10  10  GLU GLU A . n 
A 1 11  PHE 11  11  11  PHE PHE A . n 
A 1 12  LYS 12  12  12  LYS LYS A . n 
A 1 13  GLY 13  13  13  GLY GLY A . n 
A 1 14  SER 14  14  14  SER SER A . n 
A 1 15  GLN 15  15  15  GLN GLN A . n 
A 1 16  LYS 16  16  16  LYS LYS A . n 
A 1 17  THR 17  17  17  THR THR A . n 
A 1 18  VAL 18  18  18  VAL VAL A . n 
A 1 19  MET 19  19  19  MET MET A . n 
A 1 20  PHE 20  20  20  PHE PHE A . n 
A 1 21  PRO 21  21  21  PRO PRO A . n 
A 1 22  HIS 22  22  22  HIS HIS A . n 
A 1 23  ALA 23  23  23  ALA ALA A . n 
A 1 24  VAL 24  24  24  VAL VAL A . n 
A 1 25  HIS 25  25  25  HIS HIS A . n 
A 1 26  ALA 26  26  26  ALA ALA A . n 
A 1 27  LYS 27  27  27  LYS LYS A . n 
A 1 28  VAL 28  28  28  VAL VAL A . n 
A 1 29  GLU 29  29  29  GLU GLU A . n 
A 1 30  CYS 30  30  30  CYS CYS A . n 
A 1 31  VAL 31  31  31  VAL VAL A . n 
A 1 32  THR 32  32  32  THR THR A . n 
A 1 33  CYS 33  33  33  CYS CYS A . n 
A 1 34  HIS 34  34  34  HIS HIS A . n 
A 1 35  HIS 35  35  35  HIS HIS A . n 
A 1 36  GLN 36  36  36  GLN GLN A . n 
A 1 37  VAL 37  37  37  VAL VAL A . n 
A 1 38  ASP 38  38  38  ASP ASP A . n 
A 1 39  GLY 39  39  39  GLY GLY A . n 
A 1 40  LYS 40  40  40  LYS LYS A . n 
A 1 41  GLU 41  41  41  GLU GLU A . n 
A 1 42  SER 42  42  42  SER SER A . n 
A 1 43  PHE 43  43  43  PHE PHE A . n 
A 1 44  ALA 44  44  44  ALA ALA A . n 
A 1 45  LYS 45  45  45  LYS LYS A . n 
A 1 46  CYS 46  46  46  CYS CYS A . n 
A 1 47  GLY 47  47  47  GLY GLY A . n 
A 1 48  SER 48  48  48  SER SER A . n 
A 1 49  SER 49  49  49  SER SER A . n 
A 1 50  GLY 50  50  50  GLY GLY A . n 
A 1 51  CYS 51  51  51  CYS CYS A . n 
A 1 52  HIS 52  52  52  HIS HIS A . n 
A 1 53  ASP 53  53  53  ASP ASP A . n 
A 1 54  ASP 54  54  54  ASP ASP A . n 
A 1 55  LEU 55  55  55  LEU LEU A . n 
A 1 56  ALA 56  56  56  ALA ALA A . n 
A 1 57  GLY 57  57  57  GLY GLY A . n 
A 1 58  LYS 58  58  58  LYS LYS A . n 
A 1 59  GLN 59  59  59  GLN GLN A . n 
A 1 60  GLY 60  60  60  GLY GLY A . n 
A 1 61  GLU 61  61  61  GLU GLU A . n 
A 1 62  LYS 62  62  62  LYS LYS A . n 
A 1 63  SER 63  63  63  SER SER A . n 
A 1 64  LEU 64  64  64  LEU LEU A . n 
A 1 65  TYR 65  65  65  TYR TYR A . n 
A 1 66  TYR 66  66  66  TYR TYR A . n 
A 1 67  VAL 67  67  67  VAL VAL A . n 
A 1 68  VAL 68  68  68  VAL VAL A . n 
A 1 69  HIS 69  69  69  HIS HIS A . n 
A 1 70  THR 70  70  70  THR THR A . n 
A 1 71  LYS 71  71  71  LYS LYS A . n 
A 1 72  LYS 72  72  72  LYS LYS A . n 
A 1 73  GLU 73  73  73  GLU GLU A . n 
A 1 74  LEU 74  74  74  LEU LEU A . n 
A 1 75  LYS 75  75  75  LYS LYS A . n 
A 1 76  HIS 76  76  76  HIS HIS A . n 
A 1 77  THR 77  77  77  THR THR A . n 
A 1 78  ASN 78  78  78  ASN ASN A . n 
A 1 79  CYS 79  79  79  CYS CYS A . n 
A 1 80  ILE 80  80  80  ILE ILE A . n 
A 1 81  GLY 81  81  81  GLY GLY A . n 
A 1 82  CYS 82  82  82  CYS CYS A . n 
A 1 83  HIS 83  83  83  HIS HIS A . n 
A 1 84  SER 84  84  84  SER SER A . n 
A 1 85  LYS 85  85  85  LYS LYS A . n 
A 1 86  VAL 86  86  86  VAL VAL A . n 
A 1 87  VAL 87  87  87  VAL VAL A . n 
A 1 88  GLU 88  88  88  GLU GLU A . n 
A 1 89  GLY 89  89  89  GLY GLY A . n 
A 1 90  LYS 90  90  90  LYS LYS A . n 
A 1 91  PRO 91  91  91  PRO PRO A . n 
A 1 92  GLU 92  92  92  GLU GLU A . n 
A 1 93  LEU 93  93  93  LEU LEU A . n 
A 1 94  LYS 94  94  94  LYS LYS A . n 
A 1 95  LYS 95  95  95  LYS LYS A . n 
A 1 96  ASP 96  96  96  ASP ASP A . n 
A 1 97  LEU 97  97  97  LEU LEU A . n 
A 1 98  THR 98  98  98  THR THR A . n 
A 1 99  ALA 99  99  99  ALA ALA A . n 
A 1 100 CYS 100 100 100 CYS CYS A . n 
A 1 101 ALA 101 101 101 ALA ALA A . n 
A 1 102 LYS 102 102 102 LYS LYS A . n 
A 1 103 SER 103 103 103 SER SER A . n 
A 1 104 LYS 104 104 104 LYS LYS A . n 
A 1 105 CYS 105 105 105 CYS CYS A . n 
A 1 106 HIS 106 106 106 HIS HIS A . n 
A 1 107 PRO 107 107 107 PRO PRO A . n 
# 
loop_
_pdbx_nonpoly_scheme.asym_id 
_pdbx_nonpoly_scheme.entity_id 
_pdbx_nonpoly_scheme.mon_id 
_pdbx_nonpoly_scheme.ndb_seq_num 
_pdbx_nonpoly_scheme.pdb_seq_num 
_pdbx_nonpoly_scheme.auth_seq_num 
_pdbx_nonpoly_scheme.pdb_mon_id 
_pdbx_nonpoly_scheme.auth_mon_id 
_pdbx_nonpoly_scheme.pdb_strand_id 
_pdbx_nonpoly_scheme.pdb_ins_code 
B 2 HEM 1   108 108 HEM HEM A . 
C 2 HEM 1   109 109 HEM HEM A . 
D 2 HEM 1   110 110 HEM HEM A . 
E 2 HEM 1   111 111 HEM HEM A . 
F 3 HOH 1   112 1   HOH HOH A . 
F 3 HOH 2   113 2   HOH HOH A . 
F 3 HOH 3   114 3   HOH HOH A . 
F 3 HOH 4   115 4   HOH HOH A . 
F 3 HOH 5   116 5   HOH HOH A . 
F 3 HOH 6   117 6   HOH HOH A . 
F 3 HOH 7   118 7   HOH HOH A . 
F 3 HOH 8   119 8   HOH HOH A . 
F 3 HOH 9   120 9   HOH HOH A . 
F 3 HOH 10  121 10  HOH HOH A . 
F 3 HOH 11  122 11  HOH HOH A . 
F 3 HOH 12  123 12  HOH HOH A . 
F 3 HOH 13  124 13  HOH HOH A . 
F 3 HOH 14  125 14  HOH HOH A . 
F 3 HOH 15  126 15  HOH HOH A . 
F 3 HOH 16  127 16  HOH HOH A . 
F 3 HOH 17  128 17  HOH HOH A . 
F 3 HOH 18  129 18  HOH HOH A . 
F 3 HOH 19  130 19  HOH HOH A . 
F 3 HOH 20  131 20  HOH HOH A . 
F 3 HOH 21  132 21  HOH HOH A . 
F 3 HOH 22  133 22  HOH HOH A . 
F 3 HOH 23  134 23  HOH HOH A . 
F 3 HOH 24  135 24  HOH HOH A . 
F 3 HOH 25  136 25  HOH HOH A . 
F 3 HOH 26  137 26  HOH HOH A . 
F 3 HOH 27  138 27  HOH HOH A . 
F 3 HOH 28  139 28  HOH HOH A . 
F 3 HOH 29  140 29  HOH HOH A . 
F 3 HOH 30  141 30  HOH HOH A . 
F 3 HOH 31  142 31  HOH HOH A . 
F 3 HOH 32  143 32  HOH HOH A . 
F 3 HOH 33  144 33  HOH HOH A . 
F 3 HOH 34  145 34  HOH HOH A . 
F 3 HOH 35  146 35  HOH HOH A . 
F 3 HOH 36  147 36  HOH HOH A . 
F 3 HOH 37  148 37  HOH HOH A . 
F 3 HOH 38  149 38  HOH HOH A . 
F 3 HOH 39  150 39  HOH HOH A . 
F 3 HOH 40  151 40  HOH HOH A . 
F 3 HOH 41  152 41  HOH HOH A . 
F 3 HOH 42  153 42  HOH HOH A . 
F 3 HOH 43  154 43  HOH HOH A . 
F 3 HOH 44  155 44  HOH HOH A . 
F 3 HOH 45  156 45  HOH HOH A . 
F 3 HOH 46  157 46  HOH HOH A . 
F 3 HOH 47  158 47  HOH HOH A . 
F 3 HOH 48  159 48  HOH HOH A . 
F 3 HOH 49  160 49  HOH HOH A . 
F 3 HOH 50  161 50  HOH HOH A . 
F 3 HOH 51  162 51  HOH HOH A . 
F 3 HOH 52  163 52  HOH HOH A . 
F 3 HOH 53  164 53  HOH HOH A . 
F 3 HOH 54  165 54  HOH HOH A . 
F 3 HOH 55  166 55  HOH HOH A . 
F 3 HOH 56  167 56  HOH HOH A . 
F 3 HOH 57  168 57  HOH HOH A . 
F 3 HOH 58  169 58  HOH HOH A . 
F 3 HOH 59  170 59  HOH HOH A . 
F 3 HOH 60  171 60  HOH HOH A . 
F 3 HOH 61  172 61  HOH HOH A . 
F 3 HOH 62  173 62  HOH HOH A . 
F 3 HOH 63  174 63  HOH HOH A . 
F 3 HOH 64  175 64  HOH HOH A . 
F 3 HOH 65  176 65  HOH HOH A . 
F 3 HOH 66  177 66  HOH HOH A . 
F 3 HOH 67  178 67  HOH HOH A . 
F 3 HOH 68  179 68  HOH HOH A . 
F 3 HOH 69  180 69  HOH HOH A . 
F 3 HOH 70  181 70  HOH HOH A . 
F 3 HOH 71  182 71  HOH HOH A . 
F 3 HOH 72  183 72  HOH HOH A . 
F 3 HOH 73  184 73  HOH HOH A . 
F 3 HOH 74  185 74  HOH HOH A . 
F 3 HOH 75  186 75  HOH HOH A . 
F 3 HOH 76  187 76  HOH HOH A . 
F 3 HOH 77  188 77  HOH HOH A . 
F 3 HOH 78  189 78  HOH HOH A . 
F 3 HOH 79  190 79  HOH HOH A . 
F 3 HOH 80  191 80  HOH HOH A . 
F 3 HOH 81  192 81  HOH HOH A . 
F 3 HOH 82  193 82  HOH HOH A . 
F 3 HOH 83  194 83  HOH HOH A . 
F 3 HOH 84  195 84  HOH HOH A . 
F 3 HOH 85  196 85  HOH HOH A . 
F 3 HOH 86  197 86  HOH HOH A . 
F 3 HOH 87  198 87  HOH HOH A . 
F 3 HOH 88  199 88  HOH HOH A . 
F 3 HOH 89  200 89  HOH HOH A . 
F 3 HOH 90  201 90  HOH HOH A . 
F 3 HOH 91  202 91  HOH HOH A . 
F 3 HOH 92  203 92  HOH HOH A . 
F 3 HOH 93  204 93  HOH HOH A . 
F 3 HOH 94  205 94  HOH HOH A . 
F 3 HOH 95  206 95  HOH HOH A . 
F 3 HOH 96  207 96  HOH HOH A . 
F 3 HOH 97  208 97  HOH HOH A . 
F 3 HOH 98  209 98  HOH HOH A . 
F 3 HOH 99  210 99  HOH HOH A . 
F 3 HOH 100 211 100 HOH HOH A . 
F 3 HOH 101 212 101 HOH HOH A . 
F 3 HOH 102 213 102 HOH HOH A . 
F 3 HOH 103 214 103 HOH HOH A . 
F 3 HOH 104 215 104 HOH HOH A . 
F 3 HOH 105 216 105 HOH HOH A . 
F 3 HOH 106 217 106 HOH HOH A . 
F 3 HOH 107 218 107 HOH HOH A . 
F 3 HOH 108 219 108 HOH HOH A . 
F 3 HOH 109 220 109 HOH HOH A . 
F 3 HOH 110 221 110 HOH HOH A . 
F 3 HOH 111 222 111 HOH HOH A . 
F 3 HOH 112 223 112 HOH HOH A . 
F 3 HOH 113 224 113 HOH HOH A . 
F 3 HOH 114 225 114 HOH HOH A . 
F 3 HOH 115 226 115 HOH HOH A . 
F 3 HOH 116 227 116 HOH HOH A . 
F 3 HOH 117 228 117 HOH HOH A . 
# 
loop_
_software.name 
_software.classification 
_software.version 
_software.citation_id 
_software.pdbx_ordinal 
AMoRE     phasing          .   ? 1 
CNS       refinement       1.0 ? 2 
DENZO     'data reduction' .   ? 3 
SCALEPACK 'data scaling'   .   ? 4 
# 
_cell.entry_id           1I77 
_cell.length_a           36.37 
_cell.length_b           49.39 
_cell.length_c           70.99 
_cell.angle_alpha        90 
_cell.angle_beta         90 
_cell.angle_gamma        90 
_cell.Z_PDB              4 
_cell.pdbx_unique_axis   ? 
# 
_symmetry.entry_id                         1I77 
_symmetry.space_group_name_H-M             'P 21 21 21' 
_symmetry.pdbx_full_space_group_name_H-M   ? 
_symmetry.cell_setting                     ? 
_symmetry.Int_Tables_number                19 
# 
_exptl.entry_id          1I77 
_exptl.method            'X-RAY DIFFRACTION' 
_exptl.crystals_number   1 
# 
_exptl_crystal.id                    1 
_exptl_crystal.density_meas          ? 
_exptl_crystal.density_Matthews      2.74 
_exptl_crystal.density_percent_sol   55.08 
_exptl_crystal.description           ? 
# 
_exptl_crystal_grow.crystal_id      1 
_exptl_crystal_grow.method          'VAPOR DIFFUSION, SITTING DROP' 
_exptl_crystal_grow.temp            293 
_exptl_crystal_grow.temp_details    ? 
_exptl_crystal_grow.pH              4.6 
_exptl_crystal_grow.pdbx_details    
'PEG MME 2000, sodium acetate, ammonium sulfate, pH 4.6, VAPOR DIFFUSION, SITTING DROP, temperature 293K' 
_exptl_crystal_grow.pdbx_pH_range   . 
# 
_diffrn.id                     1 
_diffrn.ambient_temp           293 
_diffrn.ambient_temp_details   ? 
_diffrn.crystal_id             1 
# 
_diffrn_detector.diffrn_id              1 
_diffrn_detector.detector               'IMAGE PLATE' 
_diffrn_detector.type                   MARRESEARCH 
_diffrn_detector.pdbx_collection_date   1997-07-03 
_diffrn_detector.details                ? 
# 
_diffrn_radiation.diffrn_id                        1 
_diffrn_radiation.wavelength_id                    1 
_diffrn_radiation.pdbx_monochromatic_or_laue_m_l   M 
_diffrn_radiation.monochromator                    GRAPHITE 
_diffrn_radiation.pdbx_diffrn_protocol             'SINGLE WAVELENGTH' 
_diffrn_radiation.pdbx_scattering_type             x-ray 
# 
_diffrn_radiation_wavelength.id           1 
_diffrn_radiation_wavelength.wavelength   1.5418 
_diffrn_radiation_wavelength.wt           1.0 
# 
_diffrn_source.diffrn_id                   1 
_diffrn_source.source                      'ROTATING ANODE' 
_diffrn_source.type                        RIGAKU 
_diffrn_source.pdbx_synchrotron_site       ? 
_diffrn_source.pdbx_synchrotron_beamline   ? 
_diffrn_source.pdbx_wavelength             ? 
_diffrn_source.pdbx_wavelength_list        1.5418 
# 
_reflns.entry_id                     1I77 
_reflns.observed_criterion_sigma_I   3.0 
_reflns.observed_criterion_sigma_F   3.0 
_reflns.d_resolution_low             18.0 
_reflns.d_resolution_high            1.95 
_reflns.number_obs                   9654 
_reflns.number_all                   9821 
_reflns.percent_possible_obs         98.3 
_reflns.pdbx_Rmerge_I_obs            0.1170000 
_reflns.pdbx_Rsym_value              ? 
_reflns.pdbx_netI_over_sigmaI        9.9 
_reflns.B_iso_Wilson_estimate        25.98 
_reflns.pdbx_redundancy              3.8 
_reflns.R_free_details               ? 
_reflns.limit_h_max                  ? 
_reflns.limit_h_min                  ? 
_reflns.limit_k_max                  ? 
_reflns.limit_k_min                  ? 
_reflns.limit_l_max                  ? 
_reflns.limit_l_min                  ? 
_reflns.observed_criterion_F_max     ? 
_reflns.observed_criterion_F_min     ? 
_reflns.pdbx_diffrn_id               1 
_reflns.pdbx_ordinal                 1 
# 
_reflns_shell.d_res_high             1.95 
_reflns_shell.d_res_low              2.01 
_reflns_shell.percent_possible_all   98.5 
_reflns_shell.Rmerge_I_obs           0.3350000 
_reflns_shell.pdbx_Rsym_value        ? 
_reflns_shell.meanI_over_sigI_obs    3.1 
_reflns_shell.pdbx_redundancy        3.6 
_reflns_shell.percent_possible_obs   ? 
_reflns_shell.number_unique_all      ? 
_reflns_shell.pdbx_diffrn_id         ? 
_reflns_shell.pdbx_ordinal           1 
# 
_refine.entry_id                                 1I77 
_refine.ls_number_reflns_obs                     9265 
_refine.ls_number_reflns_all                     9800 
_refine.pdbx_ls_sigma_I                          ? 
_refine.pdbx_ls_sigma_F                          2.0 
_refine.pdbx_data_cutoff_high_absF               ? 
_refine.pdbx_data_cutoff_low_absF                ? 
_refine.ls_d_res_low                             18.0 
_refine.ls_d_res_high                            1.95 
_refine.ls_percent_reflns_obs                    95.0 
_refine.ls_R_factor_obs                          ? 
_refine.ls_R_factor_all                          ? 
_refine.ls_R_factor_R_work                       0.1730000 
_refine.ls_R_factor_R_free                       0.2280000 
_refine.ls_R_factor_R_free_error                 ? 
_refine.ls_R_factor_R_free_error_details         ? 
_refine.ls_percent_reflns_R_free                 ? 
_refine.ls_number_reflns_R_free                  781 
_refine.ls_number_parameters                     ? 
_refine.ls_number_restraints                     ? 
_refine.occupancy_min                            ? 
_refine.occupancy_max                            ? 
_refine.B_iso_mean                               29.92 
_refine.aniso_B[1][1]                            -3.677 
_refine.aniso_B[2][2]                            1.348 
_refine.aniso_B[3][3]                            2.329 
_refine.aniso_B[1][2]                            0.000 
_refine.aniso_B[1][3]                            0.000 
_refine.aniso_B[2][3]                            0.000 
_refine.solvent_model_details                    ? 
_refine.solvent_model_param_ksol                 ? 
_refine.solvent_model_param_bsol                 ? 
_refine.pdbx_ls_cross_valid_method               ? 
_refine.details                                  ? 
_refine.pdbx_starting_model                      'PDB ENTRY 2CYR' 
_refine.pdbx_method_to_determine_struct          'MOLECULAR REPLACEMENT' 
_refine.pdbx_isotropic_thermal_model             Isotropic 
_refine.pdbx_stereochemistry_target_values       'Engh & Huber' 
_refine.pdbx_stereochem_target_val_spec_case     ? 
_refine.pdbx_R_Free_selection_details            RANDOM 
_refine.pdbx_overall_ESU_R_Free                  ? 
_refine.overall_SU_B                             ? 
_refine.ls_redundancy_reflns_obs                 ? 
_refine.B_iso_min                                ? 
_refine.B_iso_max                                ? 
_refine.correlation_coeff_Fo_to_Fc               ? 
_refine.correlation_coeff_Fo_to_Fc_free          ? 
_refine.overall_SU_R_Cruickshank_DPI             ? 
_refine.overall_SU_R_free                        ? 
_refine.overall_SU_ML                            ? 
_refine.pdbx_overall_ESU_R                       ? 
_refine.pdbx_data_cutoff_high_rms_absF           ? 
_refine.pdbx_refine_id                           'X-RAY DIFFRACTION' 
_refine.pdbx_diffrn_id                           1 
_refine.pdbx_TLS_residual_ADP_flag               ? 
_refine.pdbx_solvent_vdw_probe_radii             ? 
_refine.pdbx_solvent_ion_probe_radii             ? 
_refine.pdbx_solvent_shrinkage_radii             ? 
_refine.pdbx_overall_phase_error                 ? 
_refine.pdbx_overall_SU_R_free_Cruickshank_DPI   ? 
_refine.pdbx_overall_SU_R_Blow_DPI               ? 
_refine.pdbx_overall_SU_R_free_Blow_DPI          ? 
# 
_refine_hist.pdbx_refine_id                   'X-RAY DIFFRACTION' 
_refine_hist.cycle_id                         LAST 
_refine_hist.pdbx_number_atoms_protein        810 
_refine_hist.pdbx_number_atoms_nucleic_acid   0 
_refine_hist.pdbx_number_atoms_ligand         172 
_refine_hist.number_atoms_solvent             117 
_refine_hist.number_atoms_total               1099 
_refine_hist.d_res_high                       1.95 
_refine_hist.d_res_low                        18.0 
# 
loop_
_refine_ls_restr.type 
_refine_ls_restr.dev_ideal 
_refine_ls_restr.dev_ideal_target 
_refine_ls_restr.weight 
_refine_ls_restr.number 
_refine_ls_restr.pdbx_refine_id 
_refine_ls_restr.pdbx_restraint_function 
c_bond_d    0.011 ? ? ? 'X-RAY DIFFRACTION' ? 
c_angle_deg 1.471 ? ? ? 'X-RAY DIFFRACTION' ? 
# 
_struct.entry_id                  1I77 
_struct.title                     'CYTOCHROME C3 FROM DESULFOVIBRIO DESULFURICANS ESSEX 6' 
_struct.pdbx_model_details        ? 
_struct.pdbx_CASP_flag            ? 
_struct.pdbx_model_type_details   ? 
# 
_struct_keywords.entry_id        1I77 
_struct_keywords.pdbx_keywords   'ELECTRON TRANSPORT' 
_struct_keywords.text            'multi-heme cytochrome c, ELECTRON TRANSPORT' 
# 
loop_
_struct_asym.id 
_struct_asym.pdbx_blank_PDB_chainid_flag 
_struct_asym.pdbx_modified 
_struct_asym.entity_id 
_struct_asym.details 
A N N 1 ? 
B N N 2 ? 
C N N 2 ? 
D N N 2 ? 
E N N 2 ? 
F N N 3 ? 
# 
_struct_ref.id                         1 
_struct_ref.db_name                    UNP 
_struct_ref.db_code                    Q9L915_DESDE 
_struct_ref.pdbx_db_accession          Q9L915 
_struct_ref.entity_id                  1 
_struct_ref.pdbx_align_begin           22 
_struct_ref.pdbx_db_isoform            ? 
_struct_ref.pdbx_seq_one_letter_code   ? 
# 
_struct_ref_seq.align_id                      1 
_struct_ref_seq.ref_id                        1 
_struct_ref_seq.pdbx_PDB_id_code              1I77 
_struct_ref_seq.pdbx_strand_id                A 
_struct_ref_seq.seq_align_beg                 1 
_struct_ref_seq.pdbx_seq_align_beg_ins_code   ? 
_struct_ref_seq.seq_align_end                 107 
_struct_ref_seq.pdbx_seq_align_end_ins_code   ? 
_struct_ref_seq.pdbx_db_accession             Q9L915 
_struct_ref_seq.db_align_beg                  22 
_struct_ref_seq.pdbx_db_align_beg_ins_code    ? 
_struct_ref_seq.db_align_end                  128 
_struct_ref_seq.pdbx_db_align_end_ins_code    ? 
_struct_ref_seq.pdbx_auth_seq_align_beg       1 
_struct_ref_seq.pdbx_auth_seq_align_end       107 
# 
_pdbx_struct_assembly.id                   1 
_pdbx_struct_assembly.details              author_defined_assembly 
_pdbx_struct_assembly.method_details       ? 
_pdbx_struct_assembly.oligomeric_details   monomeric 
_pdbx_struct_assembly.oligomeric_count     1 
# 
_pdbx_struct_assembly_gen.assembly_id       1 
_pdbx_struct_assembly_gen.oper_expression   1 
_pdbx_struct_assembly_gen.asym_id_list      A,B,C,D,E,F 
# 
_pdbx_struct_oper_list.id                   1 
_pdbx_struct_oper_list.type                 'identity operation' 
_pdbx_struct_oper_list.name                 1_555 
_pdbx_struct_oper_list.symmetry_operation   x,y,z 
_pdbx_struct_oper_list.matrix[1][1]         1.0000000000 
_pdbx_struct_oper_list.matrix[1][2]         0.0000000000 
_pdbx_struct_oper_list.matrix[1][3]         0.0000000000 
_pdbx_struct_oper_list.vector[1]            0.0000000000 
_pdbx_struct_oper_list.matrix[2][1]         0.0000000000 
_pdbx_struct_oper_list.matrix[2][2]         1.0000000000 
_pdbx_struct_oper_list.matrix[2][3]         0.0000000000 
_pdbx_struct_oper_list.vector[2]            0.0000000000 
_pdbx_struct_oper_list.matrix[3][1]         0.0000000000 
_pdbx_struct_oper_list.matrix[3][2]         0.0000000000 
_pdbx_struct_oper_list.matrix[3][3]         1.0000000000 
_pdbx_struct_oper_list.vector[3]            0.0000000000 
# 
loop_
_struct_conf.conf_type_id 
_struct_conf.id 
_struct_conf.pdbx_PDB_helix_id 
_struct_conf.beg_label_comp_id 
_struct_conf.beg_label_asym_id 
_struct_conf.beg_label_seq_id 
_struct_conf.pdbx_beg_PDB_ins_code 
_struct_conf.end_label_comp_id 
_struct_conf.end_label_asym_id 
_struct_conf.end_label_seq_id 
_struct_conf.pdbx_end_PDB_ins_code 
_struct_conf.beg_auth_comp_id 
_struct_conf.beg_auth_asym_id 
_struct_conf.beg_auth_seq_id 
_struct_conf.end_auth_comp_id 
_struct_conf.end_auth_asym_id 
_struct_conf.end_auth_seq_id 
_struct_conf.pdbx_PDB_helix_class 
_struct_conf.details 
_struct_conf.pdbx_PDB_helix_length 
HELX_P HELX_P1 1 HIS A 22 ? ALA A 26 ? HIS A 22 ALA A 26 5 ? 5  
HELX_P HELX_P2 2 GLU A 29 ? HIS A 34 ? GLU A 29 HIS A 34 1 ? 6  
HELX_P HELX_P3 3 SER A 63 ? THR A 70 ? SER A 63 THR A 70 1 ? 8  
HELX_P HELX_P4 4 ASN A 78 ? LYS A 90 ? ASN A 78 LYS A 90 1 ? 13 
HELX_P HELX_P5 5 LEU A 93 ? ALA A 99 ? LEU A 93 ALA A 99 1 ? 7  
# 
_struct_conf_type.id          HELX_P 
_struct_conf_type.criteria    ? 
_struct_conf_type.reference   ? 
# 
loop_
_struct_conn.id 
_struct_conn.conn_type_id 
_struct_conn.pdbx_leaving_atom_flag 
_struct_conn.pdbx_PDB_id 
_struct_conn.ptnr1_label_asym_id 
_struct_conn.ptnr1_label_comp_id 
_struct_conn.ptnr1_label_seq_id 
_struct_conn.ptnr1_label_atom_id 
_struct_conn.pdbx_ptnr1_label_alt_id 
_struct_conn.pdbx_ptnr1_PDB_ins_code 
_struct_conn.pdbx_ptnr1_standard_comp_id 
_struct_conn.ptnr1_symmetry 
_struct_conn.ptnr2_label_asym_id 
_struct_conn.ptnr2_label_comp_id 
_struct_conn.ptnr2_label_seq_id 
_struct_conn.ptnr2_label_atom_id 
_struct_conn.pdbx_ptnr2_label_alt_id 
_struct_conn.pdbx_ptnr2_PDB_ins_code 
_struct_conn.ptnr1_auth_asym_id 
_struct_conn.ptnr1_auth_comp_id 
_struct_conn.ptnr1_auth_seq_id 
_struct_conn.ptnr2_auth_asym_id 
_struct_conn.ptnr2_auth_comp_id 
_struct_conn.ptnr2_auth_seq_id 
_struct_conn.ptnr2_symmetry 
_struct_conn.pdbx_ptnr3_label_atom_id 
_struct_conn.pdbx_ptnr3_label_seq_id 
_struct_conn.pdbx_ptnr3_label_comp_id 
_struct_conn.pdbx_ptnr3_label_asym_id 
_struct_conn.pdbx_ptnr3_label_alt_id 
_struct_conn.pdbx_ptnr3_PDB_ins_code 
_struct_conn.details 
_struct_conn.pdbx_dist_value 
_struct_conn.pdbx_value_order 
_struct_conn.pdbx_role 
covale1 covale none ? A CYS 30  SG  ? ? ? 1_555 B HEM . CAB ? ? A CYS 30  A HEM 108 1_555 ? ? ? ? ? ? ? 1.817 ? ? 
covale2 covale none ? A CYS 33  SG  ? ? ? 1_555 B HEM . CAC ? ? A CYS 33  A HEM 108 1_555 ? ? ? ? ? ? ? 1.863 ? ? 
covale3 covale none ? A CYS 46  SG  ? ? ? 1_555 C HEM . CAB ? ? A CYS 46  A HEM 109 1_555 ? ? ? ? ? ? ? 1.831 ? ? 
covale4 covale none ? A CYS 51  SG  ? ? ? 1_555 C HEM . CAC ? ? A CYS 51  A HEM 109 1_555 ? ? ? ? ? ? ? 1.847 ? ? 
covale5 covale none ? A CYS 79  SG  ? ? ? 1_555 D HEM . CAB ? ? A CYS 79  A HEM 110 1_555 ? ? ? ? ? ? ? 1.830 ? ? 
covale6 covale none ? A CYS 82  SG  ? ? ? 1_555 D HEM . CAC ? ? A CYS 82  A HEM 110 1_555 ? ? ? ? ? ? ? 1.830 ? ? 
covale7 covale none ? A CYS 100 SG  ? ? ? 1_555 E HEM . CAB ? ? A CYS 100 A HEM 111 1_555 ? ? ? ? ? ? ? 1.858 ? ? 
covale8 covale none ? A CYS 105 SG  ? ? ? 1_555 E HEM . CAC ? ? A CYS 105 A HEM 111 1_555 ? ? ? ? ? ? ? 1.857 ? ? 
metalc1 metalc ?    ? A HIS 22  NE2 ? ? ? 1_555 B HEM . FE  ? ? A HIS 22  A HEM 108 1_555 ? ? ? ? ? ? ? 2.044 ? ? 
metalc2 metalc ?    ? A HIS 25  NE2 ? ? ? 1_555 D HEM . FE  ? ? A HIS 25  A HEM 110 1_555 ? ? ? ? ? ? ? 1.981 ? ? 
metalc3 metalc ?    ? A HIS 34  NE2 ? ? ? 1_555 B HEM . FE  ? ? A HIS 34  A HEM 108 1_555 ? ? ? ? ? ? ? 1.898 ? ? 
metalc4 metalc ?    ? A HIS 35  NE2 ? ? ? 1_555 C HEM . FE  ? ? A HIS 35  A HEM 109 1_555 ? ? ? ? ? ? ? 1.943 ? ? 
metalc5 metalc ?    ? A HIS 52  NE2 ? ? ? 1_555 C HEM . FE  ? ? A HIS 52  A HEM 109 1_555 ? ? ? ? ? ? ? 1.973 ? ? 
metalc6 metalc ?    ? A HIS 69  NE2 ? ? ? 1_555 E HEM . FE  ? ? A HIS 69  A HEM 111 1_555 ? ? ? ? ? ? ? 1.970 ? ? 
metalc7 metalc ?    ? A HIS 83  NE2 ? ? ? 1_555 D HEM . FE  ? ? A HIS 83  A HEM 110 1_555 ? ? ? ? ? ? ? 2.039 ? ? 
metalc8 metalc ?    ? A HIS 106 NE2 ? ? ? 1_555 E HEM . FE  ? ? A HIS 106 A HEM 111 1_555 ? ? ? ? ? ? ? 2.040 ? ? 
# 
loop_
_struct_conn_type.id 
_struct_conn_type.criteria 
_struct_conn_type.reference 
covale ? ? 
metalc ? ? 
# 
loop_
_pdbx_struct_conn_angle.id 
_pdbx_struct_conn_angle.ptnr1_label_atom_id 
_pdbx_struct_conn_angle.ptnr1_label_alt_id 
_pdbx_struct_conn_angle.ptnr1_label_asym_id 
_pdbx_struct_conn_angle.ptnr1_label_comp_id 
_pdbx_struct_conn_angle.ptnr1_label_seq_id 
_pdbx_struct_conn_angle.ptnr1_auth_atom_id 
_pdbx_struct_conn_angle.ptnr1_auth_asym_id 
_pdbx_struct_conn_angle.ptnr1_auth_comp_id 
_pdbx_struct_conn_angle.ptnr1_auth_seq_id 
_pdbx_struct_conn_angle.ptnr1_PDB_ins_code 
_pdbx_struct_conn_angle.ptnr1_symmetry 
_pdbx_struct_conn_angle.ptnr2_label_atom_id 
_pdbx_struct_conn_angle.ptnr2_label_alt_id 
_pdbx_struct_conn_angle.ptnr2_label_asym_id 
_pdbx_struct_conn_angle.ptnr2_label_comp_id 
_pdbx_struct_conn_angle.ptnr2_label_seq_id 
_pdbx_struct_conn_angle.ptnr2_auth_atom_id 
_pdbx_struct_conn_angle.ptnr2_auth_asym_id 
_pdbx_struct_conn_angle.ptnr2_auth_comp_id 
_pdbx_struct_conn_angle.ptnr2_auth_seq_id 
_pdbx_struct_conn_angle.ptnr2_PDB_ins_code 
_pdbx_struct_conn_angle.ptnr2_symmetry 
_pdbx_struct_conn_angle.ptnr3_label_atom_id 
_pdbx_struct_conn_angle.ptnr3_label_alt_id 
_pdbx_struct_conn_angle.ptnr3_label_asym_id 
_pdbx_struct_conn_angle.ptnr3_label_comp_id 
_pdbx_struct_conn_angle.ptnr3_label_seq_id 
_pdbx_struct_conn_angle.ptnr3_auth_atom_id 
_pdbx_struct_conn_angle.ptnr3_auth_asym_id 
_pdbx_struct_conn_angle.ptnr3_auth_comp_id 
_pdbx_struct_conn_angle.ptnr3_auth_seq_id 
_pdbx_struct_conn_angle.ptnr3_PDB_ins_code 
_pdbx_struct_conn_angle.ptnr3_symmetry 
_pdbx_struct_conn_angle.value 
_pdbx_struct_conn_angle.value_esd 
1  NE2 ? A HIS 22 ? A HIS 22  ? 1_555 FE ? B HEM . ? A HEM 108 ? 1_555 NA  ? B HEM .   ? A HEM 108 ? 1_555 88.4  ? 
2  NE2 ? A HIS 22 ? A HIS 22  ? 1_555 FE ? B HEM . ? A HEM 108 ? 1_555 NB  ? B HEM .   ? A HEM 108 ? 1_555 88.4  ? 
3  NA  ? B HEM .  ? A HEM 108 ? 1_555 FE ? B HEM . ? A HEM 108 ? 1_555 NB  ? B HEM .   ? A HEM 108 ? 1_555 92.0  ? 
4  NE2 ? A HIS 22 ? A HIS 22  ? 1_555 FE ? B HEM . ? A HEM 108 ? 1_555 NC  ? B HEM .   ? A HEM 108 ? 1_555 92.3  ? 
5  NA  ? B HEM .  ? A HEM 108 ? 1_555 FE ? B HEM . ? A HEM 108 ? 1_555 NC  ? B HEM .   ? A HEM 108 ? 1_555 178.8 ? 
6  NB  ? B HEM .  ? A HEM 108 ? 1_555 FE ? B HEM . ? A HEM 108 ? 1_555 NC  ? B HEM .   ? A HEM 108 ? 1_555 86.9  ? 
7  NE2 ? A HIS 22 ? A HIS 22  ? 1_555 FE ? B HEM . ? A HEM 108 ? 1_555 ND  ? B HEM .   ? A HEM 108 ? 1_555 92.8  ? 
8  NA  ? B HEM .  ? A HEM 108 ? 1_555 FE ? B HEM . ? A HEM 108 ? 1_555 ND  ? B HEM .   ? A HEM 108 ? 1_555 89.8  ? 
9  NB  ? B HEM .  ? A HEM 108 ? 1_555 FE ? B HEM . ? A HEM 108 ? 1_555 ND  ? B HEM .   ? A HEM 108 ? 1_555 177.8 ? 
10 NC  ? B HEM .  ? A HEM 108 ? 1_555 FE ? B HEM . ? A HEM 108 ? 1_555 ND  ? B HEM .   ? A HEM 108 ? 1_555 91.2  ? 
11 NE2 ? A HIS 22 ? A HIS 22  ? 1_555 FE ? B HEM . ? A HEM 108 ? 1_555 NE2 ? A HIS 34  ? A HIS 34  ? 1_555 176.4 ? 
12 NA  ? B HEM .  ? A HEM 108 ? 1_555 FE ? B HEM . ? A HEM 108 ? 1_555 NE2 ? A HIS 34  ? A HIS 34  ? 1_555 88.3  ? 
13 NB  ? B HEM .  ? A HEM 108 ? 1_555 FE ? B HEM . ? A HEM 108 ? 1_555 NE2 ? A HIS 34  ? A HIS 34  ? 1_555 90.3  ? 
14 NC  ? B HEM .  ? A HEM 108 ? 1_555 FE ? B HEM . ? A HEM 108 ? 1_555 NE2 ? A HIS 34  ? A HIS 34  ? 1_555 90.9  ? 
15 ND  ? B HEM .  ? A HEM 108 ? 1_555 FE ? B HEM . ? A HEM 108 ? 1_555 NE2 ? A HIS 34  ? A HIS 34  ? 1_555 88.6  ? 
16 NE2 ? A HIS 25 ? A HIS 25  ? 1_555 FE ? D HEM . ? A HEM 110 ? 1_555 NA  ? D HEM .   ? A HEM 110 ? 1_555 91.3  ? 
17 NE2 ? A HIS 25 ? A HIS 25  ? 1_555 FE ? D HEM . ? A HEM 110 ? 1_555 NB  ? D HEM .   ? A HEM 110 ? 1_555 92.0  ? 
18 NA  ? D HEM .  ? A HEM 110 ? 1_555 FE ? D HEM . ? A HEM 110 ? 1_555 NB  ? D HEM .   ? A HEM 110 ? 1_555 89.8  ? 
19 NE2 ? A HIS 25 ? A HIS 25  ? 1_555 FE ? D HEM . ? A HEM 110 ? 1_555 NC  ? D HEM .   ? A HEM 110 ? 1_555 89.4  ? 
20 NA  ? D HEM .  ? A HEM 110 ? 1_555 FE ? D HEM . ? A HEM 110 ? 1_555 NC  ? D HEM .   ? A HEM 110 ? 1_555 177.8 ? 
21 NB  ? D HEM .  ? A HEM 110 ? 1_555 FE ? D HEM . ? A HEM 110 ? 1_555 NC  ? D HEM .   ? A HEM 110 ? 1_555 88.0  ? 
22 NE2 ? A HIS 25 ? A HIS 25  ? 1_555 FE ? D HEM . ? A HEM 110 ? 1_555 ND  ? D HEM .   ? A HEM 110 ? 1_555 87.4  ? 
23 NA  ? D HEM .  ? A HEM 110 ? 1_555 FE ? D HEM . ? A HEM 110 ? 1_555 ND  ? D HEM .   ? A HEM 110 ? 1_555 92.5  ? 
24 NB  ? D HEM .  ? A HEM 110 ? 1_555 FE ? D HEM . ? A HEM 110 ? 1_555 ND  ? D HEM .   ? A HEM 110 ? 1_555 177.6 ? 
25 NC  ? D HEM .  ? A HEM 110 ? 1_555 FE ? D HEM . ? A HEM 110 ? 1_555 ND  ? D HEM .   ? A HEM 110 ? 1_555 89.7  ? 
26 NE2 ? A HIS 25 ? A HIS 25  ? 1_555 FE ? D HEM . ? A HEM 110 ? 1_555 NE2 ? A HIS 83  ? A HIS 83  ? 1_555 177.7 ? 
27 NA  ? D HEM .  ? A HEM 110 ? 1_555 FE ? D HEM . ? A HEM 110 ? 1_555 NE2 ? A HIS 83  ? A HIS 83  ? 1_555 89.4  ? 
28 NB  ? D HEM .  ? A HEM 110 ? 1_555 FE ? D HEM . ? A HEM 110 ? 1_555 NE2 ? A HIS 83  ? A HIS 83  ? 1_555 90.2  ? 
29 NC  ? D HEM .  ? A HEM 110 ? 1_555 FE ? D HEM . ? A HEM 110 ? 1_555 NE2 ? A HIS 83  ? A HIS 83  ? 1_555 90.1  ? 
30 ND  ? D HEM .  ? A HEM 110 ? 1_555 FE ? D HEM . ? A HEM 110 ? 1_555 NE2 ? A HIS 83  ? A HIS 83  ? 1_555 90.4  ? 
31 NE2 ? A HIS 35 ? A HIS 35  ? 1_555 FE ? C HEM . ? A HEM 109 ? 1_555 NA  ? C HEM .   ? A HEM 109 ? 1_555 86.8  ? 
32 NE2 ? A HIS 35 ? A HIS 35  ? 1_555 FE ? C HEM . ? A HEM 109 ? 1_555 NB  ? C HEM .   ? A HEM 109 ? 1_555 89.7  ? 
33 NA  ? C HEM .  ? A HEM 109 ? 1_555 FE ? C HEM . ? A HEM 109 ? 1_555 NB  ? C HEM .   ? A HEM 109 ? 1_555 90.0  ? 
34 NE2 ? A HIS 35 ? A HIS 35  ? 1_555 FE ? C HEM . ? A HEM 109 ? 1_555 NC  ? C HEM .   ? A HEM 109 ? 1_555 94.1  ? 
35 NA  ? C HEM .  ? A HEM 109 ? 1_555 FE ? C HEM . ? A HEM 109 ? 1_555 NC  ? C HEM .   ? A HEM 109 ? 1_555 179.1 ? 
36 NB  ? C HEM .  ? A HEM 109 ? 1_555 FE ? C HEM . ? A HEM 109 ? 1_555 NC  ? C HEM .   ? A HEM 109 ? 1_555 89.9  ? 
37 NE2 ? A HIS 35 ? A HIS 35  ? 1_555 FE ? C HEM . ? A HEM 109 ? 1_555 ND  ? C HEM .   ? A HEM 109 ? 1_555 91.6  ? 
38 NA  ? C HEM .  ? A HEM 109 ? 1_555 FE ? C HEM . ? A HEM 109 ? 1_555 ND  ? C HEM .   ? A HEM 109 ? 1_555 90.7  ? 
39 NB  ? C HEM .  ? A HEM 109 ? 1_555 FE ? C HEM . ? A HEM 109 ? 1_555 ND  ? C HEM .   ? A HEM 109 ? 1_555 178.6 ? 
40 NC  ? C HEM .  ? A HEM 109 ? 1_555 FE ? C HEM . ? A HEM 109 ? 1_555 ND  ? C HEM .   ? A HEM 109 ? 1_555 89.4  ? 
41 NE2 ? A HIS 35 ? A HIS 35  ? 1_555 FE ? C HEM . ? A HEM 109 ? 1_555 NE2 ? A HIS 52  ? A HIS 52  ? 1_555 178.1 ? 
42 NA  ? C HEM .  ? A HEM 109 ? 1_555 FE ? C HEM . ? A HEM 109 ? 1_555 NE2 ? A HIS 52  ? A HIS 52  ? 1_555 91.5  ? 
43 NB  ? C HEM .  ? A HEM 109 ? 1_555 FE ? C HEM . ? A HEM 109 ? 1_555 NE2 ? A HIS 52  ? A HIS 52  ? 1_555 91.2  ? 
44 NC  ? C HEM .  ? A HEM 109 ? 1_555 FE ? C HEM . ? A HEM 109 ? 1_555 NE2 ? A HIS 52  ? A HIS 52  ? 1_555 87.6  ? 
45 ND  ? C HEM .  ? A HEM 109 ? 1_555 FE ? C HEM . ? A HEM 109 ? 1_555 NE2 ? A HIS 52  ? A HIS 52  ? 1_555 87.6  ? 
46 NE2 ? A HIS 69 ? A HIS 69  ? 1_555 FE ? E HEM . ? A HEM 111 ? 1_555 NA  ? E HEM .   ? A HEM 111 ? 1_555 88.5  ? 
47 NE2 ? A HIS 69 ? A HIS 69  ? 1_555 FE ? E HEM . ? A HEM 111 ? 1_555 NB  ? E HEM .   ? A HEM 111 ? 1_555 89.5  ? 
48 NA  ? E HEM .  ? A HEM 111 ? 1_555 FE ? E HEM . ? A HEM 111 ? 1_555 NB  ? E HEM .   ? A HEM 111 ? 1_555 91.2  ? 
49 NE2 ? A HIS 69 ? A HIS 69  ? 1_555 FE ? E HEM . ? A HEM 111 ? 1_555 NC  ? E HEM .   ? A HEM 111 ? 1_555 93.3  ? 
50 NA  ? E HEM .  ? A HEM 111 ? 1_555 FE ? E HEM . ? A HEM 111 ? 1_555 NC  ? E HEM .   ? A HEM 111 ? 1_555 177.7 ? 
51 NB  ? E HEM .  ? A HEM 111 ? 1_555 FE ? E HEM . ? A HEM 111 ? 1_555 NC  ? E HEM .   ? A HEM 111 ? 1_555 90.1  ? 
52 NE2 ? A HIS 69 ? A HIS 69  ? 1_555 FE ? E HEM . ? A HEM 111 ? 1_555 ND  ? E HEM .   ? A HEM 111 ? 1_555 87.5  ? 
53 NA  ? E HEM .  ? A HEM 111 ? 1_555 FE ? E HEM . ? A HEM 111 ? 1_555 ND  ? E HEM .   ? A HEM 111 ? 1_555 88.6  ? 
54 NB  ? E HEM .  ? A HEM 111 ? 1_555 FE ? E HEM . ? A HEM 111 ? 1_555 ND  ? E HEM .   ? A HEM 111 ? 1_555 177.0 ? 
55 NC  ? E HEM .  ? A HEM 111 ? 1_555 FE ? E HEM . ? A HEM 111 ? 1_555 ND  ? E HEM .   ? A HEM 111 ? 1_555 90.2  ? 
56 NE2 ? A HIS 69 ? A HIS 69  ? 1_555 FE ? E HEM . ? A HEM 111 ? 1_555 NE2 ? A HIS 106 ? A HIS 106 ? 1_555 179.3 ? 
57 NA  ? E HEM .  ? A HEM 111 ? 1_555 FE ? E HEM . ? A HEM 111 ? 1_555 NE2 ? A HIS 106 ? A HIS 106 ? 1_555 91.2  ? 
58 NB  ? E HEM .  ? A HEM 111 ? 1_555 FE ? E HEM . ? A HEM 111 ? 1_555 NE2 ? A HIS 106 ? A HIS 106 ? 1_555 91.1  ? 
59 NC  ? E HEM .  ? A HEM 111 ? 1_555 FE ? E HEM . ? A HEM 111 ? 1_555 NE2 ? A HIS 106 ? A HIS 106 ? 1_555 86.9  ? 
60 ND  ? E HEM .  ? A HEM 111 ? 1_555 FE ? E HEM . ? A HEM 111 ? 1_555 NE2 ? A HIS 106 ? A HIS 106 ? 1_555 91.9  ? 
# 
loop_
_pdbx_modification_feature.ordinal 
_pdbx_modification_feature.label_comp_id 
_pdbx_modification_feature.label_asym_id 
_pdbx_modification_feature.label_seq_id 
_pdbx_modification_feature.label_alt_id 
_pdbx_modification_feature.modified_residue_label_comp_id 
_pdbx_modification_feature.modified_residue_label_asym_id 
_pdbx_modification_feature.modified_residue_label_seq_id 
_pdbx_modification_feature.modified_residue_label_alt_id 
_pdbx_modification_feature.auth_comp_id 
_pdbx_modification_feature.auth_asym_id 
_pdbx_modification_feature.auth_seq_id 
_pdbx_modification_feature.PDB_ins_code 
_pdbx_modification_feature.symmetry 
_pdbx_modification_feature.modified_residue_auth_comp_id 
_pdbx_modification_feature.modified_residue_auth_asym_id 
_pdbx_modification_feature.modified_residue_auth_seq_id 
_pdbx_modification_feature.modified_residue_PDB_ins_code 
_pdbx_modification_feature.modified_residue_symmetry 
_pdbx_modification_feature.comp_id_linking_atom 
_pdbx_modification_feature.modified_residue_id_linking_atom 
_pdbx_modification_feature.modified_residue_id 
_pdbx_modification_feature.ref_pcm_id 
_pdbx_modification_feature.ref_comp_id 
_pdbx_modification_feature.type 
_pdbx_modification_feature.category 
1 HEM B . ? CYS A 30  ? HEM A 108 ? 1_555 CYS A 30  ? 1_555 CAB SG CYS 2 HEM None Heme/heme-like 
2 HEM B . ? CYS A 33  ? HEM A 108 ? 1_555 CYS A 33  ? 1_555 CAC SG CYS 3 HEM None Heme/heme-like 
3 HEM C . ? CYS A 46  ? HEM A 109 ? 1_555 CYS A 46  ? 1_555 CAB SG CYS 2 HEM None Heme/heme-like 
4 HEM C . ? CYS A 51  ? HEM A 109 ? 1_555 CYS A 51  ? 1_555 CAC SG CYS 3 HEM None Heme/heme-like 
5 HEM D . ? CYS A 79  ? HEM A 110 ? 1_555 CYS A 79  ? 1_555 CAB SG CYS 2 HEM None Heme/heme-like 
6 HEM D . ? CYS A 82  ? HEM A 110 ? 1_555 CYS A 82  ? 1_555 CAC SG CYS 3 HEM None Heme/heme-like 
7 HEM E . ? CYS A 100 ? HEM A 111 ? 1_555 CYS A 100 ? 1_555 CAB SG CYS 2 HEM None Heme/heme-like 
8 HEM E . ? CYS A 105 ? HEM A 111 ? 1_555 CYS A 105 ? 1_555 CAC SG CYS 3 HEM None Heme/heme-like 
# 
_struct_sheet.id               A 
_struct_sheet.type             ? 
_struct_sheet.number_strands   2 
_struct_sheet.details          ? 
# 
_struct_sheet_order.sheet_id     A 
_struct_sheet_order.range_id_1   1 
_struct_sheet_order.range_id_2   2 
_struct_sheet_order.offset       ? 
_struct_sheet_order.sense        anti-parallel 
# 
loop_
_struct_sheet_range.sheet_id 
_struct_sheet_range.id 
_struct_sheet_range.beg_label_comp_id 
_struct_sheet_range.beg_label_asym_id 
_struct_sheet_range.beg_label_seq_id 
_struct_sheet_range.pdbx_beg_PDB_ins_code 
_struct_sheet_range.end_label_comp_id 
_struct_sheet_range.end_label_asym_id 
_struct_sheet_range.end_label_seq_id 
_struct_sheet_range.pdbx_end_PDB_ins_code 
_struct_sheet_range.beg_auth_comp_id 
_struct_sheet_range.beg_auth_asym_id 
_struct_sheet_range.beg_auth_seq_id 
_struct_sheet_range.end_auth_comp_id 
_struct_sheet_range.end_auth_asym_id 
_struct_sheet_range.end_auth_seq_id 
A 1 LEU A 9  ? LYS A 12 ? LEU A 9  LYS A 12 
A 2 THR A 17 ? PHE A 20 ? THR A 17 PHE A 20 
# 
_pdbx_struct_sheet_hbond.sheet_id                A 
_pdbx_struct_sheet_hbond.range_id_1              1 
_pdbx_struct_sheet_hbond.range_id_2              2 
_pdbx_struct_sheet_hbond.range_1_label_atom_id   N 
_pdbx_struct_sheet_hbond.range_1_label_comp_id   PHE 
_pdbx_struct_sheet_hbond.range_1_label_asym_id   A 
_pdbx_struct_sheet_hbond.range_1_label_seq_id    11 
_pdbx_struct_sheet_hbond.range_1_PDB_ins_code    ? 
_pdbx_struct_sheet_hbond.range_1_auth_atom_id    N 
_pdbx_struct_sheet_hbond.range_1_auth_comp_id    PHE 
_pdbx_struct_sheet_hbond.range_1_auth_asym_id    A 
_pdbx_struct_sheet_hbond.range_1_auth_seq_id     11 
_pdbx_struct_sheet_hbond.range_2_label_atom_id   O 
_pdbx_struct_sheet_hbond.range_2_label_comp_id   VAL 
_pdbx_struct_sheet_hbond.range_2_label_asym_id   A 
_pdbx_struct_sheet_hbond.range_2_label_seq_id    18 
_pdbx_struct_sheet_hbond.range_2_PDB_ins_code    ? 
_pdbx_struct_sheet_hbond.range_2_auth_atom_id    O 
_pdbx_struct_sheet_hbond.range_2_auth_comp_id    VAL 
_pdbx_struct_sheet_hbond.range_2_auth_asym_id    A 
_pdbx_struct_sheet_hbond.range_2_auth_seq_id     18 
# 
loop_
_struct_site.id 
_struct_site.pdbx_evidence_code 
_struct_site.pdbx_auth_asym_id 
_struct_site.pdbx_auth_comp_id 
_struct_site.pdbx_auth_seq_id 
_struct_site.pdbx_auth_ins_code 
_struct_site.pdbx_num_residues 
_struct_site.details 
AC1 Software A HEM 108 ? 17 'BINDING SITE FOR RESIDUE HEM A 108' 
AC2 Software A HEM 109 ? 12 'BINDING SITE FOR RESIDUE HEM A 109' 
AC3 Software A HEM 110 ? 12 'BINDING SITE FOR RESIDUE HEM A 110' 
AC4 Software A HEM 111 ? 21 'BINDING SITE FOR RESIDUE HEM A 111' 
# 
loop_
_struct_site_gen.id 
_struct_site_gen.site_id 
_struct_site_gen.pdbx_num_res 
_struct_site_gen.label_comp_id 
_struct_site_gen.label_asym_id 
_struct_site_gen.label_seq_id 
_struct_site_gen.pdbx_auth_ins_code 
_struct_site_gen.auth_comp_id 
_struct_site_gen.auth_asym_id 
_struct_site_gen.auth_seq_id 
_struct_site_gen.label_atom_id 
_struct_site_gen.label_alt_id 
_struct_site_gen.symmetry 
_struct_site_gen.details 
1  AC1 17 PRO A 2   ? PRO A 2   . ? 1_555 ? 
2  AC1 17 PRO A 5   ? PRO A 5   . ? 1_555 ? 
3  AC1 17 LEU A 9   ? LEU A 9   . ? 1_555 ? 
4  AC1 17 PHE A 11  ? PHE A 11  . ? 1_555 ? 
5  AC1 17 PHE A 20  ? PHE A 20  . ? 1_555 ? 
6  AC1 17 HIS A 22  ? HIS A 22  . ? 1_555 ? 
7  AC1 17 VAL A 28  ? VAL A 28  . ? 1_555 ? 
8  AC1 17 CYS A 30  ? CYS A 30  . ? 1_555 ? 
9  AC1 17 CYS A 33  ? CYS A 33  . ? 1_555 ? 
10 AC1 17 HIS A 34  ? HIS A 34  . ? 1_555 ? 
11 AC1 17 PHE A 43  ? PHE A 43  . ? 1_555 ? 
12 AC1 17 LYS A 45  ? LYS A 45  . ? 1_555 ? 
13 AC1 17 CYS A 46  ? CYS A 46  . ? 1_555 ? 
14 AC1 17 GLN A 59  ? GLN A 59  . ? 3_545 ? 
15 AC1 17 HEM D .   ? HEM A 110 . ? 1_555 ? 
16 AC1 17 HOH F .   ? HOH A 126 . ? 1_555 ? 
17 AC1 17 HOH F .   ? HOH A 136 . ? 1_555 ? 
18 AC2 12 HIS A 35  ? HIS A 35  . ? 1_555 ? 
19 AC2 12 ALA A 44  ? ALA A 44  . ? 1_555 ? 
20 AC2 12 LYS A 45  ? LYS A 45  . ? 1_555 ? 
21 AC2 12 CYS A 46  ? CYS A 46  . ? 1_555 ? 
22 AC2 12 CYS A 51  ? CYS A 51  . ? 1_555 ? 
23 AC2 12 HIS A 52  ? HIS A 52  . ? 1_555 ? 
24 AC2 12 GLU A 61  ? GLU A 61  . ? 1_555 ? 
25 AC2 12 LEU A 74  ? LEU A 74  . ? 1_555 ? 
26 AC2 12 LYS A 75  ? LYS A 75  . ? 1_555 ? 
27 AC2 12 HIS A 76  ? HIS A 76  . ? 1_555 ? 
28 AC2 12 HOH F .   ? HOH A 165 . ? 1_555 ? 
29 AC2 12 HOH F .   ? HOH A 193 . ? 1_555 ? 
30 AC3 12 VAL A 24  ? VAL A 24  . ? 1_555 ? 
31 AC3 12 HIS A 25  ? HIS A 25  . ? 1_555 ? 
32 AC3 12 GLU A 73  ? GLU A 73  . ? 4_556 ? 
33 AC3 12 ASN A 78  ? ASN A 78  . ? 1_555 ? 
34 AC3 12 CYS A 79  ? CYS A 79  . ? 1_555 ? 
35 AC3 12 CYS A 82  ? CYS A 82  . ? 1_555 ? 
36 AC3 12 HIS A 83  ? HIS A 83  . ? 1_555 ? 
37 AC3 12 LEU A 97  ? LEU A 97  . ? 1_555 ? 
38 AC3 12 HEM B .   ? HEM A 108 . ? 1_555 ? 
39 AC3 12 HOH F .   ? HOH A 196 . ? 1_555 ? 
40 AC3 12 HOH F .   ? HOH A 213 . ? 1_555 ? 
41 AC3 12 HOH F .   ? HOH A 214 . ? 1_555 ? 
42 AC4 21 PHE A 11  ? PHE A 11  . ? 1_555 ? 
43 AC4 21 GLY A 13  ? GLY A 13  . ? 1_555 ? 
44 AC4 21 SER A 14  ? SER A 14  . ? 1_555 ? 
45 AC4 21 GLN A 15  ? GLN A 15  . ? 1_555 ? 
46 AC4 21 LYS A 16  ? LYS A 16  . ? 1_555 ? 
47 AC4 21 VAL A 18  ? VAL A 18  . ? 1_555 ? 
48 AC4 21 SER A 49  ? SER A 49  . ? 3_555 ? 
49 AC4 21 GLY A 50  ? GLY A 50  . ? 3_555 ? 
50 AC4 21 LEU A 55  ? LEU A 55  . ? 1_555 ? 
51 AC4 21 TYR A 65  ? TYR A 65  . ? 1_555 ? 
52 AC4 21 VAL A 68  ? VAL A 68  . ? 1_555 ? 
53 AC4 21 HIS A 69  ? HIS A 69  . ? 1_555 ? 
54 AC4 21 ILE A 80  ? ILE A 80  . ? 1_555 ? 
55 AC4 21 HIS A 83  ? HIS A 83  . ? 1_555 ? 
56 AC4 21 LEU A 97  ? LEU A 97  . ? 1_555 ? 
57 AC4 21 ALA A 99  ? ALA A 99  . ? 1_555 ? 
58 AC4 21 CYS A 100 ? CYS A 100 . ? 1_555 ? 
59 AC4 21 CYS A 105 ? CYS A 105 . ? 1_555 ? 
60 AC4 21 HIS A 106 ? HIS A 106 . ? 1_555 ? 
61 AC4 21 HOH F .   ? HOH A 114 . ? 1_555 ? 
62 AC4 21 HOH F .   ? HOH A 179 . ? 1_555 ? 
# 
_pdbx_entry_details.entry_id                   1I77 
_pdbx_entry_details.compound_details           ? 
_pdbx_entry_details.source_details             ? 
_pdbx_entry_details.nonpolymer_details         ? 
_pdbx_entry_details.sequence_details           ? 
_pdbx_entry_details.has_ligand_of_interest     ? 
_pdbx_entry_details.has_protein_modification   Y 
# 
_pdbx_validate_torsion.id              1 
_pdbx_validate_torsion.PDB_model_num   1 
_pdbx_validate_torsion.auth_comp_id    CYS 
_pdbx_validate_torsion.auth_asym_id    A 
_pdbx_validate_torsion.auth_seq_id     51 
_pdbx_validate_torsion.PDB_ins_code    ? 
_pdbx_validate_torsion.label_alt_id    ? 
_pdbx_validate_torsion.phi             -101.16 
_pdbx_validate_torsion.psi             -122.29 
# 
loop_
_chem_comp_atom.comp_id 
_chem_comp_atom.atom_id 
_chem_comp_atom.type_symbol 
_chem_comp_atom.pdbx_aromatic_flag 
_chem_comp_atom.pdbx_stereo_config 
_chem_comp_atom.pdbx_ordinal 
ALA N    N  N N 1   
ALA CA   C  N S 2   
ALA C    C  N N 3   
ALA O    O  N N 4   
ALA CB   C  N N 5   
ALA OXT  O  N N 6   
ALA H    H  N N 7   
ALA H2   H  N N 8   
ALA HA   H  N N 9   
ALA HB1  H  N N 10  
ALA HB2  H  N N 11  
ALA HB3  H  N N 12  
ALA HXT  H  N N 13  
ASN N    N  N N 14  
ASN CA   C  N S 15  
ASN C    C  N N 16  
ASN O    O  N N 17  
ASN CB   C  N N 18  
ASN CG   C  N N 19  
ASN OD1  O  N N 20  
ASN ND2  N  N N 21  
ASN OXT  O  N N 22  
ASN H    H  N N 23  
ASN H2   H  N N 24  
ASN HA   H  N N 25  
ASN HB2  H  N N 26  
ASN HB3  H  N N 27  
ASN HD21 H  N N 28  
ASN HD22 H  N N 29  
ASN HXT  H  N N 30  
ASP N    N  N N 31  
ASP CA   C  N S 32  
ASP C    C  N N 33  
ASP O    O  N N 34  
ASP CB   C  N N 35  
ASP CG   C  N N 36  
ASP OD1  O  N N 37  
ASP OD2  O  N N 38  
ASP OXT  O  N N 39  
ASP H    H  N N 40  
ASP H2   H  N N 41  
ASP HA   H  N N 42  
ASP HB2  H  N N 43  
ASP HB3  H  N N 44  
ASP HD2  H  N N 45  
ASP HXT  H  N N 46  
CYS N    N  N N 47  
CYS CA   C  N R 48  
CYS C    C  N N 49  
CYS O    O  N N 50  
CYS CB   C  N N 51  
CYS SG   S  N N 52  
CYS OXT  O  N N 53  
CYS H    H  N N 54  
CYS H2   H  N N 55  
CYS HA   H  N N 56  
CYS HB2  H  N N 57  
CYS HB3  H  N N 58  
CYS HG   H  N N 59  
CYS HXT  H  N N 60  
GLN N    N  N N 61  
GLN CA   C  N S 62  
GLN C    C  N N 63  
GLN O    O  N N 64  
GLN CB   C  N N 65  
GLN CG   C  N N 66  
GLN CD   C  N N 67  
GLN OE1  O  N N 68  
GLN NE2  N  N N 69  
GLN OXT  O  N N 70  
GLN H    H  N N 71  
GLN H2   H  N N 72  
GLN HA   H  N N 73  
GLN HB2  H  N N 74  
GLN HB3  H  N N 75  
GLN HG2  H  N N 76  
GLN HG3  H  N N 77  
GLN HE21 H  N N 78  
GLN HE22 H  N N 79  
GLN HXT  H  N N 80  
GLU N    N  N N 81  
GLU CA   C  N S 82  
GLU C    C  N N 83  
GLU O    O  N N 84  
GLU CB   C  N N 85  
GLU CG   C  N N 86  
GLU CD   C  N N 87  
GLU OE1  O  N N 88  
GLU OE2  O  N N 89  
GLU OXT  O  N N 90  
GLU H    H  N N 91  
GLU H2   H  N N 92  
GLU HA   H  N N 93  
GLU HB2  H  N N 94  
GLU HB3  H  N N 95  
GLU HG2  H  N N 96  
GLU HG3  H  N N 97  
GLU HE2  H  N N 98  
GLU HXT  H  N N 99  
GLY N    N  N N 100 
GLY CA   C  N N 101 
GLY C    C  N N 102 
GLY O    O  N N 103 
GLY OXT  O  N N 104 
GLY H    H  N N 105 
GLY H2   H  N N 106 
GLY HA2  H  N N 107 
GLY HA3  H  N N 108 
GLY HXT  H  N N 109 
HEM CHA  C  N N 110 
HEM CHB  C  N N 111 
HEM CHC  C  N N 112 
HEM CHD  C  N N 113 
HEM C1A  C  Y N 114 
HEM C2A  C  Y N 115 
HEM C3A  C  Y N 116 
HEM C4A  C  Y N 117 
HEM CMA  C  N N 118 
HEM CAA  C  N N 119 
HEM CBA  C  N N 120 
HEM CGA  C  N N 121 
HEM O1A  O  N N 122 
HEM O2A  O  N N 123 
HEM C1B  C  N N 124 
HEM C2B  C  N N 125 
HEM C3B  C  N N 126 
HEM C4B  C  N N 127 
HEM CMB  C  N N 128 
HEM CAB  C  N N 129 
HEM CBB  C  N N 130 
HEM C1C  C  Y N 131 
HEM C2C  C  Y N 132 
HEM C3C  C  Y N 133 
HEM C4C  C  Y N 134 
HEM CMC  C  N N 135 
HEM CAC  C  N N 136 
HEM CBC  C  N N 137 
HEM C1D  C  N N 138 
HEM C2D  C  N N 139 
HEM C3D  C  N N 140 
HEM C4D  C  N N 141 
HEM CMD  C  N N 142 
HEM CAD  C  N N 143 
HEM CBD  C  N N 144 
HEM CGD  C  N N 145 
HEM O1D  O  N N 146 
HEM O2D  O  N N 147 
HEM NA   N  Y N 148 
HEM NB   N  N N 149 
HEM NC   N  Y N 150 
HEM ND   N  N N 151 
HEM FE   FE N N 152 
HEM HHB  H  N N 153 
HEM HHC  H  N N 154 
HEM HHD  H  N N 155 
HEM HMA  H  N N 156 
HEM HMAA H  N N 157 
HEM HMAB H  N N 158 
HEM HAA  H  N N 159 
HEM HAAA H  N N 160 
HEM HBA  H  N N 161 
HEM HBAA H  N N 162 
HEM HMB  H  N N 163 
HEM HMBA H  N N 164 
HEM HMBB H  N N 165 
HEM HAB  H  N N 166 
HEM HBB  H  N N 167 
HEM HBBA H  N N 168 
HEM HMC  H  N N 169 
HEM HMCA H  N N 170 
HEM HMCB H  N N 171 
HEM HAC  H  N N 172 
HEM HBC  H  N N 173 
HEM HBCA H  N N 174 
HEM HMD  H  N N 175 
HEM HMDA H  N N 176 
HEM HMDB H  N N 177 
HEM HAD  H  N N 178 
HEM HADA H  N N 179 
HEM HBD  H  N N 180 
HEM HBDA H  N N 181 
HEM H2A  H  N N 182 
HEM H2D  H  N N 183 
HEM HHA  H  N N 184 
HIS N    N  N N 185 
HIS CA   C  N S 186 
HIS C    C  N N 187 
HIS O    O  N N 188 
HIS CB   C  N N 189 
HIS CG   C  Y N 190 
HIS ND1  N  Y N 191 
HIS CD2  C  Y N 192 
HIS CE1  C  Y N 193 
HIS NE2  N  Y N 194 
HIS OXT  O  N N 195 
HIS H    H  N N 196 
HIS H2   H  N N 197 
HIS HA   H  N N 198 
HIS HB2  H  N N 199 
HIS HB3  H  N N 200 
HIS HD1  H  N N 201 
HIS HD2  H  N N 202 
HIS HE1  H  N N 203 
HIS HE2  H  N N 204 
HIS HXT  H  N N 205 
HOH O    O  N N 206 
HOH H1   H  N N 207 
HOH H2   H  N N 208 
ILE N    N  N N 209 
ILE CA   C  N S 210 
ILE C    C  N N 211 
ILE O    O  N N 212 
ILE CB   C  N S 213 
ILE CG1  C  N N 214 
ILE CG2  C  N N 215 
ILE CD1  C  N N 216 
ILE OXT  O  N N 217 
ILE H    H  N N 218 
ILE H2   H  N N 219 
ILE HA   H  N N 220 
ILE HB   H  N N 221 
ILE HG12 H  N N 222 
ILE HG13 H  N N 223 
ILE HG21 H  N N 224 
ILE HG22 H  N N 225 
ILE HG23 H  N N 226 
ILE HD11 H  N N 227 
ILE HD12 H  N N 228 
ILE HD13 H  N N 229 
ILE HXT  H  N N 230 
LEU N    N  N N 231 
LEU CA   C  N S 232 
LEU C    C  N N 233 
LEU O    O  N N 234 
LEU CB   C  N N 235 
LEU CG   C  N N 236 
LEU CD1  C  N N 237 
LEU CD2  C  N N 238 
LEU OXT  O  N N 239 
LEU H    H  N N 240 
LEU H2   H  N N 241 
LEU HA   H  N N 242 
LEU HB2  H  N N 243 
LEU HB3  H  N N 244 
LEU HG   H  N N 245 
LEU HD11 H  N N 246 
LEU HD12 H  N N 247 
LEU HD13 H  N N 248 
LEU HD21 H  N N 249 
LEU HD22 H  N N 250 
LEU HD23 H  N N 251 
LEU HXT  H  N N 252 
LYS N    N  N N 253 
LYS CA   C  N S 254 
LYS C    C  N N 255 
LYS O    O  N N 256 
LYS CB   C  N N 257 
LYS CG   C  N N 258 
LYS CD   C  N N 259 
LYS CE   C  N N 260 
LYS NZ   N  N N 261 
LYS OXT  O  N N 262 
LYS H    H  N N 263 
LYS H2   H  N N 264 
LYS HA   H  N N 265 
LYS HB2  H  N N 266 
LYS HB3  H  N N 267 
LYS HG2  H  N N 268 
LYS HG3  H  N N 269 
LYS HD2  H  N N 270 
LYS HD3  H  N N 271 
LYS HE2  H  N N 272 
LYS HE3  H  N N 273 
LYS HZ1  H  N N 274 
LYS HZ2  H  N N 275 
LYS HZ3  H  N N 276 
LYS HXT  H  N N 277 
MET N    N  N N 278 
MET CA   C  N S 279 
MET C    C  N N 280 
MET O    O  N N 281 
MET CB   C  N N 282 
MET CG   C  N N 283 
MET SD   S  N N 284 
MET CE   C  N N 285 
MET OXT  O  N N 286 
MET H    H  N N 287 
MET H2   H  N N 288 
MET HA   H  N N 289 
MET HB2  H  N N 290 
MET HB3  H  N N 291 
MET HG2  H  N N 292 
MET HG3  H  N N 293 
MET HE1  H  N N 294 
MET HE2  H  N N 295 
MET HE3  H  N N 296 
MET HXT  H  N N 297 
PHE N    N  N N 298 
PHE CA   C  N S 299 
PHE C    C  N N 300 
PHE O    O  N N 301 
PHE CB   C  N N 302 
PHE CG   C  Y N 303 
PHE CD1  C  Y N 304 
PHE CD2  C  Y N 305 
PHE CE1  C  Y N 306 
PHE CE2  C  Y N 307 
PHE CZ   C  Y N 308 
PHE OXT  O  N N 309 
PHE H    H  N N 310 
PHE H2   H  N N 311 
PHE HA   H  N N 312 
PHE HB2  H  N N 313 
PHE HB3  H  N N 314 
PHE HD1  H  N N 315 
PHE HD2  H  N N 316 
PHE HE1  H  N N 317 
PHE HE2  H  N N 318 
PHE HZ   H  N N 319 
PHE HXT  H  N N 320 
PRO N    N  N N 321 
PRO CA   C  N S 322 
PRO C    C  N N 323 
PRO O    O  N N 324 
PRO CB   C  N N 325 
PRO CG   C  N N 326 
PRO CD   C  N N 327 
PRO OXT  O  N N 328 
PRO H    H  N N 329 
PRO HA   H  N N 330 
PRO HB2  H  N N 331 
PRO HB3  H  N N 332 
PRO HG2  H  N N 333 
PRO HG3  H  N N 334 
PRO HD2  H  N N 335 
PRO HD3  H  N N 336 
PRO HXT  H  N N 337 
SER N    N  N N 338 
SER CA   C  N S 339 
SER C    C  N N 340 
SER O    O  N N 341 
SER CB   C  N N 342 
SER OG   O  N N 343 
SER OXT  O  N N 344 
SER H    H  N N 345 
SER H2   H  N N 346 
SER HA   H  N N 347 
SER HB2  H  N N 348 
SER HB3  H  N N 349 
SER HG   H  N N 350 
SER HXT  H  N N 351 
THR N    N  N N 352 
THR CA   C  N S 353 
THR C    C  N N 354 
THR O    O  N N 355 
THR CB   C  N R 356 
THR OG1  O  N N 357 
THR CG2  C  N N 358 
THR OXT  O  N N 359 
THR H    H  N N 360 
THR H2   H  N N 361 
THR HA   H  N N 362 
THR HB   H  N N 363 
THR HG1  H  N N 364 
THR HG21 H  N N 365 
THR HG22 H  N N 366 
THR HG23 H  N N 367 
THR HXT  H  N N 368 
TYR N    N  N N 369 
TYR CA   C  N S 370 
TYR C    C  N N 371 
TYR O    O  N N 372 
TYR CB   C  N N 373 
TYR CG   C  Y N 374 
TYR CD1  C  Y N 375 
TYR CD2  C  Y N 376 
TYR CE1  C  Y N 377 
TYR CE2  C  Y N 378 
TYR CZ   C  Y N 379 
TYR OH   O  N N 380 
TYR OXT  O  N N 381 
TYR H    H  N N 382 
TYR H2   H  N N 383 
TYR HA   H  N N 384 
TYR HB2  H  N N 385 
TYR HB3  H  N N 386 
TYR HD1  H  N N 387 
TYR HD2  H  N N 388 
TYR HE1  H  N N 389 
TYR HE2  H  N N 390 
TYR HH   H  N N 391 
TYR HXT  H  N N 392 
VAL N    N  N N 393 
VAL CA   C  N S 394 
VAL C    C  N N 395 
VAL O    O  N N 396 
VAL CB   C  N N 397 
VAL CG1  C  N N 398 
VAL CG2  C  N N 399 
VAL OXT  O  N N 400 
VAL H    H  N N 401 
VAL H2   H  N N 402 
VAL HA   H  N N 403 
VAL HB   H  N N 404 
VAL HG11 H  N N 405 
VAL HG12 H  N N 406 
VAL HG13 H  N N 407 
VAL HG21 H  N N 408 
VAL HG22 H  N N 409 
VAL HG23 H  N N 410 
VAL HXT  H  N N 411 
# 
loop_
_chem_comp_bond.comp_id 
_chem_comp_bond.atom_id_1 
_chem_comp_bond.atom_id_2 
_chem_comp_bond.value_order 
_chem_comp_bond.pdbx_aromatic_flag 
_chem_comp_bond.pdbx_stereo_config 
_chem_comp_bond.pdbx_ordinal 
ALA N   CA   sing N N 1   
ALA N   H    sing N N 2   
ALA N   H2   sing N N 3   
ALA CA  C    sing N N 4   
ALA CA  CB   sing N N 5   
ALA CA  HA   sing N N 6   
ALA C   O    doub N N 7   
ALA C   OXT  sing N N 8   
ALA CB  HB1  sing N N 9   
ALA CB  HB2  sing N N 10  
ALA CB  HB3  sing N N 11  
ALA OXT HXT  sing N N 12  
ASN N   CA   sing N N 13  
ASN N   H    sing N N 14  
ASN N   H2   sing N N 15  
ASN CA  C    sing N N 16  
ASN CA  CB   sing N N 17  
ASN CA  HA   sing N N 18  
ASN C   O    doub N N 19  
ASN C   OXT  sing N N 20  
ASN CB  CG   sing N N 21  
ASN CB  HB2  sing N N 22  
ASN CB  HB3  sing N N 23  
ASN CG  OD1  doub N N 24  
ASN CG  ND2  sing N N 25  
ASN ND2 HD21 sing N N 26  
ASN ND2 HD22 sing N N 27  
ASN OXT HXT  sing N N 28  
ASP N   CA   sing N N 29  
ASP N   H    sing N N 30  
ASP N   H2   sing N N 31  
ASP CA  C    sing N N 32  
ASP CA  CB   sing N N 33  
ASP CA  HA   sing N N 34  
ASP C   O    doub N N 35  
ASP C   OXT  sing N N 36  
ASP CB  CG   sing N N 37  
ASP CB  HB2  sing N N 38  
ASP CB  HB3  sing N N 39  
ASP CG  OD1  doub N N 40  
ASP CG  OD2  sing N N 41  
ASP OD2 HD2  sing N N 42  
ASP OXT HXT  sing N N 43  
CYS N   CA   sing N N 44  
CYS N   H    sing N N 45  
CYS N   H2   sing N N 46  
CYS CA  C    sing N N 47  
CYS CA  CB   sing N N 48  
CYS CA  HA   sing N N 49  
CYS C   O    doub N N 50  
CYS C   OXT  sing N N 51  
CYS CB  SG   sing N N 52  
CYS CB  HB2  sing N N 53  
CYS CB  HB3  sing N N 54  
CYS SG  HG   sing N N 55  
CYS OXT HXT  sing N N 56  
GLN N   CA   sing N N 57  
GLN N   H    sing N N 58  
GLN N   H2   sing N N 59  
GLN CA  C    sing N N 60  
GLN CA  CB   sing N N 61  
GLN CA  HA   sing N N 62  
GLN C   O    doub N N 63  
GLN C   OXT  sing N N 64  
GLN CB  CG   sing N N 65  
GLN CB  HB2  sing N N 66  
GLN CB  HB3  sing N N 67  
GLN CG  CD   sing N N 68  
GLN CG  HG2  sing N N 69  
GLN CG  HG3  sing N N 70  
GLN CD  OE1  doub N N 71  
GLN CD  NE2  sing N N 72  
GLN NE2 HE21 sing N N 73  
GLN NE2 HE22 sing N N 74  
GLN OXT HXT  sing N N 75  
GLU N   CA   sing N N 76  
GLU N   H    sing N N 77  
GLU N   H2   sing N N 78  
GLU CA  C    sing N N 79  
GLU CA  CB   sing N N 80  
GLU CA  HA   sing N N 81  
GLU C   O    doub N N 82  
GLU C   OXT  sing N N 83  
GLU CB  CG   sing N N 84  
GLU CB  HB2  sing N N 85  
GLU CB  HB3  sing N N 86  
GLU CG  CD   sing N N 87  
GLU CG  HG2  sing N N 88  
GLU CG  HG3  sing N N 89  
GLU CD  OE1  doub N N 90  
GLU CD  OE2  sing N N 91  
GLU OE2 HE2  sing N N 92  
GLU OXT HXT  sing N N 93  
GLY N   CA   sing N N 94  
GLY N   H    sing N N 95  
GLY N   H2   sing N N 96  
GLY CA  C    sing N N 97  
GLY CA  HA2  sing N N 98  
GLY CA  HA3  sing N N 99  
GLY C   O    doub N N 100 
GLY C   OXT  sing N N 101 
GLY OXT HXT  sing N N 102 
HEM CHA C1A  sing N N 103 
HEM CHA C4D  doub N N 104 
HEM CHA HHA  sing N N 105 
HEM CHB C4A  sing N N 106 
HEM CHB C1B  doub N N 107 
HEM CHB HHB  sing N N 108 
HEM CHC C4B  sing N N 109 
HEM CHC C1C  doub N N 110 
HEM CHC HHC  sing N N 111 
HEM CHD C4C  doub N N 112 
HEM CHD C1D  sing N N 113 
HEM CHD HHD  sing N N 114 
HEM C1A C2A  doub Y N 115 
HEM C1A NA   sing Y N 116 
HEM C2A C3A  sing Y N 117 
HEM C2A CAA  sing N N 118 
HEM C3A C4A  doub Y N 119 
HEM C3A CMA  sing N N 120 
HEM C4A NA   sing Y N 121 
HEM CMA HMA  sing N N 122 
HEM CMA HMAA sing N N 123 
HEM CMA HMAB sing N N 124 
HEM CAA CBA  sing N N 125 
HEM CAA HAA  sing N N 126 
HEM CAA HAAA sing N N 127 
HEM CBA CGA  sing N N 128 
HEM CBA HBA  sing N N 129 
HEM CBA HBAA sing N N 130 
HEM CGA O1A  doub N N 131 
HEM CGA O2A  sing N N 132 
HEM C1B C2B  sing N N 133 
HEM C1B NB   sing N N 134 
HEM C2B C3B  doub N N 135 
HEM C2B CMB  sing N N 136 
HEM C3B C4B  sing N N 137 
HEM C3B CAB  sing N N 138 
HEM C4B NB   doub N N 139 
HEM CMB HMB  sing N N 140 
HEM CMB HMBA sing N N 141 
HEM CMB HMBB sing N N 142 
HEM CAB CBB  doub N N 143 
HEM CAB HAB  sing N N 144 
HEM CBB HBB  sing N N 145 
HEM CBB HBBA sing N N 146 
HEM C1C C2C  sing Y N 147 
HEM C1C NC   sing Y N 148 
HEM C2C C3C  doub Y N 149 
HEM C2C CMC  sing N N 150 
HEM C3C C4C  sing Y N 151 
HEM C3C CAC  sing N N 152 
HEM C4C NC   sing Y N 153 
HEM CMC HMC  sing N N 154 
HEM CMC HMCA sing N N 155 
HEM CMC HMCB sing N N 156 
HEM CAC CBC  doub N N 157 
HEM CAC HAC  sing N N 158 
HEM CBC HBC  sing N N 159 
HEM CBC HBCA sing N N 160 
HEM C1D C2D  sing N N 161 
HEM C1D ND   doub N N 162 
HEM C2D C3D  doub N N 163 
HEM C2D CMD  sing N N 164 
HEM C3D C4D  sing N N 165 
HEM C3D CAD  sing N N 166 
HEM C4D ND   sing N N 167 
HEM CMD HMD  sing N N 168 
HEM CMD HMDA sing N N 169 
HEM CMD HMDB sing N N 170 
HEM CAD CBD  sing N N 171 
HEM CAD HAD  sing N N 172 
HEM CAD HADA sing N N 173 
HEM CBD CGD  sing N N 174 
HEM CBD HBD  sing N N 175 
HEM CBD HBDA sing N N 176 
HEM CGD O1D  doub N N 177 
HEM CGD O2D  sing N N 178 
HEM O2A H2A  sing N N 179 
HEM O2D H2D  sing N N 180 
HEM FE  NA   sing N N 181 
HEM FE  NB   sing N N 182 
HEM FE  NC   sing N N 183 
HEM FE  ND   sing N N 184 
HIS N   CA   sing N N 185 
HIS N   H    sing N N 186 
HIS N   H2   sing N N 187 
HIS CA  C    sing N N 188 
HIS CA  CB   sing N N 189 
HIS CA  HA   sing N N 190 
HIS C   O    doub N N 191 
HIS C   OXT  sing N N 192 
HIS CB  CG   sing N N 193 
HIS CB  HB2  sing N N 194 
HIS CB  HB3  sing N N 195 
HIS CG  ND1  sing Y N 196 
HIS CG  CD2  doub Y N 197 
HIS ND1 CE1  doub Y N 198 
HIS ND1 HD1  sing N N 199 
HIS CD2 NE2  sing Y N 200 
HIS CD2 HD2  sing N N 201 
HIS CE1 NE2  sing Y N 202 
HIS CE1 HE1  sing N N 203 
HIS NE2 HE2  sing N N 204 
HIS OXT HXT  sing N N 205 
HOH O   H1   sing N N 206 
HOH O   H2   sing N N 207 
ILE N   CA   sing N N 208 
ILE N   H    sing N N 209 
ILE N   H2   sing N N 210 
ILE CA  C    sing N N 211 
ILE CA  CB   sing N N 212 
ILE CA  HA   sing N N 213 
ILE C   O    doub N N 214 
ILE C   OXT  sing N N 215 
ILE CB  CG1  sing N N 216 
ILE CB  CG2  sing N N 217 
ILE CB  HB   sing N N 218 
ILE CG1 CD1  sing N N 219 
ILE CG1 HG12 sing N N 220 
ILE CG1 HG13 sing N N 221 
ILE CG2 HG21 sing N N 222 
ILE CG2 HG22 sing N N 223 
ILE CG2 HG23 sing N N 224 
ILE CD1 HD11 sing N N 225 
ILE CD1 HD12 sing N N 226 
ILE CD1 HD13 sing N N 227 
ILE OXT HXT  sing N N 228 
LEU N   CA   sing N N 229 
LEU N   H    sing N N 230 
LEU N   H2   sing N N 231 
LEU CA  C    sing N N 232 
LEU CA  CB   sing N N 233 
LEU CA  HA   sing N N 234 
LEU C   O    doub N N 235 
LEU C   OXT  sing N N 236 
LEU CB  CG   sing N N 237 
LEU CB  HB2  sing N N 238 
LEU CB  HB3  sing N N 239 
LEU CG  CD1  sing N N 240 
LEU CG  CD2  sing N N 241 
LEU CG  HG   sing N N 242 
LEU CD1 HD11 sing N N 243 
LEU CD1 HD12 sing N N 244 
LEU CD1 HD13 sing N N 245 
LEU CD2 HD21 sing N N 246 
LEU CD2 HD22 sing N N 247 
LEU CD2 HD23 sing N N 248 
LEU OXT HXT  sing N N 249 
LYS N   CA   sing N N 250 
LYS N   H    sing N N 251 
LYS N   H2   sing N N 252 
LYS CA  C    sing N N 253 
LYS CA  CB   sing N N 254 
LYS CA  HA   sing N N 255 
LYS C   O    doub N N 256 
LYS C   OXT  sing N N 257 
LYS CB  CG   sing N N 258 
LYS CB  HB2  sing N N 259 
LYS CB  HB3  sing N N 260 
LYS CG  CD   sing N N 261 
LYS CG  HG2  sing N N 262 
LYS CG  HG3  sing N N 263 
LYS CD  CE   sing N N 264 
LYS CD  HD2  sing N N 265 
LYS CD  HD3  sing N N 266 
LYS CE  NZ   sing N N 267 
LYS CE  HE2  sing N N 268 
LYS CE  HE3  sing N N 269 
LYS NZ  HZ1  sing N N 270 
LYS NZ  HZ2  sing N N 271 
LYS NZ  HZ3  sing N N 272 
LYS OXT HXT  sing N N 273 
MET N   CA   sing N N 274 
MET N   H    sing N N 275 
MET N   H2   sing N N 276 
MET CA  C    sing N N 277 
MET CA  CB   sing N N 278 
MET CA  HA   sing N N 279 
MET C   O    doub N N 280 
MET C   OXT  sing N N 281 
MET CB  CG   sing N N 282 
MET CB  HB2  sing N N 283 
MET CB  HB3  sing N N 284 
MET CG  SD   sing N N 285 
MET CG  HG2  sing N N 286 
MET CG  HG3  sing N N 287 
MET SD  CE   sing N N 288 
MET CE  HE1  sing N N 289 
MET CE  HE2  sing N N 290 
MET CE  HE3  sing N N 291 
MET OXT HXT  sing N N 292 
PHE N   CA   sing N N 293 
PHE N   H    sing N N 294 
PHE N   H2   sing N N 295 
PHE CA  C    sing N N 296 
PHE CA  CB   sing N N 297 
PHE CA  HA   sing N N 298 
PHE C   O    doub N N 299 
PHE C   OXT  sing N N 300 
PHE CB  CG   sing N N 301 
PHE CB  HB2  sing N N 302 
PHE CB  HB3  sing N N 303 
PHE CG  CD1  doub Y N 304 
PHE CG  CD2  sing Y N 305 
PHE CD1 CE1  sing Y N 306 
PHE CD1 HD1  sing N N 307 
PHE CD2 CE2  doub Y N 308 
PHE CD2 HD2  sing N N 309 
PHE CE1 CZ   doub Y N 310 
PHE CE1 HE1  sing N N 311 
PHE CE2 CZ   sing Y N 312 
PHE CE2 HE2  sing N N 313 
PHE CZ  HZ   sing N N 314 
PHE OXT HXT  sing N N 315 
PRO N   CA   sing N N 316 
PRO N   CD   sing N N 317 
PRO N   H    sing N N 318 
PRO CA  C    sing N N 319 
PRO CA  CB   sing N N 320 
PRO CA  HA   sing N N 321 
PRO C   O    doub N N 322 
PRO C   OXT  sing N N 323 
PRO CB  CG   sing N N 324 
PRO CB  HB2  sing N N 325 
PRO CB  HB3  sing N N 326 
PRO CG  CD   sing N N 327 
PRO CG  HG2  sing N N 328 
PRO CG  HG3  sing N N 329 
PRO CD  HD2  sing N N 330 
PRO CD  HD3  sing N N 331 
PRO OXT HXT  sing N N 332 
SER N   CA   sing N N 333 
SER N   H    sing N N 334 
SER N   H2   sing N N 335 
SER CA  C    sing N N 336 
SER CA  CB   sing N N 337 
SER CA  HA   sing N N 338 
SER C   O    doub N N 339 
SER C   OXT  sing N N 340 
SER CB  OG   sing N N 341 
SER CB  HB2  sing N N 342 
SER CB  HB3  sing N N 343 
SER OG  HG   sing N N 344 
SER OXT HXT  sing N N 345 
THR N   CA   sing N N 346 
THR N   H    sing N N 347 
THR N   H2   sing N N 348 
THR CA  C    sing N N 349 
THR CA  CB   sing N N 350 
THR CA  HA   sing N N 351 
THR C   O    doub N N 352 
THR C   OXT  sing N N 353 
THR CB  OG1  sing N N 354 
THR CB  CG2  sing N N 355 
THR CB  HB   sing N N 356 
THR OG1 HG1  sing N N 357 
THR CG2 HG21 sing N N 358 
THR CG2 HG22 sing N N 359 
THR CG2 HG23 sing N N 360 
THR OXT HXT  sing N N 361 
TYR N   CA   sing N N 362 
TYR N   H    sing N N 363 
TYR N   H2   sing N N 364 
TYR CA  C    sing N N 365 
TYR CA  CB   sing N N 366 
TYR CA  HA   sing N N 367 
TYR C   O    doub N N 368 
TYR C   OXT  sing N N 369 
TYR CB  CG   sing N N 370 
TYR CB  HB2  sing N N 371 
TYR CB  HB3  sing N N 372 
TYR CG  CD1  doub Y N 373 
TYR CG  CD2  sing Y N 374 
TYR CD1 CE1  sing Y N 375 
TYR CD1 HD1  sing N N 376 
TYR CD2 CE2  doub Y N 377 
TYR CD2 HD2  sing N N 378 
TYR CE1 CZ   doub Y N 379 
TYR CE1 HE1  sing N N 380 
TYR CE2 CZ   sing Y N 381 
TYR CE2 HE2  sing N N 382 
TYR CZ  OH   sing N N 383 
TYR OH  HH   sing N N 384 
TYR OXT HXT  sing N N 385 
VAL N   CA   sing N N 386 
VAL N   H    sing N N 387 
VAL N   H2   sing N N 388 
VAL CA  C    sing N N 389 
VAL CA  CB   sing N N 390 
VAL CA  HA   sing N N 391 
VAL C   O    doub N N 392 
VAL C   OXT  sing N N 393 
VAL CB  CG1  sing N N 394 
VAL CB  CG2  sing N N 395 
VAL CB  HB   sing N N 396 
VAL CG1 HG11 sing N N 397 
VAL CG1 HG12 sing N N 398 
VAL CG1 HG13 sing N N 399 
VAL CG2 HG21 sing N N 400 
VAL CG2 HG22 sing N N 401 
VAL CG2 HG23 sing N N 402 
VAL OXT HXT  sing N N 403 
# 
_pdbx_initial_refinement_model.id               1 
_pdbx_initial_refinement_model.entity_id_list   ? 
_pdbx_initial_refinement_model.type             'experimental model' 
_pdbx_initial_refinement_model.source_name      PDB 
_pdbx_initial_refinement_model.accession_code   2CYR 
_pdbx_initial_refinement_model.details          'PDB ENTRY 2CYR' 
# 
_atom_sites.entry_id                    1I77 
_atom_sites.fract_transf_matrix[1][1]   -0.02587102 
_atom_sites.fract_transf_matrix[1][2]   -0.00009963 
_atom_sites.fract_transf_matrix[1][3]   -0.00930890 
_atom_sites.fract_transf_matrix[2][1]   -0.00638888 
_atom_sites.fract_transf_matrix[2][2]   -0.00715067 
_atom_sites.fract_transf_matrix[2][3]   0.01783231 
_atom_sites.fract_transf_matrix[3][1]   -0.00172925 
_atom_sites.fract_transf_matrix[3][2]   0.01317818 
_atom_sites.fract_transf_matrix[3][3]   0.00466484 
_atom_sites.fract_transf_vector[1]      0.152686 
_atom_sites.fract_transf_vector[2]      0.086983 
_atom_sites.fract_transf_vector[3]      0.358672 
# 
loop_
_atom_type.symbol 
C  
FE 
N  
O  
S  
# 
loop_
_atom_site.group_PDB 
_atom_site.id 
_atom_site.type_symbol 
_atom_site.label_atom_id 
_atom_site.label_alt_id 
_atom_site.label_comp_id 
_atom_site.label_asym_id 
_atom_site.label_entity_id 
_atom_site.label_seq_id 
_atom_site.pdbx_PDB_ins_code 
_atom_site.Cartn_x 
_atom_site.Cartn_y 
_atom_site.Cartn_z 
_atom_site.occupancy 
_atom_site.B_iso_or_equiv 
_atom_site.pdbx_formal_charge 
_atom_site.auth_seq_id 
_atom_site.auth_comp_id 
_atom_site.auth_asym_id 
_atom_site.auth_atom_id 
_atom_site.pdbx_PDB_model_num 
ATOM   1    N  N   . ALA A 1 1   ? 5.871   17.434  -9.160  1.00 55.60 ? 1   ALA A N   1 
ATOM   2    C  CA  . ALA A 1 1   ? 5.630   15.964  -9.220  1.00 55.37 ? 1   ALA A CA  1 
ATOM   3    C  C   . ALA A 1 1   ? 4.504   15.669  -10.203 1.00 54.92 ? 1   ALA A C   1 
ATOM   4    O  O   . ALA A 1 1   ? 3.715   16.552  -10.531 1.00 55.40 ? 1   ALA A O   1 
ATOM   5    C  CB  . ALA A 1 1   ? 5.261   15.444  -7.842  1.00 55.24 ? 1   ALA A CB  1 
ATOM   6    N  N   . PRO A 1 2   ? 4.415   14.419  -10.687 1.00 54.06 ? 2   PRO A N   1 
ATOM   7    C  CA  . PRO A 1 2   ? 3.347   14.083  -11.631 1.00 52.45 ? 2   PRO A CA  1 
ATOM   8    C  C   . PRO A 1 2   ? 1.985   14.243  -10.963 1.00 50.81 ? 2   PRO A C   1 
ATOM   9    O  O   . PRO A 1 2   ? 1.899   14.450  -9.752  1.00 50.70 ? 2   PRO A O   1 
ATOM   10   C  CB  . PRO A 1 2   ? 3.654   12.633  -11.991 1.00 53.48 ? 2   PRO A CB  1 
ATOM   11   C  CG  . PRO A 1 2   ? 4.256   12.101  -10.723 1.00 53.80 ? 2   PRO A CG  1 
ATOM   12   C  CD  . PRO A 1 2   ? 5.193   13.219  -10.330 1.00 54.21 ? 2   PRO A CD  1 
ATOM   13   N  N   . ALA A 1 3   ? 0.924   14.154  -11.754 1.00 48.43 ? 3   ALA A N   1 
ATOM   14   C  CA  . ALA A 1 3   ? -0.421  14.281  -11.222 1.00 46.24 ? 3   ALA A CA  1 
ATOM   15   C  C   . ALA A 1 3   ? -0.869  12.935  -10.653 1.00 44.46 ? 3   ALA A C   1 
ATOM   16   O  O   . ALA A 1 3   ? -0.452  11.880  -11.134 1.00 43.70 ? 3   ALA A O   1 
ATOM   17   C  CB  . ALA A 1 3   ? -1.375  14.730  -12.324 1.00 46.27 ? 3   ALA A CB  1 
ATOM   18   N  N   . ALA A 1 4   ? -1.708  12.965  -9.624  1.00 42.15 ? 4   ALA A N   1 
ATOM   19   C  CA  . ALA A 1 4   ? -2.198  11.720  -9.044  1.00 41.16 ? 4   ALA A CA  1 
ATOM   20   C  C   . ALA A 1 4   ? -3.250  11.133  -9.984  1.00 41.01 ? 4   ALA A C   1 
ATOM   21   O  O   . ALA A 1 4   ? -4.160  11.840  -10.414 1.00 39.40 ? 4   ALA A O   1 
ATOM   22   C  CB  . ALA A 1 4   ? -2.817  11.982  -7.679  1.00 40.85 ? 4   ALA A CB  1 
ATOM   23   N  N   . PRO A 1 5   ? -3.136  9.836   -10.323 1.00 40.34 ? 5   PRO A N   1 
ATOM   24   C  CA  . PRO A 1 5   ? -4.097  9.173   -11.215 1.00 40.73 ? 5   PRO A CA  1 
ATOM   25   C  C   . PRO A 1 5   ? -5.542  9.405   -10.774 1.00 40.97 ? 5   PRO A C   1 
ATOM   26   O  O   . PRO A 1 5   ? -5.843  9.364   -9.581  1.00 40.63 ? 5   PRO A O   1 
ATOM   27   C  CB  . PRO A 1 5   ? -3.697  7.704   -11.117 1.00 40.69 ? 5   PRO A CB  1 
ATOM   28   C  CG  . PRO A 1 5   ? -2.218  7.781   -10.946 1.00 40.90 ? 5   PRO A CG  1 
ATOM   29   C  CD  . PRO A 1 5   ? -2.041  8.919   -9.959  1.00 40.83 ? 5   PRO A CD  1 
ATOM   30   N  N   . ASP A 1 6   ? -6.428  9.646   -11.740 1.00 41.05 ? 6   ASP A N   1 
ATOM   31   C  CA  . ASP A 1 6   ? -7.846  9.879   -11.462 1.00 41.98 ? 6   ASP A CA  1 
ATOM   32   C  C   . ASP A 1 6   ? -8.586  8.599   -11.113 1.00 40.80 ? 6   ASP A C   1 
ATOM   33   O  O   . ASP A 1 6   ? -9.273  8.524   -10.100 1.00 42.31 ? 6   ASP A O   1 
ATOM   34   C  CB  . ASP A 1 6   ? -8.550  10.487  -12.679 1.00 44.75 ? 6   ASP A CB  1 
ATOM   35   C  CG  . ASP A 1 6   ? -7.901  11.759  -13.158 1.00 47.37 ? 6   ASP A CG  1 
ATOM   36   O  OD1 . ASP A 1 6   ? -8.068  12.806  -12.492 1.00 49.64 ? 6   ASP A OD1 1 
ATOM   37   O  OD2 . ASP A 1 6   ? -7.218  11.707  -14.204 1.00 49.26 ? 6   ASP A OD2 1 
ATOM   38   N  N   . LYS A 1 7   ? -8.454  7.593   -11.966 1.00 39.06 ? 7   LYS A N   1 
ATOM   39   C  CA  . LYS A 1 7   ? -9.158  6.342   -11.751 1.00 37.81 ? 7   LYS A CA  1 
ATOM   40   C  C   . LYS A 1 7   ? -8.393  5.323   -10.927 1.00 35.60 ? 7   LYS A C   1 
ATOM   41   O  O   . LYS A 1 7   ? -7.178  5.412   -10.772 1.00 33.75 ? 7   LYS A O   1 
ATOM   42   C  CB  . LYS A 1 7   ? -9.509  5.695   -13.094 1.00 39.02 ? 7   LYS A CB  1 
ATOM   43   C  CG  . LYS A 1 7   ? -10.216 6.604   -14.097 1.00 41.92 ? 7   LYS A CG  1 
ATOM   44   C  CD  . LYS A 1 7   ? -10.520 5.827   -15.372 1.00 43.88 ? 7   LYS A CD  1 
ATOM   45   C  CE  . LYS A 1 7   ? -10.013 6.557   -16.610 1.00 45.39 ? 7   LYS A CE  1 
ATOM   46   N  NZ  . LYS A 1 7   ? -10.723 7.853   -16.827 1.00 46.72 ? 7   LYS A NZ  1 
ATOM   47   N  N   . PRO A 1 8   ? -9.117  4.340   -10.377 1.00 35.40 ? 8   PRO A N   1 
ATOM   48   C  CA  . PRO A 1 8   ? -8.501  3.287   -9.577  1.00 34.28 ? 8   PRO A CA  1 
ATOM   49   C  C   . PRO A 1 8   ? -7.540  2.572   -10.510 1.00 33.99 ? 8   PRO A C   1 
ATOM   50   O  O   . PRO A 1 8   ? -7.816  2.428   -11.700 1.00 34.23 ? 8   PRO A O   1 
ATOM   51   C  CB  . PRO A 1 8   ? -9.683  2.397   -9.211  1.00 34.39 ? 8   PRO A CB  1 
ATOM   52   C  CG  . PRO A 1 8   ? -10.791 3.364   -9.078  1.00 34.27 ? 8   PRO A CG  1 
ATOM   53   C  CD  . PRO A 1 8   ? -10.587 4.269   -10.280 1.00 35.00 ? 8   PRO A CD  1 
ATOM   54   N  N   . LEU A 1 9   ? -6.409  2.136   -9.987  1.00 32.18 ? 9   LEU A N   1 
ATOM   55   C  CA  . LEU A 1 9   ? -5.460  1.432   -10.822 1.00 30.88 ? 9   LEU A CA  1 
ATOM   56   C  C   . LEU A 1 9   ? -5.177  0.035   -10.282 1.00 30.03 ? 9   LEU A C   1 
ATOM   57   O  O   . LEU A 1 9   ? -5.448  -0.272  -9.111  1.00 27.92 ? 9   LEU A O   1 
ATOM   58   C  CB  . LEU A 1 9   ? -4.174  2.245   -10.955 1.00 32.42 ? 9   LEU A CB  1 
ATOM   59   C  CG  . LEU A 1 9   ? -3.536  2.824   -9.700  1.00 33.28 ? 9   LEU A CG  1 
ATOM   60   C  CD1 . LEU A 1 9   ? -2.851  1.714   -8.926  1.00 33.27 ? 9   LEU A CD1 1 
ATOM   61   C  CD2 . LEU A 1 9   ? -2.524  3.902   -10.092 1.00 32.45 ? 9   LEU A CD2 1 
ATOM   62   N  N   . GLU A 1 10  ? -4.652  -0.819  -11.145 1.00 28.92 ? 10  GLU A N   1 
ATOM   63   C  CA  . GLU A 1 10  ? -4.351  -2.179  -10.748 1.00 29.95 ? 10  GLU A CA  1 
ATOM   64   C  C   . GLU A 1 10  ? -3.019  -2.216  -10.007 1.00 29.29 ? 10  GLU A C   1 
ATOM   65   O  O   . GLU A 1 10  ? -1.982  -1.853  -10.563 1.00 29.61 ? 10  GLU A O   1 
ATOM   66   C  CB  . GLU A 1 10  ? -4.295  -3.086  -11.983 1.00 31.69 ? 10  GLU A CB  1 
ATOM   67   C  CG  . GLU A 1 10  ? -5.589  -3.100  -12.812 1.00 34.51 ? 10  GLU A CG  1 
ATOM   68   C  CD  . GLU A 1 10  ? -5.589  -4.176  -13.904 1.00 37.72 ? 10  GLU A CD  1 
ATOM   69   O  OE1 . GLU A 1 10  ? -4.555  -4.367  -14.573 1.00 38.75 ? 10  GLU A OE1 1 
ATOM   70   O  OE2 . GLU A 1 10  ? -6.634  -4.824  -14.102 1.00 38.92 ? 10  GLU A OE2 1 
ATOM   71   N  N   . PHE A 1 11  ? -3.061  -2.618  -8.739  1.00 26.81 ? 11  PHE A N   1 
ATOM   72   C  CA  . PHE A 1 11  ? -1.857  -2.725  -7.911  1.00 25.39 ? 11  PHE A CA  1 
ATOM   73   C  C   . PHE A 1 11  ? -1.755  -4.246  -7.788  1.00 25.49 ? 11  PHE A C   1 
ATOM   74   O  O   . PHE A 1 11  ? -2.518  -4.883  -7.053  1.00 24.40 ? 11  PHE A O   1 
ATOM   75   C  CB  . PHE A 1 11  ? -2.097  -2.037  -6.558  1.00 23.64 ? 11  PHE A CB  1 
ATOM   76   C  CG  . PHE A 1 11  ? -0.868  -1.950  -5.671  1.00 22.20 ? 11  PHE A CG  1 
ATOM   77   C  CD1 . PHE A 1 11  ? 0.415   -2.062  -6.201  1.00 23.26 ? 11  PHE A CD1 1 
ATOM   78   C  CD2 . PHE A 1 11  ? -1.007  -1.754  -4.290  1.00 22.34 ? 11  PHE A CD2 1 
ATOM   79   C  CE1 . PHE A 1 11  ? 1.558   -1.985  -5.361  1.00 23.30 ? 11  PHE A CE1 1 
ATOM   80   C  CE2 . PHE A 1 11  ? 0.114   -1.676  -3.449  1.00 22.19 ? 11  PHE A CE2 1 
ATOM   81   C  CZ  . PHE A 1 11  ? 1.396   -1.791  -3.980  1.00 22.57 ? 11  PHE A CZ  1 
ATOM   82   N  N   . LYS A 1 12  ? -0.807  -4.812  -8.526  1.00 25.47 ? 12  LYS A N   1 
ATOM   83   C  CA  . LYS A 1 12  ? -0.655  -6.261  -8.630  1.00 27.83 ? 12  LYS A CA  1 
ATOM   84   C  C   . LYS A 1 12  ? 0.452   -7.001  -7.906  1.00 26.72 ? 12  LYS A C   1 
ATOM   85   O  O   . LYS A 1 12  ? 1.548   -6.486  -7.710  1.00 26.04 ? 12  LYS A O   1 
ATOM   86   C  CB  . LYS A 1 12  ? -0.515  -6.643  -10.111 1.00 30.10 ? 12  LYS A CB  1 
ATOM   87   C  CG  . LYS A 1 12  ? -1.573  -6.087  -11.050 1.00 33.88 ? 12  LYS A CG  1 
ATOM   88   C  CD  . LYS A 1 12  ? -1.242  -6.514  -12.471 1.00 38.30 ? 12  LYS A CD  1 
ATOM   89   C  CE  . LYS A 1 12  ? -2.314  -6.129  -13.470 1.00 41.15 ? 12  LYS A CE  1 
ATOM   90   N  NZ  . LYS A 1 12  ? -1.975  -6.649  -14.838 1.00 44.31 ? 12  LYS A NZ  1 
ATOM   91   N  N   . GLY A 1 13  ? 0.138   -8.239  -7.535  1.00 26.68 ? 13  GLY A N   1 
ATOM   92   C  CA  . GLY A 1 13  ? 1.114   -9.120  -6.927  1.00 27.57 ? 13  GLY A CA  1 
ATOM   93   C  C   . GLY A 1 13  ? 1.363   -10.169 -8.008  1.00 29.16 ? 13  GLY A C   1 
ATOM   94   O  O   . GLY A 1 13  ? 1.131   -9.905  -9.194  1.00 28.82 ? 13  GLY A O   1 
ATOM   95   N  N   . SER A 1 14  ? 1.816   -11.357 -7.638  1.00 30.59 ? 14  SER A N   1 
ATOM   96   C  CA  . SER A 1 14  ? 2.045   -12.380 -8.650  1.00 33.03 ? 14  SER A CA  1 
ATOM   97   C  C   . SER A 1 14  ? 0.761   -13.166 -8.898  1.00 34.75 ? 14  SER A C   1 
ATOM   98   O  O   . SER A 1 14  ? 0.647   -13.870 -9.897  1.00 35.16 ? 14  SER A O   1 
ATOM   99   C  CB  . SER A 1 14  ? 3.161   -13.333 -8.216  1.00 31.82 ? 14  SER A CB  1 
ATOM   100  O  OG  . SER A 1 14  ? 2.833   -14.010 -7.018  1.00 32.84 ? 14  SER A OG  1 
ATOM   101  N  N   . GLN A 1 15  ? -0.207  -13.042 -7.995  1.00 35.10 ? 15  GLN A N   1 
ATOM   102  C  CA  . GLN A 1 15  ? -1.463  -13.768 -8.135  1.00 36.90 ? 15  GLN A CA  1 
ATOM   103  C  C   . GLN A 1 15  ? -2.730  -12.929 -8.042  1.00 36.34 ? 15  GLN A C   1 
ATOM   104  O  O   . GLN A 1 15  ? -3.717  -13.232 -8.705  1.00 36.64 ? 15  GLN A O   1 
ATOM   105  C  CB  . GLN A 1 15  ? -1.537  -14.877 -7.094  1.00 39.43 ? 15  GLN A CB  1 
ATOM   106  C  CG  . GLN A 1 15  ? -0.443  -15.908 -7.231  1.00 44.59 ? 15  GLN A CG  1 
ATOM   107  C  CD  . GLN A 1 15  ? -0.507  -16.941 -6.134  1.00 48.00 ? 15  GLN A CD  1 
ATOM   108  O  OE1 . GLN A 1 15  ? -1.391  -17.806 -6.124  1.00 49.91 ? 15  GLN A OE1 1 
ATOM   109  N  NE2 . GLN A 1 15  ? 0.423   -16.849 -5.182  1.00 49.49 ? 15  GLN A NE2 1 
ATOM   110  N  N   . LYS A 1 16  ? -2.724  -11.887 -7.219  1.00 35.17 ? 16  LYS A N   1 
ATOM   111  C  CA  . LYS A 1 16  ? -3.919  -11.061 -7.095  1.00 33.83 ? 16  LYS A CA  1 
ATOM   112  C  C   . LYS A 1 16  ? -3.719  -9.636  -7.576  1.00 32.63 ? 16  LYS A C   1 
ATOM   113  O  O   . LYS A 1 16  ? -2.599  -9.132  -7.638  1.00 31.04 ? 16  LYS A O   1 
ATOM   114  C  CB  . LYS A 1 16  ? -4.403  -11.007 -5.647  1.00 33.89 ? 16  LYS A CB  1 
ATOM   115  C  CG  . LYS A 1 16  ? -4.726  -12.351 -5.021  1.00 35.33 ? 16  LYS A CG  1 
ATOM   116  C  CD  . LYS A 1 16  ? -5.302  -12.146 -3.632  1.00 34.78 ? 16  LYS A CD  1 
ATOM   117  C  CE  . LYS A 1 16  ? -5.334  -13.447 -2.841  1.00 36.41 ? 16  LYS A CE  1 
ATOM   118  N  NZ  . LYS A 1 16  ? -6.201  -14.481 -3.471  1.00 36.90 ? 16  LYS A NZ  1 
ATOM   119  N  N   . THR A 1 17  ? -4.828  -9.000  -7.933  1.00 31.68 ? 17  THR A N   1 
ATOM   120  C  CA  . THR A 1 17  ? -4.821  -7.613  -8.360  1.00 31.91 ? 17  THR A CA  1 
ATOM   121  C  C   . THR A 1 17  ? -5.759  -6.905  -7.388  1.00 31.24 ? 17  THR A C   1 
ATOM   122  O  O   . THR A 1 17  ? -6.869  -7.376  -7.136  1.00 32.09 ? 17  THR A O   1 
ATOM   123  C  CB  . THR A 1 17  ? -5.356  -7.440  -9.790  1.00 33.26 ? 17  THR A CB  1 
ATOM   124  O  OG1 . THR A 1 17  ? -4.522  -8.157  -10.710 1.00 33.24 ? 17  THR A OG1 1 
ATOM   125  C  CG2 . THR A 1 17  ? -5.358  -5.974  -10.171 1.00 32.27 ? 17  THR A CG2 1 
ATOM   126  N  N   . VAL A 1 18  ? -5.303  -5.790  -6.830  1.00 29.39 ? 18  VAL A N   1 
ATOM   127  C  CA  . VAL A 1 18  ? -6.099  -5.023  -5.881  1.00 27.14 ? 18  VAL A CA  1 
ATOM   128  C  C   . VAL A 1 18  ? -6.301  -3.656  -6.519  1.00 26.43 ? 18  VAL A C   1 
ATOM   129  O  O   . VAL A 1 18  ? -5.336  -3.049  -6.983  1.00 25.98 ? 18  VAL A O   1 
ATOM   130  C  CB  . VAL A 1 18  ? -5.340  -4.870  -4.522  1.00 27.95 ? 18  VAL A CB  1 
ATOM   131  C  CG1 . VAL A 1 18  ? -5.916  -3.719  -3.714  1.00 25.84 ? 18  VAL A CG1 1 
ATOM   132  C  CG2 . VAL A 1 18  ? -5.434  -6.175  -3.728  1.00 27.91 ? 18  VAL A CG2 1 
ATOM   133  N  N   . MET A 1 19  ? -7.543  -3.183  -6.574  1.00 25.42 ? 19  MET A N   1 
ATOM   134  C  CA  . MET A 1 19  ? -7.804  -1.882  -7.177  1.00 26.18 ? 19  MET A CA  1 
ATOM   135  C  C   . MET A 1 19  ? -7.451  -0.796  -6.169  1.00 25.16 ? 19  MET A C   1 
ATOM   136  O  O   . MET A 1 19  ? -8.044  -0.717  -5.099  1.00 24.91 ? 19  MET A O   1 
ATOM   137  C  CB  . MET A 1 19  ? -9.273  -1.746  -7.594  1.00 27.61 ? 19  MET A CB  1 
ATOM   138  C  CG  . MET A 1 19  ? -9.703  -2.705  -8.700  1.00 27.63 ? 19  MET A CG  1 
ATOM   139  S  SD  . MET A 1 19  ? -8.507  -2.833  -10.033 1.00 31.70 ? 19  MET A SD  1 
ATOM   140  C  CE  . MET A 1 19  ? -8.676  -1.236  -10.813 1.00 29.80 ? 19  MET A CE  1 
ATOM   141  N  N   . PHE A 1 20  ? -6.479  0.035   -6.515  1.00 24.16 ? 20  PHE A N   1 
ATOM   142  C  CA  . PHE A 1 20  ? -6.060  1.104   -5.624  1.00 22.86 ? 20  PHE A CA  1 
ATOM   143  C  C   . PHE A 1 20  ? -6.582  2.480   -6.053  1.00 22.59 ? 20  PHE A C   1 
ATOM   144  O  O   . PHE A 1 20  ? -6.232  2.979   -7.118  1.00 22.76 ? 20  PHE A O   1 
ATOM   145  C  CB  . PHE A 1 20  ? -4.538  1.176   -5.543  1.00 21.74 ? 20  PHE A CB  1 
ATOM   146  C  CG  . PHE A 1 20  ? -4.067  2.308   -4.697  1.00 20.83 ? 20  PHE A CG  1 
ATOM   147  C  CD1 . PHE A 1 20  ? -4.119  2.212   -3.310  1.00 21.74 ? 20  PHE A CD1 1 
ATOM   148  C  CD2 . PHE A 1 20  ? -3.713  3.521   -5.277  1.00 21.65 ? 20  PHE A CD2 1 
ATOM   149  C  CE1 . PHE A 1 20  ? -3.839  3.310   -2.508  1.00 22.13 ? 20  PHE A CE1 1 
ATOM   150  C  CE2 . PHE A 1 20  ? -3.434  4.638   -4.475  1.00 20.93 ? 20  PHE A CE2 1 
ATOM   151  C  CZ  . PHE A 1 20  ? -3.500  4.525   -3.091  1.00 21.56 ? 20  PHE A CZ  1 
ATOM   152  N  N   . PRO A 1 21  ? -7.395  3.123   -5.204  1.00 22.40 ? 21  PRO A N   1 
ATOM   153  C  CA  . PRO A 1 21  ? -7.946  4.444   -5.529  1.00 22.82 ? 21  PRO A CA  1 
ATOM   154  C  C   . PRO A 1 21  ? -7.231  5.599   -4.843  1.00 23.08 ? 21  PRO A C   1 
ATOM   155  O  O   . PRO A 1 21  ? -7.109  5.620   -3.608  1.00 22.55 ? 21  PRO A O   1 
ATOM   156  C  CB  . PRO A 1 21  ? -9.390  4.317   -5.070  1.00 23.01 ? 21  PRO A CB  1 
ATOM   157  C  CG  . PRO A 1 21  ? -9.238  3.530   -3.795  1.00 23.56 ? 21  PRO A CG  1 
ATOM   158  C  CD  . PRO A 1 21  ? -8.153  2.497   -4.103  1.00 22.56 ? 21  PRO A CD  1 
ATOM   159  N  N   . HIS A 1 22  ? -6.753  6.559   -5.632  1.00 23.16 ? 22  HIS A N   1 
ATOM   160  C  CA  . HIS A 1 22  ? -6.070  7.715   -5.064  1.00 22.85 ? 22  HIS A CA  1 
ATOM   161  C  C   . HIS A 1 22  ? -7.062  8.708   -4.465  1.00 24.19 ? 22  HIS A C   1 
ATOM   162  O  O   . HIS A 1 22  ? -6.793  9.312   -3.422  1.00 23.93 ? 22  HIS A O   1 
ATOM   163  C  CB  . HIS A 1 22  ? -5.246  8.457   -6.117  1.00 22.91 ? 22  HIS A CB  1 
ATOM   164  C  CG  . HIS A 1 22  ? -3.895  7.869   -6.360  1.00 21.86 ? 22  HIS A CG  1 
ATOM   165  N  ND1 . HIS A 1 22  ? -3.663  6.769   -7.155  1.00 22.71 ? 22  HIS A ND1 1 
ATOM   166  C  CD2 . HIS A 1 22  ? -2.679  8.259   -5.905  1.00 21.78 ? 22  HIS A CD2 1 
ATOM   167  C  CE1 . HIS A 1 22  ? -2.338  6.544   -7.163  1.00 21.68 ? 22  HIS A CE1 1 
ATOM   168  N  NE2 . HIS A 1 22  ? -1.704  7.426   -6.414  1.00 20.89 ? 22  HIS A NE2 1 
ATOM   169  N  N   . ALA A 1 23  ? -8.208  8.868   -5.116  1.00 24.21 ? 23  ALA A N   1 
ATOM   170  C  CA  . ALA A 1 23  ? -9.213  9.827   -4.663  1.00 24.37 ? 23  ALA A CA  1 
ATOM   171  C  C   . ALA A 1 23  ? -9.533  9.738   -3.177  1.00 24.49 ? 23  ALA A C   1 
ATOM   172  O  O   . ALA A 1 23  ? -9.575  10.754  -2.480  1.00 23.57 ? 23  ALA A O   1 
ATOM   173  C  CB  . ALA A 1 23  ? -10.492 9.663   -5.487  1.00 25.73 ? 23  ALA A CB  1 
ATOM   174  N  N   . VAL A 1 24  ? -9.756  8.521   -2.689  1.00 23.73 ? 24  VAL A N   1 
ATOM   175  C  CA  . VAL A 1 24  ? -10.092 8.315   -1.289  1.00 24.11 ? 24  VAL A CA  1 
ATOM   176  C  C   . VAL A 1 24  ? -8.941  8.666   -0.339  1.00 23.07 ? 24  VAL A C   1 
ATOM   177  O  O   . VAL A 1 24  ? -9.164  8.923   0.842   1.00 24.17 ? 24  VAL A O   1 
ATOM   178  C  CB  . VAL A 1 24  ? -10.534 6.847   -1.042  1.00 26.22 ? 24  VAL A CB  1 
ATOM   179  C  CG1 . VAL A 1 24  ? -9.375  5.913   -1.273  1.00 27.87 ? 24  VAL A CG1 1 
ATOM   180  C  CG2 . VAL A 1 24  ? -11.060 6.685   0.375   1.00 27.61 ? 24  VAL A CG2 1 
ATOM   181  N  N   . HIS A 1 25  ? -7.718  8.694   -0.859  1.00 21.77 ? 25  HIS A N   1 
ATOM   182  C  CA  . HIS A 1 25  ? -6.547  9.013   -0.048  1.00 22.25 ? 25  HIS A CA  1 
ATOM   183  C  C   . HIS A 1 25  ? -6.045  10.422  -0.317  1.00 23.06 ? 25  HIS A C   1 
ATOM   184  O  O   . HIS A 1 25  ? -4.881  10.707  -0.075  1.00 22.91 ? 25  HIS A O   1 
ATOM   185  C  CB  . HIS A 1 25  ? -5.399  8.040   -0.343  1.00 21.03 ? 25  HIS A CB  1 
ATOM   186  C  CG  . HIS A 1 25  ? -5.721  6.614   -0.025  1.00 21.16 ? 25  HIS A CG  1 
ATOM   187  N  ND1 . HIS A 1 25  ? -6.262  5.721   -0.922  1.00 20.46 ? 25  HIS A ND1 1 
ATOM   188  C  CD2 . HIS A 1 25  ? -5.592  5.931   1.141   1.00 21.33 ? 25  HIS A CD2 1 
ATOM   189  C  CE1 . HIS A 1 25  ? -6.437  4.555   -0.287  1.00 22.32 ? 25  HIS A CE1 1 
ATOM   190  N  NE2 . HIS A 1 25  ? -6.043  4.634   0.967   1.00 19.43 ? 25  HIS A NE2 1 
ATOM   191  N  N   . ALA A 1 26  ? -6.913  11.304  -0.806  1.00 24.10 ? 26  ALA A N   1 
ATOM   192  C  CA  . ALA A 1 26  ? -6.485  12.670  -1.135  1.00 26.54 ? 26  ALA A CA  1 
ATOM   193  C  C   . ALA A 1 26  ? -5.953  13.479  0.057   1.00 27.40 ? 26  ALA A C   1 
ATOM   194  O  O   . ALA A 1 26  ? -5.178  14.411  -0.120  1.00 28.01 ? 26  ALA A O   1 
ATOM   195  C  CB  . ALA A 1 26  ? -7.641  13.433  -1.824  1.00 27.64 ? 26  ALA A CB  1 
ATOM   196  N  N   . LYS A 1 27  ? -6.365  13.134  1.266   1.00 27.18 ? 27  LYS A N   1 
ATOM   197  C  CA  . LYS A 1 27  ? -5.897  13.875  2.432   1.00 29.26 ? 27  LYS A CA  1 
ATOM   198  C  C   . LYS A 1 27  ? -4.543  13.393  2.942   1.00 28.88 ? 27  LYS A C   1 
ATOM   199  O  O   . LYS A 1 27  ? -3.988  13.974  3.881   1.00 29.10 ? 27  LYS A O   1 
ATOM   200  C  CB  . LYS A 1 27  ? -6.932  13.803  3.552   1.00 31.55 ? 27  LYS A CB  1 
ATOM   201  C  CG  . LYS A 1 27  ? -8.187  14.647  3.275   1.00 34.37 ? 27  LYS A CG  1 
ATOM   202  C  CD  . LYS A 1 27  ? -9.153  14.594  4.457   1.00 37.85 ? 27  LYS A CD  1 
ATOM   203  C  CE  . LYS A 1 27  ? -10.173 15.730  4.412   1.00 39.65 ? 27  LYS A CE  1 
ATOM   204  N  NZ  . LYS A 1 27  ? -10.883 15.783  3.110   1.00 41.26 ? 27  LYS A NZ  1 
ATOM   205  N  N   . VAL A 1 28  ? -4.027  12.334  2.314   1.00 27.05 ? 28  VAL A N   1 
ATOM   206  C  CA  . VAL A 1 28  ? -2.742  11.727  2.669   1.00 26.42 ? 28  VAL A CA  1 
ATOM   207  C  C   . VAL A 1 28  ? -1.659  12.295  1.741   1.00 27.02 ? 28  VAL A C   1 
ATOM   208  O  O   . VAL A 1 28  ? -1.798  12.229  0.513   1.00 26.43 ? 28  VAL A O   1 
ATOM   209  C  CB  . VAL A 1 28  ? -2.817  10.178  2.491   1.00 25.80 ? 28  VAL A CB  1 
ATOM   210  C  CG1 . VAL A 1 28  ? -1.495  9.511   2.865   1.00 24.85 ? 28  VAL A CG1 1 
ATOM   211  C  CG2 . VAL A 1 28  ? -3.947  9.619   3.360   1.00 26.56 ? 28  VAL A CG2 1 
ATOM   212  N  N   . GLU A 1 29  ? -0.592  12.856  2.311   1.00 25.72 ? 29  GLU A N   1 
ATOM   213  C  CA  . GLU A 1 29  ? 0.490   13.410  1.486   1.00 26.09 ? 29  GLU A CA  1 
ATOM   214  C  C   . GLU A 1 29  ? 1.090   12.306  0.612   1.00 23.63 ? 29  GLU A C   1 
ATOM   215  O  O   . GLU A 1 29  ? 1.263   11.179  1.064   1.00 21.75 ? 29  GLU A O   1 
ATOM   216  C  CB  . GLU A 1 29  ? 1.596   13.993  2.357   1.00 27.78 ? 29  GLU A CB  1 
ATOM   217  C  CG  . GLU A 1 29  ? 1.195   15.224  3.151   1.00 32.93 ? 29  GLU A CG  1 
ATOM   218  C  CD  . GLU A 1 29  ? 2.309   15.682  4.078   1.00 35.61 ? 29  GLU A CD  1 
ATOM   219  O  OE1 . GLU A 1 29  ? 3.457   15.803  3.608   1.00 38.58 ? 29  GLU A OE1 1 
ATOM   220  O  OE2 . GLU A 1 29  ? 2.044   15.923  5.272   1.00 39.51 ? 29  GLU A OE2 1 
ATOM   221  N  N   . CYS A 1 30  ? 1.418   12.644  -0.629  1.00 22.61 ? 30  CYS A N   1 
ATOM   222  C  CA  . CYS A 1 30  ? 1.986   11.677  -1.561  1.00 21.08 ? 30  CYS A CA  1 
ATOM   223  C  C   . CYS A 1 30  ? 3.126   10.864  -0.968  1.00 21.65 ? 30  CYS A C   1 
ATOM   224  O  O   . CYS A 1 30  ? 3.156   9.634   -1.086  1.00 20.09 ? 30  CYS A O   1 
ATOM   225  C  CB  . CYS A 1 30  ? 2.535   12.384  -2.799  1.00 22.61 ? 30  CYS A CB  1 
ATOM   226  S  SG  . CYS A 1 30  ? 1.410   13.545  -3.582  1.00 23.46 ? 30  CYS A SG  1 
ATOM   227  N  N   . VAL A 1 31  ? 4.076   11.568  -0.354  1.00 20.63 ? 31  VAL A N   1 
ATOM   228  C  CA  . VAL A 1 31  ? 5.267   10.944  0.211   1.00 20.23 ? 31  VAL A CA  1 
ATOM   229  C  C   . VAL A 1 31  ? 5.001   9.874   1.270   1.00 19.21 ? 31  VAL A C   1 
ATOM   230  O  O   . VAL A 1 31  ? 5.851   9.018   1.530   1.00 18.93 ? 31  VAL A O   1 
ATOM   231  C  CB  . VAL A 1 31  ? 6.217   12.031  0.773   1.00 23.25 ? 31  VAL A CB  1 
ATOM   232  C  CG1 . VAL A 1 31  ? 5.555   12.761  1.935   1.00 21.95 ? 31  VAL A CG1 1 
ATOM   233  C  CG2 . VAL A 1 31  ? 7.548   11.404  1.177   1.00 23.86 ? 31  VAL A CG2 1 
ATOM   234  N  N   . THR A 1 32  ? 3.823   9.909   1.876   1.00 19.14 ? 32  THR A N   1 
ATOM   235  C  CA  . THR A 1 32  ? 3.474   8.905   2.885   1.00 18.65 ? 32  THR A CA  1 
ATOM   236  C  C   . THR A 1 32  ? 3.648   7.493   2.291   1.00 18.45 ? 32  THR A C   1 
ATOM   237  O  O   . THR A 1 32  ? 4.169   6.570   2.939   1.00 17.84 ? 32  THR A O   1 
ATOM   238  C  CB  . THR A 1 32  ? 2.005   9.073   3.323   1.00 19.93 ? 32  THR A CB  1 
ATOM   239  O  OG1 . THR A 1 32  ? 1.821   10.380  3.886   1.00 18.95 ? 32  THR A OG1 1 
ATOM   240  C  CG2 . THR A 1 32  ? 1.633   8.030   4.355   1.00 20.38 ? 32  THR A CG2 1 
ATOM   241  N  N   . CYS A 1 33  ? 3.192   7.337   1.055   1.00 17.50 ? 33  CYS A N   1 
ATOM   242  C  CA  . CYS A 1 33  ? 3.256   6.055   0.347   1.00 17.71 ? 33  CYS A CA  1 
ATOM   243  C  C   . CYS A 1 33  ? 4.415   6.027   -0.627  1.00 17.83 ? 33  CYS A C   1 
ATOM   244  O  O   . CYS A 1 33  ? 5.183   5.073   -0.660  1.00 18.35 ? 33  CYS A O   1 
ATOM   245  C  CB  . CYS A 1 33  ? 1.953   5.825   -0.419  1.00 16.37 ? 33  CYS A CB  1 
ATOM   246  S  SG  . CYS A 1 33  ? 0.484   5.889   0.620   1.00 16.48 ? 33  CYS A SG  1 
ATOM   247  N  N   . HIS A 1 34  ? 4.537   7.078   -1.435  1.00 18.59 ? 34  HIS A N   1 
ATOM   248  C  CA  . HIS A 1 34  ? 5.630   7.163   -2.402  1.00 18.98 ? 34  HIS A CA  1 
ATOM   249  C  C   . HIS A 1 34  ? 6.834   7.726   -1.642  1.00 21.15 ? 34  HIS A C   1 
ATOM   250  O  O   . HIS A 1 34  ? 7.217   8.888   -1.807  1.00 20.25 ? 34  HIS A O   1 
ATOM   251  C  CB  . HIS A 1 34  ? 5.234   8.086   -3.550  1.00 18.14 ? 34  HIS A CB  1 
ATOM   252  C  CG  . HIS A 1 34  ? 4.087   7.573   -4.373  1.00 16.10 ? 34  HIS A CG  1 
ATOM   253  N  ND1 . HIS A 1 34  ? 4.188   6.536   -5.274  1.00 16.99 ? 34  HIS A ND1 1 
ATOM   254  C  CD2 . HIS A 1 34  ? 2.793   7.981   -4.431  1.00 17.95 ? 34  HIS A CD2 1 
ATOM   255  C  CE1 . HIS A 1 34  ? 2.985   6.350   -5.849  1.00 15.44 ? 34  HIS A CE1 1 
ATOM   256  N  NE2 . HIS A 1 34  ? 2.092   7.199   -5.379  1.00 13.22 ? 34  HIS A NE2 1 
ATOM   257  N  N   . HIS A 1 35  ? 7.426   6.890   -0.804  1.00 22.34 ? 35  HIS A N   1 
ATOM   258  C  CA  . HIS A 1 35  ? 8.537   7.332   0.022   1.00 22.64 ? 35  HIS A CA  1 
ATOM   259  C  C   . HIS A 1 35  ? 9.783   7.737   -0.744  1.00 24.70 ? 35  HIS A C   1 
ATOM   260  O  O   . HIS A 1 35  ? 10.050  7.254   -1.843  1.00 23.17 ? 35  HIS A O   1 
ATOM   261  C  CB  . HIS A 1 35  ? 8.868   6.252   1.058   1.00 19.01 ? 35  HIS A CB  1 
ATOM   262  C  CG  . HIS A 1 35  ? 9.428   4.995   0.467   1.00 20.38 ? 35  HIS A CG  1 
ATOM   263  N  ND1 . HIS A 1 35  ? 10.720  4.865   0.009   1.00 18.41 ? 35  HIS A ND1 1 
ATOM   264  C  CD2 . HIS A 1 35  ? 8.848   3.785   0.270   1.00 17.84 ? 35  HIS A CD2 1 
ATOM   265  C  CE1 . HIS A 1 35  ? 10.872  3.607   -0.438  1.00 19.66 ? 35  HIS A CE1 1 
ATOM   266  N  NE2 . HIS A 1 35  ? 9.760   2.913   -0.299  1.00 18.44 ? 35  HIS A NE2 1 
ATOM   267  N  N   . GLN A 1 36  ? 10.547  8.647   -0.148  1.00 27.26 ? 36  GLN A N   1 
ATOM   268  C  CA  . GLN A 1 36  ? 11.780  9.113   -0.754  1.00 30.59 ? 36  GLN A CA  1 
ATOM   269  C  C   . GLN A 1 36  ? 12.765  7.959   -0.869  1.00 31.23 ? 36  GLN A C   1 
ATOM   270  O  O   . GLN A 1 36  ? 12.731  7.021   -0.083  1.00 30.35 ? 36  GLN A O   1 
ATOM   271  C  CB  . GLN A 1 36  ? 12.403  10.217  0.100   1.00 33.37 ? 36  GLN A CB  1 
ATOM   272  C  CG  . GLN A 1 36  ? 11.608  11.504  0.118   1.00 36.80 ? 36  GLN A CG  1 
ATOM   273  C  CD  . GLN A 1 36  ? 12.198  12.528  1.070   1.00 40.03 ? 36  GLN A CD  1 
ATOM   274  O  OE1 . GLN A 1 36  ? 13.366  12.906  0.956   1.00 42.60 ? 36  GLN A OE1 1 
ATOM   275  N  NE2 . GLN A 1 36  ? 11.391  12.985  2.017   1.00 42.99 ? 36  GLN A NE2 1 
ATOM   276  N  N   . VAL A 1 37  ? 13.631  8.034   -1.872  1.00 33.39 ? 37  VAL A N   1 
ATOM   277  C  CA  . VAL A 1 37  ? 14.646  7.019   -2.095  1.00 36.30 ? 37  VAL A CA  1 
ATOM   278  C  C   . VAL A 1 37  ? 15.941  7.788   -2.340  1.00 38.60 ? 37  VAL A C   1 
ATOM   279  O  O   . VAL A 1 37  ? 16.015  8.629   -3.238  1.00 38.03 ? 37  VAL A O   1 
ATOM   280  C  CB  . VAL A 1 37  ? 14.310  6.131   -3.317  1.00 37.34 ? 37  VAL A CB  1 
ATOM   281  C  CG1 . VAL A 1 37  ? 15.458  5.152   -3.582  1.00 37.72 ? 37  VAL A CG1 1 
ATOM   282  C  CG2 . VAL A 1 37  ? 13.014  5.351   -3.052  1.00 36.81 ? 37  VAL A CG2 1 
ATOM   283  N  N   . ASP A 1 38  ? 16.944  7.509   -1.514  1.00 40.57 ? 38  ASP A N   1 
ATOM   284  C  CA  . ASP A 1 38  ? 18.229  8.185   -1.605  1.00 43.83 ? 38  ASP A CA  1 
ATOM   285  C  C   . ASP A 1 38  ? 18.038  9.693   -1.536  1.00 44.51 ? 38  ASP A C   1 
ATOM   286  O  O   . ASP A 1 38  ? 18.626  10.440  -2.314  1.00 44.80 ? 38  ASP A O   1 
ATOM   287  C  CB  . ASP A 1 38  ? 18.962  7.802   -2.898  1.00 45.89 ? 38  ASP A CB  1 
ATOM   288  C  CG  . ASP A 1 38  ? 19.504  6.374   -2.864  1.00 47.68 ? 38  ASP A CG  1 
ATOM   289  O  OD1 . ASP A 1 38  ? 19.913  5.909   -1.772  1.00 49.73 ? 38  ASP A OD1 1 
ATOM   290  O  OD2 . ASP A 1 38  ? 19.538  5.716   -3.929  1.00 48.49 ? 38  ASP A OD2 1 
ATOM   291  N  N   . GLY A 1 39  ? 17.195  10.129  -0.605  1.00 45.41 ? 39  GLY A N   1 
ATOM   292  C  CA  . GLY A 1 39  ? 16.943  11.546  -0.424  1.00 46.42 ? 39  GLY A CA  1 
ATOM   293  C  C   . GLY A 1 39  ? 16.096  12.237  -1.478  1.00 47.06 ? 39  GLY A C   1 
ATOM   294  O  O   . GLY A 1 39  ? 15.822  13.433  -1.363  1.00 47.11 ? 39  GLY A O   1 
ATOM   295  N  N   . LYS A 1 40  ? 15.660  11.502  -2.495  1.00 47.31 ? 40  LYS A N   1 
ATOM   296  C  CA  . LYS A 1 40  ? 14.856  12.104  -3.554  1.00 46.98 ? 40  LYS A CA  1 
ATOM   297  C  C   . LYS A 1 40  ? 13.443  11.536  -3.674  1.00 45.86 ? 40  LYS A C   1 
ATOM   298  O  O   . LYS A 1 40  ? 13.170  10.415  -3.248  1.00 44.45 ? 40  LYS A O   1 
ATOM   299  C  CB  . LYS A 1 40  ? 15.561  11.938  -4.901  1.00 48.50 ? 40  LYS A CB  1 
ATOM   300  C  CG  . LYS A 1 40  ? 17.015  12.374  -4.914  1.00 50.44 ? 40  LYS A CG  1 
ATOM   301  C  CD  . LYS A 1 40  ? 17.612  12.189  -6.301  1.00 51.21 ? 40  LYS A CD  1 
ATOM   302  C  CE  . LYS A 1 40  ? 19.112  12.397  -6.285  1.00 52.54 ? 40  LYS A CE  1 
ATOM   303  N  NZ  . LYS A 1 40  ? 19.792  11.403  -5.400  1.00 53.94 ? 40  LYS A NZ  1 
ATOM   304  N  N   . GLU A 1 41  ? 12.555  12.324  -4.271  1.00 44.98 ? 41  GLU A N   1 
ATOM   305  C  CA  . GLU A 1 41  ? 11.174  11.913  -4.486  1.00 44.36 ? 41  GLU A CA  1 
ATOM   306  C  C   . GLU A 1 41  ? 11.185  10.764  -5.492  1.00 42.18 ? 41  GLU A C   1 
ATOM   307  O  O   . GLU A 1 41  ? 12.107  10.653  -6.302  1.00 41.89 ? 41  GLU A O   1 
ATOM   308  C  CB  . GLU A 1 41  ? 10.346  13.073  -5.065  1.00 46.62 ? 41  GLU A CB  1 
ATOM   309  C  CG  . GLU A 1 41  ? 10.794  13.526  -6.467  1.00 49.88 ? 41  GLU A CG  1 
ATOM   310  C  CD  . GLU A 1 41  ? 9.782   14.431  -7.175  1.00 51.12 ? 41  GLU A CD  1 
ATOM   311  O  OE1 . GLU A 1 41  ? 9.363   15.452  -6.586  1.00 51.88 ? 41  GLU A OE1 1 
ATOM   312  O  OE2 . GLU A 1 41  ? 9.410   14.123  -8.333  1.00 52.89 ? 41  GLU A OE2 1 
ATOM   313  N  N   . SER A 1 42  ? 10.167  9.914   -5.437  1.00 39.42 ? 42  SER A N   1 
ATOM   314  C  CA  . SER A 1 42  ? 10.066  8.791   -6.364  1.00 36.15 ? 42  SER A CA  1 
ATOM   315  C  C   . SER A 1 42  ? 8.630   8.346   -6.516  1.00 33.24 ? 42  SER A C   1 
ATOM   316  O  O   . SER A 1 42  ? 7.935   8.136   -5.528  1.00 31.94 ? 42  SER A O   1 
ATOM   317  C  CB  . SER A 1 42  ? 10.888  7.600   -5.878  1.00 37.54 ? 42  SER A CB  1 
ATOM   318  O  OG  . SER A 1 42  ? 10.732  6.511   -6.774  1.00 38.93 ? 42  SER A OG  1 
ATOM   319  N  N   . PHE A 1 43  ? 8.185   8.218   -7.756  1.00 30.33 ? 43  PHE A N   1 
ATOM   320  C  CA  . PHE A 1 43  ? 6.832   7.766   -8.023  1.00 29.31 ? 43  PHE A CA  1 
ATOM   321  C  C   . PHE A 1 43  ? 6.835   6.498   -8.870  1.00 27.80 ? 43  PHE A C   1 
ATOM   322  O  O   . PHE A 1 43  ? 5.839   6.175   -9.500  1.00 28.21 ? 43  PHE A O   1 
ATOM   323  C  CB  . PHE A 1 43  ? 6.019   8.855   -8.717  1.00 30.22 ? 43  PHE A CB  1 
ATOM   324  C  CG  . PHE A 1 43  ? 5.772   10.054  -7.856  1.00 31.20 ? 43  PHE A CG  1 
ATOM   325  C  CD1 . PHE A 1 43  ? 6.673   11.109  -7.838  1.00 31.30 ? 43  PHE A CD1 1 
ATOM   326  C  CD2 . PHE A 1 43  ? 4.664   10.103  -7.018  1.00 31.43 ? 43  PHE A CD2 1 
ATOM   327  C  CE1 . PHE A 1 43  ? 6.475   12.197  -6.989  1.00 33.05 ? 43  PHE A CE1 1 
ATOM   328  C  CE2 . PHE A 1 43  ? 4.455   11.179  -6.170  1.00 31.67 ? 43  PHE A CE2 1 
ATOM   329  C  CZ  . PHE A 1 43  ? 5.364   12.232  -6.152  1.00 32.02 ? 43  PHE A CZ  1 
ATOM   330  N  N   . ALA A 1 44  ? 7.953   5.783   -8.883  1.00 26.71 ? 44  ALA A N   1 
ATOM   331  C  CA  . ALA A 1 44  ? 8.033   4.540   -9.646  1.00 27.25 ? 44  ALA A CA  1 
ATOM   332  C  C   . ALA A 1 44  ? 7.151   3.484   -8.976  1.00 26.89 ? 44  ALA A C   1 
ATOM   333  O  O   . ALA A 1 44  ? 6.830   3.587   -7.783  1.00 27.15 ? 44  ALA A O   1 
ATOM   334  C  CB  . ALA A 1 44  ? 9.477   4.050   -9.712  1.00 28.96 ? 44  ALA A CB  1 
ATOM   335  N  N   . LYS A 1 45  ? 6.757   2.471   -9.741  1.00 25.92 ? 45  LYS A N   1 
ATOM   336  C  CA  . LYS A 1 45  ? 5.920   1.404   -9.208  1.00 24.52 ? 45  LYS A CA  1 
ATOM   337  C  C   . LYS A 1 45  ? 6.660   0.673   -8.091  1.00 22.88 ? 45  LYS A C   1 
ATOM   338  O  O   . LYS A 1 45  ? 7.871   0.449   -8.178  1.00 23.34 ? 45  LYS A O   1 
ATOM   339  C  CB  . LYS A 1 45  ? 5.515   0.435   -10.322 1.00 26.52 ? 45  LYS A CB  1 
ATOM   340  C  CG  . LYS A 1 45  ? 4.556   1.039   -11.337 1.00 29.72 ? 45  LYS A CG  1 
ATOM   341  C  CD  . LYS A 1 45  ? 3.919   -0.055  -12.191 1.00 32.55 ? 45  LYS A CD  1 
ATOM   342  C  CE  . LYS A 1 45  ? 2.700   0.445   -12.953 1.00 34.21 ? 45  LYS A CE  1 
ATOM   343  N  NZ  . LYS A 1 45  ? 3.030   1.449   -14.011 1.00 36.01 ? 45  LYS A NZ  1 
ATOM   344  N  N   . CYS A 1 46  ? 5.919   0.306   -7.043  1.00 21.26 ? 46  CYS A N   1 
ATOM   345  C  CA  . CYS A 1 46  ? 6.495   -0.341  -5.872  1.00 20.91 ? 46  CYS A CA  1 
ATOM   346  C  C   . CYS A 1 46  ? 7.311   -1.589  -6.208  1.00 19.85 ? 46  CYS A C   1 
ATOM   347  O  O   . CYS A 1 46  ? 8.400   -1.788  -5.670  1.00 18.63 ? 46  CYS A O   1 
ATOM   348  C  CB  . CYS A 1 46  ? 5.375   -0.691  -4.863  1.00 19.91 ? 46  CYS A CB  1 
ATOM   349  S  SG  . CYS A 1 46  ? 4.172   0.674   -4.583  1.00 19.51 ? 46  CYS A SG  1 
ATOM   350  N  N   . GLY A 1 47  ? 6.787   -2.418  -7.102  1.00 21.07 ? 47  GLY A N   1 
ATOM   351  C  CA  . GLY A 1 47  ? 7.477   -3.645  -7.460  1.00 22.16 ? 47  GLY A CA  1 
ATOM   352  C  C   . GLY A 1 47  ? 8.363   -3.639  -8.699  1.00 24.02 ? 47  GLY A C   1 
ATOM   353  O  O   . GLY A 1 47  ? 8.678   -4.714  -9.226  1.00 22.41 ? 47  GLY A O   1 
ATOM   354  N  N   . SER A 1 48  ? 8.791   -2.465  -9.162  1.00 23.60 ? 48  SER A N   1 
ATOM   355  C  CA  . SER A 1 48  ? 9.643   -2.402  -10.354 1.00 24.00 ? 48  SER A CA  1 
ATOM   356  C  C   . SER A 1 48  ? 11.032  -2.940  -10.021 1.00 24.76 ? 48  SER A C   1 
ATOM   357  O  O   . SER A 1 48  ? 11.396  -3.025  -8.845  1.00 25.07 ? 48  SER A O   1 
ATOM   358  C  CB  . SER A 1 48  ? 9.731   -0.958  -10.865 1.00 25.26 ? 48  SER A CB  1 
ATOM   359  O  OG  . SER A 1 48  ? 10.044  -0.056  -9.821  1.00 26.06 ? 48  SER A OG  1 
ATOM   360  N  N   . SER A 1 49  ? 11.802  -3.309  -11.049 1.00 23.60 ? 49  SER A N   1 
ATOM   361  C  CA  . SER A 1 49  ? 13.147  -3.859  -10.860 1.00 24.42 ? 49  SER A CA  1 
ATOM   362  C  C   . SER A 1 49  ? 14.023  -3.046  -9.949  1.00 24.00 ? 49  SER A C   1 
ATOM   363  O  O   . SER A 1 49  ? 14.241  -1.860  -10.179 1.00 24.89 ? 49  SER A O   1 
ATOM   364  C  CB  . SER A 1 49  ? 13.889  -4.007  -12.202 1.00 23.87 ? 49  SER A CB  1 
ATOM   365  O  OG  . SER A 1 49  ? 13.273  -4.973  -13.011 1.00 23.99 ? 49  SER A OG  1 
ATOM   366  N  N   . GLY A 1 50  ? 14.554  -3.694  -8.922  1.00 25.07 ? 50  GLY A N   1 
ATOM   367  C  CA  . GLY A 1 50  ? 15.428  -2.986  -8.013  1.00 24.42 ? 50  GLY A CA  1 
ATOM   368  C  C   . GLY A 1 50  ? 14.720  -2.477  -6.780  1.00 24.38 ? 50  GLY A C   1 
ATOM   369  O  O   . GLY A 1 50  ? 15.370  -2.124  -5.807  1.00 26.02 ? 50  GLY A O   1 
ATOM   370  N  N   . CYS A 1 51  ? 13.391  -2.451  -6.814  1.00 24.46 ? 51  CYS A N   1 
ATOM   371  C  CA  . CYS A 1 51  ? 12.615  -1.972  -5.675  1.00 22.81 ? 51  CYS A CA  1 
ATOM   372  C  C   . CYS A 1 51  ? 12.067  -3.176  -4.889  1.00 21.69 ? 51  CYS A C   1 
ATOM   373  O  O   . CYS A 1 51  ? 12.864  -4.000  -4.431  1.00 21.81 ? 51  CYS A O   1 
ATOM   374  C  CB  . CYS A 1 51  ? 11.524  -1.042  -6.195  1.00 22.84 ? 51  CYS A CB  1 
ATOM   375  S  SG  . CYS A 1 51  ? 12.247  0.484   -6.962  1.00 22.08 ? 51  CYS A SG  1 
ATOM   376  N  N   . HIS A 1 52  ? 10.749  -3.286  -4.713  1.00 19.92 ? 52  HIS A N   1 
ATOM   377  C  CA  . HIS A 1 52  ? 10.164  -4.427  -3.982  1.00 19.68 ? 52  HIS A CA  1 
ATOM   378  C  C   . HIS A 1 52  ? 9.758   -5.396  -5.081  1.00 20.90 ? 52  HIS A C   1 
ATOM   379  O  O   . HIS A 1 52  ? 8.572   -5.711  -5.262  1.00 21.88 ? 52  HIS A O   1 
ATOM   380  C  CB  . HIS A 1 52  ? 8.940   -3.970  -3.157  1.00 17.72 ? 52  HIS A CB  1 
ATOM   381  C  CG  . HIS A 1 52  ? 9.263   -2.871  -2.190  1.00 16.55 ? 52  HIS A CG  1 
ATOM   382  N  ND1 . HIS A 1 52  ? 10.041  -3.042  -1.068  1.00 16.01 ? 52  HIS A ND1 1 
ATOM   383  C  CD2 . HIS A 1 52  ? 9.059   -1.532  -2.290  1.00 16.06 ? 52  HIS A CD2 1 
ATOM   384  C  CE1 . HIS A 1 52  ? 10.294  -1.826  -0.558  1.00 16.79 ? 52  HIS A CE1 1 
ATOM   385  N  NE2 . HIS A 1 52  ? 9.712   -0.880  -1.273  1.00 13.84 ? 52  HIS A NE2 1 
ATOM   386  N  N   . ASP A 1 53  ? 10.769  -5.878  -5.800  1.00 22.25 ? 53  ASP A N   1 
ATOM   387  C  CA  . ASP A 1 53  ? 10.539  -6.736  -6.954  1.00 24.15 ? 53  ASP A CA  1 
ATOM   388  C  C   . ASP A 1 53  ? 10.397  -8.237  -6.762  1.00 25.69 ? 53  ASP A C   1 
ATOM   389  O  O   . ASP A 1 53  ? 10.428  -8.984  -7.735  1.00 25.29 ? 53  ASP A O   1 
ATOM   390  C  CB  . ASP A 1 53  ? 11.572  -6.432  -8.062  1.00 24.05 ? 53  ASP A CB  1 
ATOM   391  C  CG  . ASP A 1 53  ? 13.005  -6.726  -7.656  1.00 27.06 ? 53  ASP A CG  1 
ATOM   392  O  OD1 . ASP A 1 53  ? 13.221  -7.302  -6.572  1.00 26.63 ? 53  ASP A OD1 1 
ATOM   393  O  OD2 . ASP A 1 53  ? 13.929  -6.383  -8.447  1.00 29.09 ? 53  ASP A OD2 1 
ATOM   394  N  N   . ASP A 1 54  ? 10.248  -8.678  -5.517  1.00 25.05 ? 54  ASP A N   1 
ATOM   395  C  CA  . ASP A 1 54  ? 10.000  -10.093 -5.242  1.00 26.81 ? 54  ASP A CA  1 
ATOM   396  C  C   . ASP A 1 54  ? 8.483   -10.115 -5.090  1.00 26.18 ? 54  ASP A C   1 
ATOM   397  O  O   . ASP A 1 54  ? 7.964   -9.711  -4.050  1.00 27.81 ? 54  ASP A O   1 
ATOM   398  C  CB  . ASP A 1 54  ? 10.654  -10.532 -3.925  1.00 27.06 ? 54  ASP A CB  1 
ATOM   399  C  CG  . ASP A 1 54  ? 10.257  -11.950 -3.526  1.00 29.06 ? 54  ASP A CG  1 
ATOM   400  O  OD1 . ASP A 1 54  ? 9.426   -12.559 -4.229  1.00 28.13 ? 54  ASP A OD1 1 
ATOM   401  O  OD2 . ASP A 1 54  ? 10.769  -12.457 -2.507  1.00 31.16 ? 54  ASP A OD2 1 
ATOM   402  N  N   . LEU A 1 55  ? 7.765   -10.559 -6.118  1.00 25.40 ? 55  LEU A N   1 
ATOM   403  C  CA  . LEU A 1 55  ? 6.309   -10.562 -6.063  1.00 26.16 ? 55  LEU A CA  1 
ATOM   404  C  C   . LEU A 1 55  ? 5.684   -11.873 -5.598  1.00 26.02 ? 55  LEU A C   1 
ATOM   405  O  O   . LEU A 1 55  ? 4.460   -12.015 -5.622  1.00 26.37 ? 55  LEU A O   1 
ATOM   406  C  CB  . LEU A 1 55  ? 5.722   -10.199 -7.431  1.00 26.12 ? 55  LEU A CB  1 
ATOM   407  C  CG  . LEU A 1 55  ? 6.199   -8.908  -8.101  1.00 28.46 ? 55  LEU A CG  1 
ATOM   408  C  CD1 . LEU A 1 55  ? 5.446   -8.708  -9.406  1.00 29.48 ? 55  LEU A CD1 1 
ATOM   409  C  CD2 . LEU A 1 55  ? 5.984   -7.726  -7.189  1.00 27.82 ? 55  LEU A CD2 1 
ATOM   410  N  N   . ALA A 1 56  ? 6.509   -12.829 -5.189  1.00 26.96 ? 56  ALA A N   1 
ATOM   411  C  CA  . ALA A 1 56  ? 5.983   -14.114 -4.738  1.00 28.20 ? 56  ALA A CA  1 
ATOM   412  C  C   . ALA A 1 56  ? 6.294   -14.385 -3.270  1.00 27.97 ? 56  ALA A C   1 
ATOM   413  O  O   . ALA A 1 56  ? 5.468   -14.948 -2.551  1.00 29.51 ? 56  ALA A O   1 
ATOM   414  C  CB  . ALA A 1 56  ? 6.528   -15.249 -5.621  1.00 30.16 ? 56  ALA A CB  1 
ATOM   415  N  N   . GLY A 1 57  ? 7.482   -13.989 -2.829  1.00 28.62 ? 57  GLY A N   1 
ATOM   416  C  CA  . GLY A 1 57  ? 7.858   -14.190 -1.436  1.00 29.36 ? 57  GLY A CA  1 
ATOM   417  C  C   . GLY A 1 57  ? 7.064   -13.299 -0.485  1.00 29.30 ? 57  GLY A C   1 
ATOM   418  O  O   . GLY A 1 57  ? 6.591   -12.235 -0.873  1.00 28.52 ? 57  GLY A O   1 
ATOM   419  N  N   . LYS A 1 58  ? 6.926   -13.716 0.767   1.00 30.10 ? 58  LYS A N   1 
ATOM   420  C  CA  . LYS A 1 58  ? 6.151   -12.933 1.727   1.00 30.91 ? 58  LYS A CA  1 
ATOM   421  C  C   . LYS A 1 58  ? 6.932   -12.261 2.858   1.00 31.13 ? 58  LYS A C   1 
ATOM   422  O  O   . LYS A 1 58  ? 6.342   -11.621 3.727   1.00 30.76 ? 58  LYS A O   1 
ATOM   423  C  CB  . LYS A 1 58  ? 5.030   -13.811 2.296   1.00 31.83 ? 58  LYS A CB  1 
ATOM   424  C  CG  . LYS A 1 58  ? 4.046   -14.278 1.210   1.00 32.96 ? 58  LYS A CG  1 
ATOM   425  C  CD  . LYS A 1 58  ? 2.909   -15.114 1.770   1.00 34.68 ? 58  LYS A CD  1 
ATOM   426  C  CE  . LYS A 1 58  ? 1.913   -15.469 0.671   1.00 36.19 ? 58  LYS A CE  1 
ATOM   427  N  NZ  . LYS A 1 58  ? 0.766   -16.274 1.191   1.00 37.71 ? 58  LYS A NZ  1 
ATOM   428  N  N   . GLN A 1 59  ? 8.255   -12.376 2.841   1.00 31.75 ? 59  GLN A N   1 
ATOM   429  C  CA  . GLN A 1 59  ? 9.062   -11.756 3.888   1.00 33.38 ? 59  GLN A CA  1 
ATOM   430  C  C   . GLN A 1 59  ? 10.279  -11.067 3.306   1.00 32.80 ? 59  GLN A C   1 
ATOM   431  O  O   . GLN A 1 59  ? 10.749  -11.439 2.237   1.00 31.73 ? 59  GLN A O   1 
ATOM   432  C  CB  . GLN A 1 59  ? 9.546   -12.798 4.895   1.00 36.05 ? 59  GLN A CB  1 
ATOM   433  C  CG  . GLN A 1 59  ? 8.489   -13.731 5.427   1.00 39.31 ? 59  GLN A CG  1 
ATOM   434  C  CD  . GLN A 1 59  ? 9.074   -14.687 6.443   1.00 42.10 ? 59  GLN A CD  1 
ATOM   435  O  OE1 . GLN A 1 59  ? 9.275   -14.331 7.606   1.00 44.44 ? 59  GLN A OE1 1 
ATOM   436  N  NE2 . GLN A 1 59  ? 9.380   -15.901 6.003   1.00 43.22 ? 59  GLN A NE2 1 
ATOM   437  N  N   . GLY A 1 60  ? 10.790  -10.071 4.024   1.00 32.23 ? 60  GLY A N   1 
ATOM   438  C  CA  . GLY A 1 60  ? 11.968  -9.351  3.568   1.00 31.85 ? 60  GLY A CA  1 
ATOM   439  C  C   . GLY A 1 60  ? 11.629  -8.018  2.930   1.00 31.08 ? 60  GLY A C   1 
ATOM   440  O  O   . GLY A 1 60  ? 10.516  -7.811  2.457   1.00 29.18 ? 60  GLY A O   1 
ATOM   441  N  N   . GLU A 1 61  ? 12.600  -7.116  2.912   1.00 31.59 ? 61  GLU A N   1 
ATOM   442  C  CA  . GLU A 1 61  ? 12.409  -5.791  2.347   1.00 32.61 ? 61  GLU A CA  1 
ATOM   443  C  C   . GLU A 1 61  ? 12.038  -5.799  0.859   1.00 30.57 ? 61  GLU A C   1 
ATOM   444  O  O   . GLU A 1 61  ? 11.321  -4.913  0.394   1.00 30.25 ? 61  GLU A O   1 
ATOM   445  C  CB  . GLU A 1 61  ? 13.681  -4.961  2.564   1.00 35.08 ? 61  GLU A CB  1 
ATOM   446  C  CG  . GLU A 1 61  ? 13.596  -3.519  2.057   1.00 38.87 ? 61  GLU A CG  1 
ATOM   447  C  CD  . GLU A 1 61  ? 14.230  -3.335  0.684   1.00 41.45 ? 61  GLU A CD  1 
ATOM   448  O  OE1 . GLU A 1 61  ? 15.452  -3.594  0.553   1.00 44.58 ? 61  GLU A OE1 1 
ATOM   449  O  OE2 . GLU A 1 61  ? 13.516  -2.928  -0.264  1.00 43.48 ? 61  GLU A OE2 1 
ATOM   450  N  N   . LYS A 1 62  ? 12.516  -6.795  0.119   1.00 28.92 ? 62  LYS A N   1 
ATOM   451  C  CA  . LYS A 1 62  ? 12.243  -6.887  -1.315  1.00 27.15 ? 62  LYS A CA  1 
ATOM   452  C  C   . LYS A 1 62  ? 10.851  -7.409  -1.630  1.00 24.27 ? 62  LYS A C   1 
ATOM   453  O  O   . LYS A 1 62  ? 10.373  -7.293  -2.762  1.00 21.97 ? 62  LYS A O   1 
ATOM   454  C  CB  . LYS A 1 62  ? 13.277  -7.794  -1.985  1.00 30.45 ? 62  LYS A CB  1 
ATOM   455  C  CG  . LYS A 1 62  ? 14.705  -7.301  -1.830  1.00 34.52 ? 62  LYS A CG  1 
ATOM   456  C  CD  . LYS A 1 62  ? 15.045  -6.238  -2.858  1.00 38.70 ? 62  LYS A CD  1 
ATOM   457  C  CE  . LYS A 1 62  ? 15.209  -6.857  -4.243  1.00 40.91 ? 62  LYS A CE  1 
ATOM   458  N  NZ  . LYS A 1 62  ? 15.556  -5.851  -5.299  1.00 41.87 ? 62  LYS A NZ  1 
ATOM   459  N  N   . SER A 1 63  ? 10.205  -7.992  -0.629  1.00 21.81 ? 63  SER A N   1 
ATOM   460  C  CA  . SER A 1 63  ? 8.879   -8.551  -0.810  1.00 21.26 ? 63  SER A CA  1 
ATOM   461  C  C   . SER A 1 63  ? 7.790   -7.481  -0.893  1.00 20.36 ? 63  SER A C   1 
ATOM   462  O  O   . SER A 1 63  ? 7.605   -6.714  0.047   1.00 19.77 ? 63  SER A O   1 
ATOM   463  C  CB  . SER A 1 63  ? 8.559   -9.489  0.353   1.00 19.72 ? 63  SER A CB  1 
ATOM   464  O  OG  . SER A 1 63  ? 7.202   -9.885  0.299   1.00 21.23 ? 63  SER A OG  1 
ATOM   465  N  N   . LEU A 1 64  ? 7.064   -7.438  -2.006  1.00 19.80 ? 64  LEU A N   1 
ATOM   466  C  CA  . LEU A 1 64  ? 5.974   -6.486  -2.152  1.00 19.05 ? 64  LEU A CA  1 
ATOM   467  C  C   . LEU A 1 64  ? 4.872   -6.846  -1.144  1.00 19.05 ? 64  LEU A C   1 
ATOM   468  O  O   . LEU A 1 64  ? 4.262   -5.966  -0.513  1.00 17.95 ? 64  LEU A O   1 
ATOM   469  C  CB  . LEU A 1 64  ? 5.400   -6.538  -3.573  1.00 19.85 ? 64  LEU A CB  1 
ATOM   470  C  CG  . LEU A 1 64  ? 4.312   -5.488  -3.869  1.00 20.55 ? 64  LEU A CG  1 
ATOM   471  C  CD1 . LEU A 1 64  ? 4.854   -4.086  -3.603  1.00 20.53 ? 64  LEU A CD1 1 
ATOM   472  C  CD2 . LEU A 1 64  ? 3.883   -5.582  -5.335  1.00 21.40 ? 64  LEU A CD2 1 
ATOM   473  N  N   . TYR A 1 65  ? 4.614   -8.145  -1.004  1.00 17.87 ? 65  TYR A N   1 
ATOM   474  C  CA  . TYR A 1 65  ? 3.592   -8.625  -0.075  1.00 17.94 ? 65  TYR A CA  1 
ATOM   475  C  C   . TYR A 1 65  ? 3.858   -8.103  1.336   1.00 17.82 ? 65  TYR A C   1 
ATOM   476  O  O   . TYR A 1 65  ? 2.974   -7.576  2.005   1.00 19.91 ? 65  TYR A O   1 
ATOM   477  C  CB  . TYR A 1 65  ? 3.601   -10.153 -0.028  1.00 17.66 ? 65  TYR A CB  1 
ATOM   478  C  CG  . TYR A 1 65  ? 2.617   -10.712 0.968   1.00 19.24 ? 65  TYR A CG  1 
ATOM   479  C  CD1 . TYR A 1 65  ? 1.335   -11.071 0.571   1.00 18.13 ? 65  TYR A CD1 1 
ATOM   480  C  CD2 . TYR A 1 65  ? 2.953   -10.845 2.319   1.00 20.17 ? 65  TYR A CD2 1 
ATOM   481  C  CE1 . TYR A 1 65  ? 0.408   -11.549 1.485   1.00 20.58 ? 65  TYR A CE1 1 
ATOM   482  C  CE2 . TYR A 1 65  ? 2.024   -11.322 3.243   1.00 20.77 ? 65  TYR A CE2 1 
ATOM   483  C  CZ  . TYR A 1 65  ? 0.756   -11.672 2.817   1.00 20.10 ? 65  TYR A CZ  1 
ATOM   484  O  OH  . TYR A 1 65  ? -0.186  -12.136 3.717   1.00 20.02 ? 65  TYR A OH  1 
ATOM   485  N  N   . TYR A 1 66  ? 5.090   -8.298  1.785   1.00 16.90 ? 66  TYR A N   1 
ATOM   486  C  CA  . TYR A 1 66  ? 5.522   -7.881  3.101   1.00 18.83 ? 66  TYR A CA  1 
ATOM   487  C  C   . TYR A 1 66  ? 5.351   -6.384  3.375   1.00 18.18 ? 66  TYR A C   1 
ATOM   488  O  O   . TYR A 1 66  ? 4.784   -6.015  4.401   1.00 18.08 ? 66  TYR A O   1 
ATOM   489  C  CB  . TYR A 1 66  ? 6.995   -8.269  3.305   1.00 20.55 ? 66  TYR A CB  1 
ATOM   490  C  CG  . TYR A 1 66  ? 7.561   -7.870  4.654   1.00 23.62 ? 66  TYR A CG  1 
ATOM   491  C  CD1 . TYR A 1 66  ? 7.171   -8.528  5.824   1.00 25.01 ? 66  TYR A CD1 1 
ATOM   492  C  CD2 . TYR A 1 66  ? 8.451   -6.809  4.762   1.00 24.60 ? 66  TYR A CD2 1 
ATOM   493  C  CE1 . TYR A 1 66  ? 7.658   -8.126  7.074   1.00 28.15 ? 66  TYR A CE1 1 
ATOM   494  C  CE2 . TYR A 1 66  ? 8.938   -6.402  5.996   1.00 28.26 ? 66  TYR A CE2 1 
ATOM   495  C  CZ  . TYR A 1 66  ? 8.539   -7.061  7.144   1.00 27.78 ? 66  TYR A CZ  1 
ATOM   496  O  OH  . TYR A 1 66  ? 9.019   -6.638  8.362   1.00 32.08 ? 66  TYR A OH  1 
ATOM   497  N  N   . VAL A 1 67  ? 5.843   -5.518  2.492   1.00 17.92 ? 67  VAL A N   1 
ATOM   498  C  CA  . VAL A 1 67  ? 5.719   -4.087  2.765   1.00 18.02 ? 67  VAL A CA  1 
ATOM   499  C  C   . VAL A 1 67  ? 4.277   -3.609  2.716   1.00 19.13 ? 67  VAL A C   1 
ATOM   500  O  O   . VAL A 1 67  ? 3.933   -2.566  3.293   1.00 19.85 ? 67  VAL A O   1 
ATOM   501  C  CB  . VAL A 1 67  ? 6.611   -3.225  1.814   1.00 18.91 ? 67  VAL A CB  1 
ATOM   502  C  CG1 . VAL A 1 67  ? 8.078   -3.598  2.034   1.00 18.90 ? 67  VAL A CG1 1 
ATOM   503  C  CG2 . VAL A 1 67  ? 6.232   -3.429  0.358   1.00 17.37 ? 67  VAL A CG2 1 
ATOM   504  N  N   . VAL A 1 68  ? 3.425   -4.372  2.050   1.00 17.12 ? 68  VAL A N   1 
ATOM   505  C  CA  . VAL A 1 68  ? 2.019   -4.000  1.969   1.00 17.49 ? 68  VAL A CA  1 
ATOM   506  C  C   . VAL A 1 68  ? 1.220   -4.494  3.180   1.00 17.59 ? 68  VAL A C   1 
ATOM   507  O  O   . VAL A 1 68  ? 0.386   -3.769  3.714   1.00 17.57 ? 68  VAL A O   1 
ATOM   508  C  CB  . VAL A 1 68  ? 1.364   -4.583  0.673   1.00 16.40 ? 68  VAL A CB  1 
ATOM   509  C  CG1 . VAL A 1 68  ? -0.162  -4.575  0.785   1.00 16.18 ? 68  VAL A CG1 1 
ATOM   510  C  CG2 . VAL A 1 68  ? 1.817   -3.758  -0.549  1.00 16.87 ? 68  VAL A CG2 1 
ATOM   511  N  N   . HIS A 1 69  ? 1.510   -5.711  3.634   1.00 17.26 ? 69  HIS A N   1 
ATOM   512  C  CA  . HIS A 1 69  ? 0.731   -6.337  4.710   1.00 16.39 ? 69  HIS A CA  1 
ATOM   513  C  C   . HIS A 1 69  ? 1.235   -6.394  6.147   1.00 18.47 ? 69  HIS A C   1 
ATOM   514  O  O   . HIS A 1 69  ? 0.444   -6.643  7.060   1.00 18.10 ? 69  HIS A O   1 
ATOM   515  C  CB  . HIS A 1 69  ? 0.419   -7.782  4.333   1.00 16.13 ? 69  HIS A CB  1 
ATOM   516  C  CG  . HIS A 1 69  ? -0.321  -7.940  3.039   1.00 14.75 ? 69  HIS A CG  1 
ATOM   517  N  ND1 . HIS A 1 69  ? 0.278   -7.946  1.800   1.00 15.17 ? 69  HIS A ND1 1 
ATOM   518  C  CD2 . HIS A 1 69  ? -1.640  -8.140  2.808   1.00 12.70 ? 69  HIS A CD2 1 
ATOM   519  C  CE1 . HIS A 1 69  ? -0.673  -8.151  0.865   1.00 13.07 ? 69  HIS A CE1 1 
ATOM   520  N  NE2 . HIS A 1 69  ? -1.864  -8.279  1.415   1.00 13.38 ? 69  HIS A NE2 1 
ATOM   521  N  N   . THR A 1 70  ? 2.527   -6.211  6.377   1.00 18.35 ? 70  THR A N   1 
ATOM   522  C  CA  . THR A 1 70  ? 2.992   -6.349  7.744   1.00 20.33 ? 70  THR A CA  1 
ATOM   523  C  C   . THR A 1 70  ? 2.488   -5.274  8.696   1.00 20.27 ? 70  THR A C   1 
ATOM   524  O  O   . THR A 1 70  ? 2.308   -4.126  8.312   1.00 17.79 ? 70  THR A O   1 
ATOM   525  C  CB  . THR A 1 70  ? 4.531   -6.414  7.818   1.00 21.23 ? 70  THR A CB  1 
ATOM   526  O  OG1 . THR A 1 70  ? 4.922   -6.727  9.158   1.00 22.30 ? 70  THR A OG1 1 
ATOM   527  C  CG2 . THR A 1 70  ? 5.159   -5.075  7.433   1.00 18.56 ? 70  THR A CG2 1 
ATOM   528  N  N   . LYS A 1 71  ? 2.260   -5.680  9.945   1.00 23.17 ? 71  LYS A N   1 
ATOM   529  C  CA  . LYS A 1 71  ? 1.801   -4.788  11.002  1.00 24.77 ? 71  LYS A CA  1 
ATOM   530  C  C   . LYS A 1 71  ? 2.985   -4.359  11.851  1.00 26.06 ? 71  LYS A C   1 
ATOM   531  O  O   . LYS A 1 71  ? 2.830   -3.597  12.794  1.00 25.71 ? 71  LYS A O   1 
ATOM   532  C  CB  . LYS A 1 71  ? 0.775   -5.496  11.893  1.00 26.25 ? 71  LYS A CB  1 
ATOM   533  C  CG  . LYS A 1 71  ? -0.488  -5.843  11.156  1.00 26.60 ? 71  LYS A CG  1 
ATOM   534  C  CD  . LYS A 1 71  ? -1.515  -6.475  12.066  1.00 28.85 ? 71  LYS A CD  1 
ATOM   535  C  CE  . LYS A 1 71  ? -2.828  -6.667  11.326  1.00 30.41 ? 71  LYS A CE  1 
ATOM   536  N  NZ  . LYS A 1 71  ? -3.922  -7.053  12.264  1.00 32.62 ? 71  LYS A NZ  1 
ATOM   537  N  N   . LYS A 1 72  ? 4.170   -4.862  11.526  1.00 27.00 ? 72  LYS A N   1 
ATOM   538  C  CA  . LYS A 1 72  ? 5.367   -4.483  12.271  1.00 29.99 ? 72  LYS A CA  1 
ATOM   539  C  C   . LYS A 1 72  ? 5.653   -2.993  12.039  1.00 30.40 ? 72  LYS A C   1 
ATOM   540  O  O   . LYS A 1 72  ? 5.228   -2.432  11.030  1.00 29.77 ? 72  LYS A O   1 
ATOM   541  C  CB  . LYS A 1 72  ? 6.574   -5.286  11.794  1.00 31.90 ? 72  LYS A CB  1 
ATOM   542  C  CG  . LYS A 1 72  ? 6.494   -6.773  12.040  1.00 37.31 ? 72  LYS A CG  1 
ATOM   543  C  CD  . LYS A 1 72  ? 7.878   -7.399  11.889  1.00 40.78 ? 72  LYS A CD  1 
ATOM   544  C  CE  . LYS A 1 72  ? 8.858   -6.729  12.847  1.00 42.37 ? 72  LYS A CE  1 
ATOM   545  N  NZ  . LYS A 1 72  ? 10.277  -7.156  12.654  1.00 43.93 ? 72  LYS A NZ  1 
ATOM   546  N  N   . GLU A 1 73  ? 6.377   -2.358  12.961  1.00 30.52 ? 73  GLU A N   1 
ATOM   547  C  CA  . GLU A 1 73  ? 6.711   -0.940  12.808  1.00 32.19 ? 73  GLU A CA  1 
ATOM   548  C  C   . GLU A 1 73  ? 7.823   -0.812  11.768  1.00 30.20 ? 73  GLU A C   1 
ATOM   549  O  O   . GLU A 1 73  ? 8.912   -1.337  11.946  1.00 30.20 ? 73  GLU A O   1 
ATOM   550  C  CB  . GLU A 1 73  ? 7.170   -0.348  14.140  1.00 35.23 ? 73  GLU A CB  1 
ATOM   551  C  CG  . GLU A 1 73  ? 7.509   1.121   14.070  1.00 40.92 ? 73  GLU A CG  1 
ATOM   552  C  CD  . GLU A 1 73  ? 7.606   1.751   15.449  1.00 44.33 ? 73  GLU A CD  1 
ATOM   553  O  OE1 . GLU A 1 73  ? 6.792   2.654   15.741  1.00 46.95 ? 73  GLU A OE1 1 
ATOM   554  O  OE2 . GLU A 1 73  ? 8.485   1.342   16.243  1.00 45.69 ? 73  GLU A OE2 1 
ATOM   555  N  N   . LEU A 1 74  ? 7.536   -0.098  10.688  1.00 29.13 ? 74  LEU A N   1 
ATOM   556  C  CA  . LEU A 1 74  ? 8.486   0.067   9.593   1.00 27.22 ? 74  LEU A CA  1 
ATOM   557  C  C   . LEU A 1 74  ? 9.058   1.473   9.505   1.00 25.73 ? 74  LEU A C   1 
ATOM   558  O  O   . LEU A 1 74  ? 8.613   2.370   10.207  1.00 20.50 ? 74  LEU A O   1 
ATOM   559  C  CB  . LEU A 1 74  ? 7.783   -0.261  8.278   1.00 28.95 ? 74  LEU A CB  1 
ATOM   560  C  CG  . LEU A 1 74  ? 7.732   -1.694  7.743   1.00 32.09 ? 74  LEU A CG  1 
ATOM   561  C  CD1 . LEU A 1 74  ? 8.030   -2.730  8.816   1.00 32.48 ? 74  LEU A CD1 1 
ATOM   562  C  CD2 . LEU A 1 74  ? 6.370   -1.889  7.088   1.00 31.86 ? 74  LEU A CD2 1 
ATOM   563  N  N   . LYS A 1 75  ? 10.040  1.654   8.625   1.00 24.32 ? 75  LYS A N   1 
ATOM   564  C  CA  . LYS A 1 75  ? 10.660  2.963   8.429   1.00 24.45 ? 75  LYS A CA  1 
ATOM   565  C  C   . LYS A 1 75  ? 9.658   3.912   7.769   1.00 23.03 ? 75  LYS A C   1 
ATOM   566  O  O   . LYS A 1 75  ? 9.689   5.119   7.997   1.00 23.17 ? 75  LYS A O   1 
ATOM   567  C  CB  . LYS A 1 75  ? 11.917  2.826   7.559   1.00 26.59 ? 75  LYS A CB  1 
ATOM   568  C  CG  . LYS A 1 75  ? 12.628  4.136   7.281   1.00 31.43 ? 75  LYS A CG  1 
ATOM   569  C  CD  . LYS A 1 75  ? 13.931  3.930   6.514   1.00 35.53 ? 75  LYS A CD  1 
ATOM   570  C  CE  . LYS A 1 75  ? 14.321  5.195   5.726   1.00 38.79 ? 75  LYS A CE  1 
ATOM   571  N  NZ  . LYS A 1 75  ? 14.335  6.434   6.566   1.00 41.65 ? 75  LYS A NZ  1 
ATOM   572  N  N   . HIS A 1 76  ? 8.767   3.362   6.947   1.00 21.41 ? 76  HIS A N   1 
ATOM   573  C  CA  . HIS A 1 76  ? 7.751   4.177   6.282   1.00 19.96 ? 76  HIS A CA  1 
ATOM   574  C  C   . HIS A 1 76  ? 6.384   3.563   6.565   1.00 19.51 ? 76  HIS A C   1 
ATOM   575  O  O   . HIS A 1 76  ? 6.280   2.373   6.837   1.00 18.54 ? 76  HIS A O   1 
ATOM   576  C  CB  . HIS A 1 76  ? 7.982   4.213   4.763   1.00 19.78 ? 76  HIS A CB  1 
ATOM   577  C  CG  . HIS A 1 76  ? 9.389   4.545   4.380   1.00 20.40 ? 76  HIS A CG  1 
ATOM   578  N  ND1 . HIS A 1 76  ? 9.956   5.778   4.622   1.00 20.70 ? 76  HIS A ND1 1 
ATOM   579  C  CD2 . HIS A 1 76  ? 10.344  3.802   3.774   1.00 20.89 ? 76  HIS A CD2 1 
ATOM   580  C  CE1 . HIS A 1 76  ? 11.200  5.783   4.176   1.00 19.66 ? 76  HIS A CE1 1 
ATOM   581  N  NE2 . HIS A 1 76  ? 11.459  4.596   3.657   1.00 21.75 ? 76  HIS A NE2 1 
ATOM   582  N  N   . THR A 1 77  ? 5.345   4.381   6.461   1.00 19.07 ? 77  THR A N   1 
ATOM   583  C  CA  . THR A 1 77  ? 3.975   3.939   6.718   1.00 18.95 ? 77  THR A CA  1 
ATOM   584  C  C   . THR A 1 77  ? 3.488   3.043   5.584   1.00 19.27 ? 77  THR A C   1 
ATOM   585  O  O   . THR A 1 77  ? 3.785   3.312   4.409   1.00 20.72 ? 77  THR A O   1 
ATOM   586  C  CB  . THR A 1 77  ? 3.063   5.171   6.841   1.00 19.36 ? 77  THR A CB  1 
ATOM   587  O  OG1 . THR A 1 77  ? 3.480   5.933   7.981   1.00 18.64 ? 77  THR A OG1 1 
ATOM   588  C  CG2 . THR A 1 77  ? 1.605   4.760   7.018   1.00 21.07 ? 77  THR A CG2 1 
ATOM   589  N  N   . ASN A 1 78  ? 2.764   1.975   5.912   1.00 17.39 ? 78  ASN A N   1 
ATOM   590  C  CA  . ASN A 1 78  ? 2.256   1.088   4.858   1.00 17.59 ? 78  ASN A CA  1 
ATOM   591  C  C   . ASN A 1 78  ? 0.734   0.959   4.882   1.00 17.00 ? 78  ASN A C   1 
ATOM   592  O  O   . ASN A 1 78  ? 0.071   1.601   5.705   1.00 16.40 ? 78  ASN A O   1 
ATOM   593  C  CB  . ASN A 1 78  ? 2.943   -0.284  4.936   1.00 17.19 ? 78  ASN A CB  1 
ATOM   594  C  CG  . ASN A 1 78  ? 2.440   -1.139  6.077   1.00 18.81 ? 78  ASN A CG  1 
ATOM   595  O  OD1 . ASN A 1 78  ? 1.827   -0.647  7.018   1.00 18.18 ? 78  ASN A OD1 1 
ATOM   596  N  ND2 . ASN A 1 78  ? 2.716   -2.441  6.003   1.00 16.91 ? 78  ASN A ND2 1 
ATOM   597  N  N   . CYS A 1 79  ? 0.189   0.141   3.982   1.00 17.66 ? 79  CYS A N   1 
ATOM   598  C  CA  . CYS A 1 79  ? -1.261  -0.051  3.833   1.00 18.07 ? 79  CYS A CA  1 
ATOM   599  C  C   . CYS A 1 79  ? -1.975  -0.555  5.084   1.00 19.68 ? 79  CYS A C   1 
ATOM   600  O  O   . CYS A 1 79  ? -2.871  0.114   5.600   1.00 19.19 ? 79  CYS A O   1 
ATOM   601  C  CB  . CYS A 1 79  ? -1.559  -1.031  2.682   1.00 16.79 ? 79  CYS A CB  1 
ATOM   602  S  SG  . CYS A 1 79  ? -0.726  -0.644  1.097   1.00 18.33 ? 79  CYS A SG  1 
ATOM   603  N  N   . ILE A 1 80  ? -1.606  -1.749  5.548   1.00 20.22 ? 80  ILE A N   1 
ATOM   604  C  CA  . ILE A 1 80  ? -2.234  -2.325  6.737   1.00 20.97 ? 80  ILE A CA  1 
ATOM   605  C  C   . ILE A 1 80  ? -1.946  -1.498  7.979   1.00 20.27 ? 80  ILE A C   1 
ATOM   606  O  O   . ILE A 1 80  ? -2.787  -1.390  8.872   1.00 20.88 ? 80  ILE A O   1 
ATOM   607  C  CB  . ILE A 1 80  ? -1.754  -3.793  6.968   1.00 22.04 ? 80  ILE A CB  1 
ATOM   608  C  CG1 . ILE A 1 80  ? -2.496  -4.730  6.016   1.00 26.70 ? 80  ILE A CG1 1 
ATOM   609  C  CG2 . ILE A 1 80  ? -1.985  -4.225  8.407   1.00 25.01 ? 80  ILE A CG2 1 
ATOM   610  C  CD1 . ILE A 1 80  ? -3.991  -4.553  6.053   1.00 27.21 ? 80  ILE A CD1 1 
ATOM   611  N  N   . GLY A 1 81  ? -0.751  -0.920  8.034   1.00 19.21 ? 81  GLY A N   1 
ATOM   612  C  CA  . GLY A 1 81  ? -0.372  -0.113  9.181   1.00 19.70 ? 81  GLY A CA  1 
ATOM   613  C  C   . GLY A 1 81  ? -1.305  1.062   9.401   1.00 19.11 ? 81  GLY A C   1 
ATOM   614  O  O   . GLY A 1 81  ? -1.898  1.195   10.467  1.00 18.37 ? 81  GLY A O   1 
ATOM   615  N  N   . CYS A 1 82  ? -1.444  1.931   8.408   1.00 17.12 ? 82  CYS A N   1 
ATOM   616  C  CA  . CYS A 1 82  ? -2.342  3.072   8.585   1.00 17.93 ? 82  CYS A CA  1 
ATOM   617  C  C   . CYS A 1 82  ? -3.807  2.640   8.729   1.00 17.88 ? 82  CYS A C   1 
ATOM   618  O  O   . CYS A 1 82  ? -4.535  3.198   9.541   1.00 17.32 ? 82  CYS A O   1 
ATOM   619  C  CB  . CYS A 1 82  ? -2.235  4.055   7.419   1.00 19.44 ? 82  CYS A CB  1 
ATOM   620  S  SG  . CYS A 1 82  ? -3.531  5.332   7.539   1.00 18.94 ? 82  CYS A SG  1 
ATOM   621  N  N   . HIS A 1 83  ? -4.250  1.659   7.949   1.00 17.55 ? 83  HIS A N   1 
ATOM   622  C  CA  . HIS A 1 83  ? -5.636  1.210   8.070   1.00 19.46 ? 83  HIS A CA  1 
ATOM   623  C  C   . HIS A 1 83  ? -5.945  0.713   9.487   1.00 20.60 ? 83  HIS A C   1 
ATOM   624  O  O   . HIS A 1 83  ? -7.038  0.942   9.990   1.00 19.00 ? 83  HIS A O   1 
ATOM   625  C  CB  . HIS A 1 83  ? -5.954  0.092   7.067   1.00 19.04 ? 83  HIS A CB  1 
ATOM   626  C  CG  . HIS A 1 83  ? -6.189  0.586   5.675   1.00 17.55 ? 83  HIS A CG  1 
ATOM   627  N  ND1 . HIS A 1 83  ? -6.798  -0.154  4.683   1.00 17.25 ? 83  HIS A ND1 1 
ATOM   628  C  CD2 . HIS A 1 83  ? -5.878  1.776   5.106   1.00 18.50 ? 83  HIS A CD2 1 
ATOM   629  C  CE1 . HIS A 1 83  ? -6.830  0.597   3.579   1.00 18.17 ? 83  HIS A CE1 1 
ATOM   630  N  NE2 . HIS A 1 83  ? -6.285  1.779   3.787   1.00 19.40 ? 83  HIS A NE2 1 
ATOM   631  N  N   . SER A 1 84  ? -4.988  0.039   10.126  1.00 21.45 ? 84  SER A N   1 
ATOM   632  C  CA  . SER A 1 84  ? -5.198  -0.460  11.490  1.00 22.34 ? 84  SER A CA  1 
ATOM   633  C  C   . SER A 1 84  ? -5.375  0.702   12.474  1.00 22.83 ? 84  SER A C   1 
ATOM   634  O  O   . SER A 1 84  ? -6.162  0.613   13.419  1.00 23.06 ? 84  SER A O   1 
ATOM   635  C  CB  . SER A 1 84  ? -4.025  -1.336  11.932  1.00 23.00 ? 84  SER A CB  1 
ATOM   636  O  OG  . SER A 1 84  ? -3.961  -2.523  11.156  1.00 22.89 ? 84  SER A OG  1 
ATOM   637  N  N   . LYS A 1 85  ? -4.648  1.792   12.252  1.00 23.41 ? 85  LYS A N   1 
ATOM   638  C  CA  . LYS A 1 85  ? -4.757  2.971   13.114  1.00 24.08 ? 85  LYS A CA  1 
ATOM   639  C  C   . LYS A 1 85  ? -6.133  3.600   12.911  1.00 23.91 ? 85  LYS A C   1 
ATOM   640  O  O   . LYS A 1 85  ? -6.798  3.992   13.870  1.00 24.51 ? 85  LYS A O   1 
ATOM   641  C  CB  . LYS A 1 85  ? -3.693  4.014   12.760  1.00 27.52 ? 85  LYS A CB  1 
ATOM   642  C  CG  . LYS A 1 85  ? -2.269  3.582   13.048  1.00 33.10 ? 85  LYS A CG  1 
ATOM   643  C  CD  . LYS A 1 85  ? -1.250  4.643   12.588  1.00 36.97 ? 85  LYS A CD  1 
ATOM   644  C  CE  . LYS A 1 85  ? -0.997  4.549   11.081  1.00 38.91 ? 85  LYS A CE  1 
ATOM   645  N  NZ  . LYS A 1 85  ? -0.143  5.638   10.526  1.00 43.79 ? 85  LYS A NZ  1 
ATOM   646  N  N   . VAL A 1 86  ? -6.546  3.695   11.652  1.00 21.14 ? 86  VAL A N   1 
ATOM   647  C  CA  . VAL A 1 86  ? -7.832  4.282   11.304  1.00 22.18 ? 86  VAL A CA  1 
ATOM   648  C  C   . VAL A 1 86  ? -8.995  3.555   11.978  1.00 22.02 ? 86  VAL A C   1 
ATOM   649  O  O   . VAL A 1 86  ? -9.885  4.203   12.557  1.00 19.94 ? 86  VAL A O   1 
ATOM   650  C  CB  . VAL A 1 86  ? -8.041  4.277   9.769   1.00 21.76 ? 86  VAL A CB  1 
ATOM   651  C  CG1 . VAL A 1 86  ? -9.468  4.716   9.431   1.00 21.40 ? 86  VAL A CG1 1 
ATOM   652  C  CG2 . VAL A 1 86  ? -7.031  5.219   9.110   1.00 21.76 ? 86  VAL A CG2 1 
ATOM   653  N  N   . VAL A 1 87  ? -8.980  2.219   11.926  1.00 21.26 ? 87  VAL A N   1 
ATOM   654  C  CA  . VAL A 1 87  ? -10.053 1.429   12.529  1.00 23.73 ? 87  VAL A CA  1 
ATOM   655  C  C   . VAL A 1 87  ? -10.045 1.395   14.063  1.00 24.65 ? 87  VAL A C   1 
ATOM   656  O  O   . VAL A 1 87  ? -10.981 0.895   14.664  1.00 25.16 ? 87  VAL A O   1 
ATOM   657  C  CB  . VAL A 1 87  ? -10.083 -0.031  11.991  1.00 24.33 ? 87  VAL A CB  1 
ATOM   658  C  CG1 . VAL A 1 87  ? -10.029 -0.021  10.467  1.00 25.47 ? 87  VAL A CG1 1 
ATOM   659  C  CG2 . VAL A 1 87  ? -8.951  -0.841  12.580  1.00 25.72 ? 87  VAL A CG2 1 
ATOM   660  N  N   . GLU A 1 88  ? -9.004  1.916   14.696  1.00 27.09 ? 88  GLU A N   1 
ATOM   661  C  CA  . GLU A 1 88  ? -8.981  1.973   16.158  1.00 28.67 ? 88  GLU A CA  1 
ATOM   662  C  C   . GLU A 1 88  ? -10.059 2.993   16.570  1.00 27.59 ? 88  GLU A C   1 
ATOM   663  O  O   . GLU A 1 88  ? -10.717 2.832   17.597  1.00 28.31 ? 88  GLU A O   1 
ATOM   664  C  CB  . GLU A 1 88  ? -7.613  2.447   16.668  1.00 30.15 ? 88  GLU A CB  1 
ATOM   665  C  CG  . GLU A 1 88  ? -6.550  1.358   16.774  1.00 34.47 ? 88  GLU A CG  1 
ATOM   666  C  CD  . GLU A 1 88  ? -5.158  1.932   17.033  1.00 37.58 ? 88  GLU A CD  1 
ATOM   667  O  OE1 . GLU A 1 88  ? -5.055  2.982   17.703  1.00 40.12 ? 88  GLU A OE1 1 
ATOM   668  O  OE2 . GLU A 1 88  ? -4.165  1.334   16.570  1.00 38.96 ? 88  GLU A OE2 1 
ATOM   669  N  N   . GLY A 1 89  ? -10.217 4.051   15.774  1.00 25.71 ? 89  GLY A N   1 
ATOM   670  C  CA  . GLY A 1 89  ? -11.228 5.063   16.068  1.00 23.74 ? 89  GLY A CA  1 
ATOM   671  C  C   . GLY A 1 89  ? -12.555 4.845   15.340  1.00 22.65 ? 89  GLY A C   1 
ATOM   672  O  O   . GLY A 1 89  ? -13.608 5.356   15.762  1.00 22.93 ? 89  GLY A O   1 
ATOM   673  N  N   . LYS A 1 90  ? -12.510 4.101   14.235  1.00 22.70 ? 90  LYS A N   1 
ATOM   674  C  CA  . LYS A 1 90  ? -13.704 3.794   13.425  1.00 23.32 ? 90  LYS A CA  1 
ATOM   675  C  C   . LYS A 1 90  ? -13.819 2.267   13.254  1.00 24.45 ? 90  LYS A C   1 
ATOM   676  O  O   . LYS A 1 90  ? -13.565 1.720   12.177  1.00 23.55 ? 90  LYS A O   1 
ATOM   677  C  CB  . LYS A 1 90  ? -13.593 4.475   12.060  1.00 22.30 ? 90  LYS A CB  1 
ATOM   678  C  CG  . LYS A 1 90  ? -13.508 5.993   12.167  1.00 21.80 ? 90  LYS A CG  1 
ATOM   679  C  CD  . LYS A 1 90  ? -13.231 6.677   10.842  1.00 22.79 ? 90  LYS A CD  1 
ATOM   680  C  CE  . LYS A 1 90  ? -13.274 8.198   11.037  1.00 23.94 ? 90  LYS A CE  1 
ATOM   681  N  NZ  . LYS A 1 90  ? -12.938 8.945   9.804   1.00 25.67 ? 90  LYS A NZ  1 
ATOM   682  N  N   . PRO A 1 91  ? -14.223 1.572   14.324  1.00 25.93 ? 91  PRO A N   1 
ATOM   683  C  CA  . PRO A 1 91  ? -14.388 0.112   14.386  1.00 25.69 ? 91  PRO A CA  1 
ATOM   684  C  C   . PRO A 1 91  ? -15.309 -0.449  13.320  1.00 26.46 ? 91  PRO A C   1 
ATOM   685  O  O   . PRO A 1 91  ? -15.157 -1.603  12.896  1.00 26.48 ? 91  PRO A O   1 
ATOM   686  C  CB  . PRO A 1 91  ? -14.948 -0.126  15.796  1.00 26.42 ? 91  PRO A CB  1 
ATOM   687  C  CG  . PRO A 1 91  ? -14.497 1.067   16.571  1.00 26.98 ? 91  PRO A CG  1 
ATOM   688  C  CD  . PRO A 1 91  ? -14.671 2.201   15.581  1.00 25.70 ? 91  PRO A CD  1 
ATOM   689  N  N   . GLU A 1 92  ? -16.270 0.371   12.903  1.00 26.20 ? 92  GLU A N   1 
ATOM   690  C  CA  . GLU A 1 92  ? -17.243 -0.021  11.890  1.00 25.98 ? 92  GLU A CA  1 
ATOM   691  C  C   . GLU A 1 92  ? -16.569 -0.271  10.534  1.00 26.60 ? 92  GLU A C   1 
ATOM   692  O  O   . GLU A 1 92  ? -17.169 -0.848  9.618   1.00 25.01 ? 92  GLU A O   1 
ATOM   693  C  CB  . GLU A 1 92  ? -18.305 1.074   11.733  1.00 26.30 ? 92  GLU A CB  1 
ATOM   694  C  CG  . GLU A 1 92  ? -17.870 2.272   10.900  1.00 25.99 ? 92  GLU A CG  1 
ATOM   695  C  CD  . GLU A 1 92  ? -17.344 3.452   11.708  1.00 25.25 ? 92  GLU A CD  1 
ATOM   696  O  OE1 . GLU A 1 92  ? -16.950 3.268   12.868  1.00 23.04 ? 92  GLU A OE1 1 
ATOM   697  O  OE2 . GLU A 1 92  ? -17.315 4.577   11.158  1.00 27.36 ? 92  GLU A OE2 1 
ATOM   698  N  N   . LEU A 1 93  ? -15.322 0.171   10.407  1.00 26.68 ? 93  LEU A N   1 
ATOM   699  C  CA  . LEU A 1 93  ? -14.587 0.000   9.157   1.00 26.27 ? 93  LEU A CA  1 
ATOM   700  C  C   . LEU A 1 93  ? -13.548 -1.128  9.225   1.00 26.55 ? 93  LEU A C   1 
ATOM   701  O  O   . LEU A 1 93  ? -12.775 -1.315  8.295   1.00 24.33 ? 93  LEU A O   1 
ATOM   702  C  CB  . LEU A 1 93  ? -13.880 1.304   8.785   1.00 26.90 ? 93  LEU A CB  1 
ATOM   703  C  CG  . LEU A 1 93  ? -14.740 2.519   8.425   1.00 28.20 ? 93  LEU A CG  1 
ATOM   704  C  CD1 . LEU A 1 93  ? -13.846 3.713   8.137   1.00 29.00 ? 93  LEU A CD1 1 
ATOM   705  C  CD2 . LEU A 1 93  ? -15.591 2.195   7.210   1.00 29.85 ? 93  LEU A CD2 1 
ATOM   706  N  N   . LYS A 1 94  ? -13.524 -1.869  10.321  1.00 27.32 ? 94  LYS A N   1 
ATOM   707  C  CA  . LYS A 1 94  ? -12.544 -2.934  10.482  1.00 30.15 ? 94  LYS A CA  1 
ATOM   708  C  C   . LYS A 1 94  ? -12.549 -3.960  9.350   1.00 29.95 ? 94  LYS A C   1 
ATOM   709  O  O   . LYS A 1 94  ? -11.491 -4.319  8.823   1.00 30.33 ? 94  LYS A O   1 
ATOM   710  C  CB  . LYS A 1 94  ? -12.752 -3.638  11.824  1.00 32.41 ? 94  LYS A CB  1 
ATOM   711  C  CG  . LYS A 1 94  ? -11.678 -4.649  12.167  1.00 37.15 ? 94  LYS A CG  1 
ATOM   712  C  CD  . LYS A 1 94  ? -11.956 -5.318  13.501  1.00 39.43 ? 94  LYS A CD  1 
ATOM   713  C  CE  . LYS A 1 94  ? -10.811 -6.248  13.882  1.00 42.26 ? 94  LYS A CE  1 
ATOM   714  N  NZ  . LYS A 1 94  ? -9.514  -5.508  14.017  1.00 44.58 ? 94  LYS A NZ  1 
ATOM   715  N  N   . LYS A 1 95  ? -13.728 -4.434  8.957   1.00 29.73 ? 95  LYS A N   1 
ATOM   716  C  CA  . LYS A 1 95  ? -13.786 -5.437  7.889   1.00 30.46 ? 95  LYS A CA  1 
ATOM   717  C  C   . LYS A 1 95  ? -13.361 -4.851  6.550   1.00 28.57 ? 95  LYS A C   1 
ATOM   718  O  O   . LYS A 1 95  ? -12.503 -5.399  5.868   1.00 29.21 ? 95  LYS A O   1 
ATOM   719  C  CB  . LYS A 1 95  ? -15.199 -6.021  7.753   1.00 33.49 ? 95  LYS A CB  1 
ATOM   720  C  CG  . LYS A 1 95  ? -15.230 -7.321  6.966   1.00 37.47 ? 95  LYS A CG  1 
ATOM   721  C  CD  . LYS A 1 95  ? -16.624 -7.660  6.467   1.00 41.95 ? 95  LYS A CD  1 
ATOM   722  C  CE  . LYS A 1 95  ? -17.069 -6.692  5.363   1.00 44.84 ? 95  LYS A CE  1 
ATOM   723  N  NZ  . LYS A 1 95  ? -18.388 -7.058  4.740   1.00 47.86 ? 95  LYS A NZ  1 
ATOM   724  N  N   . ASP A 1 96  ? -13.957 -3.727  6.182   1.00 27.36 ? 96  ASP A N   1 
ATOM   725  C  CA  . ASP A 1 96  ? -13.647 -3.072  4.921   1.00 26.23 ? 96  ASP A CA  1 
ATOM   726  C  C   . ASP A 1 96  ? -12.180 -2.695  4.714   1.00 24.27 ? 96  ASP A C   1 
ATOM   727  O  O   . ASP A 1 96  ? -11.671 -2.791  3.593   1.00 24.75 ? 96  ASP A O   1 
ATOM   728  C  CB  . ASP A 1 96  ? -14.476 -1.791  4.754   1.00 27.64 ? 96  ASP A CB  1 
ATOM   729  C  CG  . ASP A 1 96  ? -15.952 -2.066  4.495   1.00 29.87 ? 96  ASP A CG  1 
ATOM   730  O  OD1 . ASP A 1 96  ? -16.301 -3.169  4.027   1.00 31.39 ? 96  ASP A OD1 1 
ATOM   731  O  OD2 . ASP A 1 96  ? -16.760 -1.158  4.746   1.00 33.29 ? 96  ASP A OD2 1 
ATOM   732  N  N   . LEU A 1 97  ? -11.506 -2.255  5.772   1.00 22.67 ? 97  LEU A N   1 
ATOM   733  C  CA  . LEU A 1 97  ? -10.124 -1.802  5.617   1.00 22.04 ? 97  LEU A CA  1 
ATOM   734  C  C   . LEU A 1 97  ? -8.988  -2.753  6.019   1.00 21.61 ? 97  LEU A C   1 
ATOM   735  O  O   . LEU A 1 97  ? -7.862  -2.570  5.551   1.00 19.72 ? 97  LEU A O   1 
ATOM   736  C  CB  . LEU A 1 97  ? -9.934  -0.442  6.336   1.00 21.40 ? 97  LEU A CB  1 
ATOM   737  C  CG  . LEU A 1 97  ? -10.855 0.730   5.926   1.00 22.35 ? 97  LEU A CG  1 
ATOM   738  C  CD1 . LEU A 1 97  ? -10.535 1.960   6.777   1.00 21.52 ? 97  LEU A CD1 1 
ATOM   739  C  CD2 . LEU A 1 97  ? -10.707 1.051   4.433   1.00 22.55 ? 97  LEU A CD2 1 
ATOM   740  N  N   . THR A 1 98  ? -9.257  -3.761  6.853   1.00 20.61 ? 98  THR A N   1 
ATOM   741  C  CA  . THR A 1 98  ? -8.179  -4.671  7.269   1.00 20.71 ? 98  THR A CA  1 
ATOM   742  C  C   . THR A 1 98  ? -8.386  -6.184  7.065   1.00 20.61 ? 98  THR A C   1 
ATOM   743  O  O   . THR A 1 98  ? -7.438  -6.951  7.198   1.00 18.84 ? 98  THR A O   1 
ATOM   744  C  CB  . THR A 1 98  ? -7.834  -4.482  8.759   1.00 21.40 ? 98  THR A CB  1 
ATOM   745  O  OG1 . THR A 1 98  ? -8.971  -4.837  9.544   1.00 21.25 ? 98  THR A OG1 1 
ATOM   746  C  CG2 . THR A 1 98  ? -7.444  -3.026  9.055   1.00 22.11 ? 98  THR A CG2 1 
ATOM   747  N  N   . ALA A 1 99  ? -9.603  -6.612  6.745   1.00 20.93 ? 99  ALA A N   1 
ATOM   748  C  CA  . ALA A 1 99  ? -9.888  -8.042  6.592   1.00 21.13 ? 99  ALA A CA  1 
ATOM   749  C  C   . ALA A 1 99  ? -9.177  -8.667  5.412   1.00 21.91 ? 99  ALA A C   1 
ATOM   750  O  O   . ALA A 1 99  ? -9.009  -8.033  4.364   1.00 22.14 ? 99  ALA A O   1 
ATOM   751  C  CB  . ALA A 1 99  ? -11.403 -8.268  6.455   1.00 20.94 ? 99  ALA A CB  1 
ATOM   752  N  N   . CYS A 1 100 ? -8.783  -9.924  5.579   1.00 21.38 ? 100 CYS A N   1 
ATOM   753  C  CA  . CYS A 1 100 ? -8.074  -10.656 4.537   1.00 23.91 ? 100 CYS A CA  1 
ATOM   754  C  C   . CYS A 1 100 ? -9.007  -11.129 3.434   1.00 24.98 ? 100 CYS A C   1 
ATOM   755  O  O   . CYS A 1 100 ? -8.564  -11.408 2.315   1.00 25.16 ? 100 CYS A O   1 
ATOM   756  C  CB  . CYS A 1 100 ? -7.351  -11.855 5.152   1.00 22.88 ? 100 CYS A CB  1 
ATOM   757  S  SG  . CYS A 1 100 ? -6.235  -11.350 6.475   1.00 24.10 ? 100 CYS A SG  1 
ATOM   758  N  N   . ALA A 1 101 ? -10.293 -11.235 3.760   1.00 24.81 ? 101 ALA A N   1 
ATOM   759  C  CA  . ALA A 1 101 ? -11.294 -11.659 2.781   1.00 27.10 ? 101 ALA A CA  1 
ATOM   760  C  C   . ALA A 1 101 ? -12.533 -10.802 2.956   1.00 27.49 ? 101 ALA A C   1 
ATOM   761  O  O   . ALA A 1 101 ? -12.879 -10.431 4.076   1.00 28.47 ? 101 ALA A O   1 
ATOM   762  C  CB  . ALA A 1 101 ? -11.655 -13.137 2.990   1.00 27.71 ? 101 ALA A CB  1 
ATOM   763  N  N   . LYS A 1 102 ? -13.204 -10.496 1.855   1.00 28.54 ? 102 LYS A N   1 
ATOM   764  C  CA  . LYS A 1 102 ? -14.416 -9.689  1.908   1.00 31.02 ? 102 LYS A CA  1 
ATOM   765  C  C   . LYS A 1 102 ? -14.164 -8.262  2.396   1.00 30.13 ? 102 LYS A C   1 
ATOM   766  O  O   . LYS A 1 102 ? -15.012 -7.661  3.038   1.00 31.51 ? 102 LYS A O   1 
ATOM   767  C  CB  . LYS A 1 102 ? -15.459 -10.358 2.804   1.00 33.86 ? 102 LYS A CB  1 
ATOM   768  C  CG  . LYS A 1 102 ? -16.023 -11.659 2.244   1.00 37.89 ? 102 LYS A CG  1 
ATOM   769  C  CD  . LYS A 1 102 ? -16.766 -11.401 0.939   1.00 42.07 ? 102 LYS A CD  1 
ATOM   770  C  CE  . LYS A 1 102 ? -17.518 -12.632 0.463   1.00 43.78 ? 102 LYS A CE  1 
ATOM   771  N  NZ  . LYS A 1 102 ? -18.321 -12.319 -0.761  1.00 46.18 ? 102 LYS A NZ  1 
ATOM   772  N  N   . SER A 1 103 ? -12.992 -7.724  2.099   1.00 28.76 ? 103 SER A N   1 
ATOM   773  C  CA  . SER A 1 103 ? -12.683 -6.358  2.485   1.00 26.36 ? 103 SER A CA  1 
ATOM   774  C  C   . SER A 1 103 ? -12.729 -5.561  1.187   1.00 25.97 ? 103 SER A C   1 
ATOM   775  O  O   . SER A 1 103 ? -13.021 -6.121  0.126   1.00 25.07 ? 103 SER A O   1 
ATOM   776  C  CB  . SER A 1 103 ? -11.283 -6.279  3.104   1.00 25.46 ? 103 SER A CB  1 
ATOM   777  O  OG  . SER A 1 103 ? -10.295 -6.681  2.169   1.00 23.81 ? 103 SER A OG  1 
ATOM   778  N  N   . LYS A 1 104 ? -12.451 -4.264  1.257   1.00 25.05 ? 104 LYS A N   1 
ATOM   779  C  CA  . LYS A 1 104 ? -12.447 -3.447  0.045   1.00 25.37 ? 104 LYS A CA  1 
ATOM   780  C  C   . LYS A 1 104 ? -11.189 -3.756  -0.768  1.00 25.02 ? 104 LYS A C   1 
ATOM   781  O  O   . LYS A 1 104 ? -11.111 -3.441  -1.953  1.00 26.12 ? 104 LYS A O   1 
ATOM   782  C  CB  . LYS A 1 104 ? -12.472 -1.962  0.399   1.00 27.61 ? 104 LYS A CB  1 
ATOM   783  C  CG  . LYS A 1 104 ? -13.777 -1.487  1.030   1.00 30.63 ? 104 LYS A CG  1 
ATOM   784  C  CD  . LYS A 1 104 ? -14.914 -1.530  0.033   1.00 33.29 ? 104 LYS A CD  1 
ATOM   785  C  CE  . LYS A 1 104 ? -16.172 -0.918  0.620   1.00 35.47 ? 104 LYS A CE  1 
ATOM   786  N  NZ  . LYS A 1 104 ? -17.318 -1.004  -0.337  1.00 37.67 ? 104 LYS A NZ  1 
ATOM   787  N  N   . CYS A 1 105 ? -10.189 -4.354  -0.126  1.00 23.35 ? 105 CYS A N   1 
ATOM   788  C  CA  . CYS A 1 105 ? -8.965  -4.705  -0.832  1.00 23.47 ? 105 CYS A CA  1 
ATOM   789  C  C   . CYS A 1 105 ? -9.124  -6.041  -1.543  1.00 23.44 ? 105 CYS A C   1 
ATOM   790  O  O   . CYS A 1 105 ? -8.757  -6.177  -2.710  1.00 22.98 ? 105 CYS A O   1 
ATOM   791  C  CB  . CYS A 1 105 ? -7.797  -4.792  0.142   1.00 23.10 ? 105 CYS A CB  1 
ATOM   792  S  SG  . CYS A 1 105 ? -7.305  -3.179  0.802   1.00 22.05 ? 105 CYS A SG  1 
ATOM   793  N  N   . HIS A 1 106 ? -9.684  -7.010  -0.822  1.00 22.55 ? 106 HIS A N   1 
ATOM   794  C  CA  . HIS A 1 106 ? -9.932  -8.360  -1.338  1.00 25.27 ? 106 HIS A CA  1 
ATOM   795  C  C   . HIS A 1 106 ? -11.426 -8.673  -1.196  1.00 27.06 ? 106 HIS A C   1 
ATOM   796  O  O   . HIS A 1 106 ? -11.855 -9.277  -0.207  1.00 26.31 ? 106 HIS A O   1 
ATOM   797  C  CB  . HIS A 1 106 ? -9.130  -9.377  -0.535  1.00 23.72 ? 106 HIS A CB  1 
ATOM   798  C  CG  . HIS A 1 106 ? -7.653  -9.196  -0.643  1.00 23.05 ? 106 HIS A CG  1 
ATOM   799  N  ND1 . HIS A 1 106 ? -6.959  -9.210  -1.829  1.00 23.08 ? 106 HIS A ND1 1 
ATOM   800  C  CD2 . HIS A 1 106 ? -6.721  -9.000  0.324   1.00 24.63 ? 106 HIS A CD2 1 
ATOM   801  C  CE1 . HIS A 1 106 ? -5.659  -9.031  -1.542  1.00 23.75 ? 106 HIS A CE1 1 
ATOM   802  N  NE2 . HIS A 1 106 ? -5.462  -8.899  -0.242  1.00 24.73 ? 106 HIS A NE2 1 
ATOM   803  N  N   . PRO A 1 107 ? -12.236 -8.251  -2.178  1.00 28.99 ? 107 PRO A N   1 
ATOM   804  C  CA  . PRO A 1 107 ? -13.684 -8.475  -2.178  1.00 31.29 ? 107 PRO A CA  1 
ATOM   805  C  C   . PRO A 1 107 ? -14.014 -9.960  -2.154  1.00 32.65 ? 107 PRO A C   1 
ATOM   806  O  O   . PRO A 1 107 ? -13.116 -10.772 -2.481  1.00 34.01 ? 107 PRO A O   1 
ATOM   807  C  CB  . PRO A 1 107 ? -14.137 -7.819  -3.483  1.00 31.36 ? 107 PRO A CB  1 
ATOM   808  C  CG  . PRO A 1 107 ? -13.112 -6.766  -3.728  1.00 31.25 ? 107 PRO A CG  1 
ATOM   809  C  CD  . PRO A 1 107 ? -11.832 -7.489  -3.372  1.00 31.07 ? 107 PRO A CD  1 
ATOM   810  O  OXT . PRO A 1 107 ? -15.170 -10.283 -1.820  1.00 35.47 ? 107 PRO A OXT 1 
HETATM 811  C  CHA . HEM B 2 .   ? 0.611   4.937   -8.244  1.00 22.35 ? 108 HEM A CHA 1 
HETATM 812  C  CHB . HEM B 2 .   ? 1.153   9.676   -7.983  1.00 23.10 ? 108 HEM A CHB 1 
HETATM 813  C  CHC . HEM B 2 .   ? -0.458  9.675   -3.447  1.00 19.97 ? 108 HEM A CHC 1 
HETATM 814  C  CHD . HEM B 2 .   ? -0.093  4.904   -3.512  1.00 19.72 ? 108 HEM A CHD 1 
HETATM 815  C  C1A . HEM B 2 .   ? 0.837   6.258   -8.603  1.00 23.75 ? 108 HEM A C1A 1 
HETATM 816  C  C2A . HEM B 2 .   ? 1.262   6.716   -9.888  1.00 26.54 ? 108 HEM A C2A 1 
HETATM 817  C  C3A . HEM B 2 .   ? 1.491   8.036   -9.811  1.00 25.31 ? 108 HEM A C3A 1 
HETATM 818  C  C4A . HEM B 2 .   ? 1.175   8.400   -8.466  1.00 24.32 ? 108 HEM A C4A 1 
HETATM 819  C  CMA . HEM B 2 .   ? 1.844   8.974   -10.965 1.00 26.62 ? 108 HEM A CMA 1 
HETATM 820  C  CAA . HEM B 2 .   ? 1.285   5.862   -11.149 1.00 28.70 ? 108 HEM A CAA 1 
HETATM 821  C  CBA . HEM B 2 .   ? 2.581   5.101   -11.234 1.00 33.27 ? 108 HEM A CBA 1 
HETATM 822  C  CGA . HEM B 2 .   ? 2.727   4.388   -12.554 1.00 36.23 ? 108 HEM A CGA 1 
HETATM 823  O  O1A . HEM B 2 .   ? 3.876   4.256   -13.021 1.00 38.37 ? 108 HEM A O1A 1 
HETATM 824  O  O2A . HEM B 2 .   ? 1.694   3.960   -13.124 1.00 38.49 ? 108 HEM A O2A 1 
HETATM 825  C  C1B . HEM B 2 .   ? 0.730   10.100  -6.735  1.00 22.17 ? 108 HEM A C1B 1 
HETATM 826  C  C2B . HEM B 2 .   ? 0.766   11.470  -6.305  1.00 21.74 ? 108 HEM A C2B 1 
HETATM 827  C  C3B . HEM B 2 .   ? 0.249   11.518  -5.040  1.00 21.72 ? 108 HEM A C3B 1 
HETATM 828  C  C4B . HEM B 2 .   ? -0.006  10.114  -4.681  1.00 21.77 ? 108 HEM A C4B 1 
HETATM 829  C  CMB . HEM B 2 .   ? 1.452   12.613  -7.067  1.00 22.90 ? 108 HEM A CMB 1 
HETATM 830  C  CAB . HEM B 2 .   ? -0.019  12.645  -4.253  1.00 22.43 ? 108 HEM A CAB 1 
HETATM 831  C  CBB . HEM B 2 .   ? -0.967  13.653  -4.647  1.00 22.24 ? 108 HEM A CBB 1 
HETATM 832  C  C1C . HEM B 2 .   ? -0.574  8.355   -3.088  1.00 20.02 ? 108 HEM A C1C 1 
HETATM 833  C  C2C . HEM B 2 .   ? -0.859  7.920   -1.724  1.00 18.28 ? 108 HEM A C2C 1 
HETATM 834  C  C3C . HEM B 2 .   ? -0.708  6.563   -1.708  1.00 18.88 ? 108 HEM A C3C 1 
HETATM 835  C  C4C . HEM B 2 .   ? -0.293  6.193   -3.082  1.00 19.91 ? 108 HEM A C4C 1 
HETATM 836  C  CMC . HEM B 2 .   ? -1.129  8.880   -0.578  1.00 18.85 ? 108 HEM A CMC 1 
HETATM 837  C  CAC . HEM B 2 .   ? -0.883  5.684   -0.629  1.00 19.89 ? 108 HEM A CAC 1 
HETATM 838  C  CBC . HEM B 2 .   ? -1.970  5.810   0.251   1.00 20.08 ? 108 HEM A CBC 1 
HETATM 839  C  C1D . HEM B 2 .   ? 0.054   4.483   -4.807  1.00 20.90 ? 108 HEM A C1D 1 
HETATM 840  C  C2D . HEM B 2 .   ? 0.091   3.076   -5.244  1.00 19.92 ? 108 HEM A C2D 1 
HETATM 841  C  C3D . HEM B 2 .   ? 0.277   3.082   -6.563  1.00 19.92 ? 108 HEM A C3D 1 
HETATM 842  C  C4D . HEM B 2 .   ? 0.361   4.476   -6.951  1.00 21.39 ? 108 HEM A C4D 1 
HETATM 843  C  CMD . HEM B 2 .   ? -0.028  1.852   -4.363  1.00 20.55 ? 108 HEM A CMD 1 
HETATM 844  C  CAD . HEM B 2 .   ? 0.486   1.859   -7.443  1.00 20.16 ? 108 HEM A CAD 1 
HETATM 845  C  CBD . HEM B 2 .   ? 1.965   1.573   -7.689  1.00 20.70 ? 108 HEM A CBD 1 
HETATM 846  C  CGD . HEM B 2 .   ? 2.191   0.205   -8.323  1.00 20.53 ? 108 HEM A CGD 1 
HETATM 847  O  O1D . HEM B 2 .   ? 1.276   -0.281  -9.006  1.00 23.45 ? 108 HEM A O1D 1 
HETATM 848  O  O2D . HEM B 2 .   ? 3.276   -0.382  -8.145  1.00 21.64 ? 108 HEM A O2D 1 
HETATM 849  N  NA  . HEM B 2 .   ? 0.770   7.305   -7.736  1.00 23.85 ? 108 HEM A NA  1 
HETATM 850  N  NB  . HEM B 2 .   ? 0.301   9.263   -5.713  1.00 20.59 ? 108 HEM A NB  1 
HETATM 851  N  NC  . HEM B 2 .   ? -0.248  7.294   -3.908  1.00 17.21 ? 108 HEM A NC  1 
HETATM 852  N  ND  . HEM B 2 .   ? 0.217   5.320   -5.862  1.00 20.54 ? 108 HEM A ND  1 
HETATM 853  FE FE  . HEM B 2 .   ? 0.248   7.283   -5.824  1.00 21.99 ? 108 HEM A FE  1 
HETATM 854  C  CHA . HEM C 2 .   ? 11.299  0.567   2.155   1.00 19.57 ? 109 HEM A CHA 1 
HETATM 855  C  CHB . HEM C 2 .   ? 6.709   0.583   0.655   1.00 17.35 ? 109 HEM A CHB 1 
HETATM 856  C  CHC . HEM C 2 .   ? 8.245   2.114   -3.648  1.00 19.06 ? 109 HEM A CHC 1 
HETATM 857  C  CHD . HEM C 2 .   ? 12.752  0.967   -2.439  1.00 21.55 ? 109 HEM A CHD 1 
HETATM 858  C  C1A . HEM C 2 .   ? 9.897   0.557   2.164   1.00 19.29 ? 109 HEM A C1A 1 
HETATM 859  C  C2A . HEM C 2 .   ? 9.090   0.398   3.374   1.00 17.90 ? 109 HEM A C2A 1 
HETATM 860  C  C3A . HEM C 2 .   ? 7.799   0.378   2.953   1.00 18.22 ? 109 HEM A C3A 1 
HETATM 861  C  C4A . HEM C 2 .   ? 7.829   0.519   1.479   1.00 17.64 ? 109 HEM A C4A 1 
HETATM 862  C  CMA . HEM C 2 .   ? 6.513   0.406   3.803   1.00 16.61 ? 109 HEM A CMA 1 
HETATM 863  C  CAA . HEM C 2 .   ? 9.691   0.254   4.773   1.00 20.73 ? 109 HEM A CAA 1 
HETATM 864  C  CBA . HEM C 2 .   ? 10.191  -1.191  4.897   1.00 22.27 ? 109 HEM A CBA 1 
HETATM 865  C  CGA . HEM C 2 .   ? 10.970  -1.448  6.181   1.00 25.78 ? 109 HEM A CGA 1 
HETATM 866  O  O1A . HEM C 2 .   ? 11.086  -0.543  7.033   1.00 23.91 ? 109 HEM A O1A 1 
HETATM 867  O  O2A . HEM C 2 .   ? 11.462  -2.576  6.340   1.00 27.69 ? 109 HEM A O2A 1 
HETATM 868  C  C1B . HEM C 2 .   ? 6.729   0.887   -0.699  1.00 19.20 ? 109 HEM A C1B 1 
HETATM 869  C  C2B . HEM C 2 .   ? 5.544   1.108   -1.487  1.00 18.22 ? 109 HEM A C2B 1 
HETATM 870  C  C3B . HEM C 2 .   ? 5.936   1.684   -2.682  1.00 18.65 ? 109 HEM A C3B 1 
HETATM 871  C  C4B . HEM C 2 .   ? 7.403   1.729   -2.606  1.00 18.27 ? 109 HEM A C4B 1 
HETATM 872  C  CMB . HEM C 2 .   ? 4.155   0.630   -1.078  1.00 20.24 ? 109 HEM A CMB 1 
HETATM 873  C  CAB . HEM C 2 .   ? 5.109   2.027   -3.780  1.00 19.40 ? 109 HEM A CAB 1 
HETATM 874  C  CBB . HEM C 2 .   ? 4.066   2.984   -3.620  1.00 18.15 ? 109 HEM A CBB 1 
HETATM 875  C  C1C . HEM C 2 .   ? 9.595   1.932   -3.670  1.00 19.74 ? 109 HEM A C1C 1 
HETATM 876  C  C2C . HEM C 2 .   ? 10.394  2.069   -4.870  1.00 20.46 ? 109 HEM A C2C 1 
HETATM 877  C  C3C . HEM C 2 .   ? 11.656  1.630   -4.610  1.00 21.15 ? 109 HEM A C3C 1 
HETATM 878  C  C4C . HEM C 2 .   ? 11.621  1.266   -3.184  1.00 21.13 ? 109 HEM A C4C 1 
HETATM 879  C  CMC . HEM C 2 .   ? 9.836   2.598   -6.171  1.00 20.96 ? 109 HEM A CMC 1 
HETATM 880  C  CAC . HEM C 2 .   ? 12.754  1.488   -5.497  1.00 23.17 ? 109 HEM A CAC 1 
HETATM 881  C  CBC . HEM C 2 .   ? 13.278  2.624   -6.166  1.00 24.22 ? 109 HEM A CBC 1 
HETATM 882  C  C1D . HEM C 2 .   ? 12.750  0.766   -1.069  1.00 21.89 ? 109 HEM A C1D 1 
HETATM 883  C  C2D . HEM C 2 .   ? 13.939  0.555   -0.295  1.00 23.21 ? 109 HEM A C2D 1 
HETATM 884  C  C3D . HEM C 2 .   ? 13.557  0.512   1.005   1.00 22.68 ? 109 HEM A C3D 1 
HETATM 885  C  C4D . HEM C 2 .   ? 12.106  0.656   1.022   1.00 21.87 ? 109 HEM A C4D 1 
HETATM 886  C  CMD . HEM C 2 .   ? 15.370  0.323   -0.816  1.00 24.88 ? 109 HEM A CMD 1 
HETATM 887  C  CAD . HEM C 2 .   ? 14.533  0.354   2.177   1.00 25.44 ? 109 HEM A CAD 1 
HETATM 888  C  CBD . HEM C 2 .   ? 15.077  1.734   2.525   1.00 29.70 ? 109 HEM A CBD 1 
HETATM 889  C  CGD . HEM C 2 .   ? 13.994  2.648   3.053   1.00 30.88 ? 109 HEM A CGD 1 
HETATM 890  O  O1D . HEM C 2 .   ? 13.380  2.285   4.075   1.00 34.24 ? 109 HEM A O1D 1 
HETATM 891  O  O2D . HEM C 2 .   ? 13.749  3.713   2.459   1.00 33.04 ? 109 HEM A O2D 1 
HETATM 892  N  NA  . HEM C 2 .   ? 9.109   0.658   1.028   1.00 17.37 ? 109 HEM A NA  1 
HETATM 893  N  NB  . HEM C 2 .   ? 7.875   1.240   -1.400  1.00 16.26 ? 109 HEM A NB  1 
HETATM 894  N  NC  . HEM C 2 .   ? 10.348  1.390   -2.654  1.00 19.40 ? 109 HEM A NC  1 
HETATM 895  N  ND  . HEM C 2 .   ? 11.605  0.800   -0.255  1.00 20.15 ? 109 HEM A ND  1 
HETATM 896  FE FE  . HEM C 2 .   ? 9.732   1.039   -0.813  1.00 20.00 ? 109 HEM A FE  1 
HETATM 897  C  CHA . HEM D 2 .   ? -9.472  3.568   2.161   1.00 20.23 ? 110 HEM A CHA 1 
HETATM 898  C  CHB . HEM D 2 .   ? -6.282  0.693   -0.004  1.00 16.95 ? 110 HEM A CHB 1 
HETATM 899  C  CHC . HEM D 2 .   ? -2.743  2.992   2.304   1.00 16.15 ? 110 HEM A CHC 1 
HETATM 900  C  CHD . HEM D 2 .   ? -5.923  5.546   4.773   1.00 19.76 ? 110 HEM A CHD 1 
HETATM 901  C  C1A . HEM D 2 .   ? -8.912  2.590   1.373   1.00 21.47 ? 110 HEM A C1A 1 
HETATM 902  C  C2A . HEM D 2 .   ? -9.649  1.691   0.474   1.00 21.86 ? 110 HEM A C2A 1 
HETATM 903  C  C3A . HEM D 2 .   ? -8.760  0.901   -0.114  1.00 19.37 ? 110 HEM A C3A 1 
HETATM 904  C  C4A . HEM D 2 .   ? -7.471  1.258   0.413   1.00 18.18 ? 110 HEM A C4A 1 
HETATM 905  C  CMA . HEM D 2 .   ? -9.087  -0.176  -1.152  1.00 20.61 ? 110 HEM A CMA 1 
HETATM 906  C  CAA . HEM D 2 .   ? -11.161 1.583   0.345   1.00 24.44 ? 110 HEM A CAA 1 
HETATM 907  C  CBA . HEM D 2 .   ? -11.681 2.481   -0.756  1.00 29.25 ? 110 HEM A CBA 1 
HETATM 908  C  CGA . HEM D 2 .   ? -13.210 2.484   -0.835  1.00 31.44 ? 110 HEM A CGA 1 
HETATM 909  O  O1A . HEM D 2 .   ? -13.859 2.995   0.099   1.00 34.15 ? 110 HEM A O1A 1 
HETATM 910  O  O2A . HEM D 2 .   ? -13.754 1.967   -1.833  1.00 33.43 ? 110 HEM A O2A 1 
HETATM 911  C  C1B . HEM D 2 .   ? -5.013  1.074   0.462   1.00 17.00 ? 110 HEM A C1B 1 
HETATM 912  C  C2B . HEM D 2 .   ? -3.774  0.499   -0.024  1.00 16.41 ? 110 HEM A C2B 1 
HETATM 913  C  C3B . HEM D 2 .   ? -2.759  1.131   0.624   1.00 16.86 ? 110 HEM A C3B 1 
HETATM 914  C  C4B . HEM D 2 .   ? -3.415  2.136   1.506   1.00 17.79 ? 110 HEM A C4B 1 
HETATM 915  C  CMB . HEM D 2 .   ? -3.701  -0.723  -0.969  1.00 17.31 ? 110 HEM A CMB 1 
HETATM 916  C  CAB . HEM D 2 .   ? -1.366  0.963   0.502   1.00 19.17 ? 110 HEM A CAB 1 
HETATM 917  C  CBB . HEM D 2 .   ? -0.695  1.214   -0.731  1.00 19.89 ? 110 HEM A CBB 1 
HETATM 918  C  C1C . HEM D 2 .   ? -3.299  3.903   3.151   1.00 17.79 ? 110 HEM A C1C 1 
HETATM 919  C  C2C . HEM D 2 .   ? -2.513  4.705   4.066   1.00 15.32 ? 110 HEM A C2C 1 
HETATM 920  C  C3C . HEM D 2 .   ? -3.409  5.366   4.848   1.00 17.46 ? 110 HEM A C3C 1 
HETATM 921  C  C4C . HEM D 2 .   ? -4.721  5.001   4.338   1.00 18.04 ? 110 HEM A C4C 1 
HETATM 922  C  CMC . HEM D 2 .   ? -0.983  4.736   4.157   1.00 15.39 ? 110 HEM A CMC 1 
HETATM 923  C  CAC . HEM D 2 .   ? -3.171  6.213   5.976   1.00 18.12 ? 110 HEM A CAC 1 
HETATM 924  C  CBC . HEM D 2 .   ? -2.056  7.094   6.043   1.00 20.75 ? 110 HEM A CBC 1 
HETATM 925  C  C1D . HEM D 2 .   ? -7.161  5.213   4.284   1.00 20.84 ? 110 HEM A C1D 1 
HETATM 926  C  C2D . HEM D 2 .   ? -8.429  5.872   4.694   1.00 21.14 ? 110 HEM A C2D 1 
HETATM 927  C  C3D . HEM D 2 .   ? -9.373  5.322   3.905   1.00 21.35 ? 110 HEM A C3D 1 
HETATM 928  C  C4D . HEM D 2 .   ? -8.763  4.354   3.060   1.00 20.75 ? 110 HEM A C4D 1 
HETATM 929  C  CMD . HEM D 2 .   ? -8.591  7.035   5.691   1.00 22.18 ? 110 HEM A CMD 1 
HETATM 930  C  CAD . HEM D 2 .   ? -10.825 5.736   3.772   1.00 26.32 ? 110 HEM A CAD 1 
HETATM 931  C  CBD . HEM D 2 .   ? -11.623 5.224   4.940   1.00 29.48 ? 110 HEM A CBD 1 
HETATM 932  C  CGD . HEM D 2 .   ? -13.087 5.613   4.847   1.00 31.91 ? 110 HEM A CGD 1 
HETATM 933  O  O1D . HEM D 2 .   ? -13.809 5.041   4.007   1.00 33.42 ? 110 HEM A O1D 1 
HETATM 934  O  O2D . HEM D 2 .   ? -13.509 6.498   5.614   1.00 35.63 ? 110 HEM A O2D 1 
HETATM 935  N  NA  . HEM D 2 .   ? -7.564  2.296   1.341   1.00 19.47 ? 110 HEM A NA  1 
HETATM 936  N  NB  . HEM D 2 .   ? -4.790  2.104   1.381   1.00 17.10 ? 110 HEM A NB  1 
HETATM 937  N  NC  . HEM D 2 .   ? -4.651  4.064   3.317   1.00 17.04 ? 110 HEM A NC  1 
HETATM 938  N  ND  . HEM D 2 .   ? -7.391  4.306   3.274   1.00 19.78 ? 110 HEM A ND  1 
HETATM 939  FE FE  . HEM D 2 .   ? -6.144  3.201   2.332   1.00 20.10 ? 110 HEM A FE  1 
HETATM 940  C  CHA . HEM E 2 .   ? -2.079  -9.257  -2.354  1.00 19.44 ? 111 HEM A CHA 1 
HETATM 941  C  CHB . HEM E 2 .   ? -3.335  -11.813 1.532   1.00 19.78 ? 111 HEM A CHB 1 
HETATM 942  C  CHC . HEM E 2 .   ? -5.264  -7.900  3.520   1.00 16.76 ? 111 HEM A CHC 1 
HETATM 943  C  CHD . HEM E 2 .   ? -3.667  -5.263  -0.157  1.00 18.81 ? 111 HEM A CHD 1 
HETATM 944  C  C1A . HEM E 2 .   ? -2.361  -10.312 -1.502  1.00 19.62 ? 111 HEM A C1A 1 
HETATM 945  C  C2A . HEM E 2 .   ? -2.123  -11.744 -1.830  1.00 19.26 ? 111 HEM A C2A 1 
HETATM 946  C  C3A . HEM E 2 .   ? -2.440  -12.476 -0.730  1.00 19.79 ? 111 HEM A C3A 1 
HETATM 947  C  C4A . HEM E 2 .   ? -2.934  -11.483 0.247   1.00 19.76 ? 111 HEM A C4A 1 
HETATM 948  C  CMA . HEM E 2 .   ? -2.305  -14.010 -0.551  1.00 20.97 ? 111 HEM A CMA 1 
HETATM 949  C  CAA . HEM E 2 .   ? -1.616  -12.241 -3.194  1.00 20.90 ? 111 HEM A CAA 1 
HETATM 950  C  CBA . HEM E 2 .   ? -0.118  -12.021 -3.288  1.00 20.87 ? 111 HEM A CBA 1 
HETATM 951  C  CGA . HEM E 2 .   ? 0.384   -12.096 -4.716  1.00 25.07 ? 111 HEM A CGA 1 
HETATM 952  O  O1A . HEM E 2 .   ? -0.414  -11.838 -5.639  1.00 25.94 ? 111 HEM A O1A 1 
HETATM 953  O  O2A . HEM E 2 .   ? 1.577   -12.383 -4.920  1.00 25.19 ? 111 HEM A O2A 1 
HETATM 954  C  C1B . HEM E 2 .   ? -3.851  -10.958 2.469   1.00 19.80 ? 111 HEM A C1B 1 
HETATM 955  C  C2B . HEM E 2 .   ? -4.154  -11.314 3.848   1.00 20.24 ? 111 HEM A C2B 1 
HETATM 956  C  C3B . HEM E 2 .   ? -4.753  -10.214 4.415   1.00 20.47 ? 111 HEM A C3B 1 
HETATM 957  C  C4B . HEM E 2 .   ? -4.779  -9.187  3.365   1.00 20.13 ? 111 HEM A C4B 1 
HETATM 958  C  CMB . HEM E 2 .   ? -3.740  -12.634 4.535   1.00 21.09 ? 111 HEM A CMB 1 
HETATM 959  C  CAB . HEM E 2 .   ? -5.154  -10.027 5.744   1.00 23.71 ? 111 HEM A CAB 1 
HETATM 960  C  CBB . HEM E 2 .   ? -4.163  -9.813  6.744   1.00 22.04 ? 111 HEM A CBB 1 
HETATM 961  C  C1C . HEM E 2 .   ? -5.144  -6.885  2.603   1.00 19.49 ? 111 HEM A C1C 1 
HETATM 962  C  C2C . HEM E 2 .   ? -5.709  -5.562  2.790   1.00 18.28 ? 111 HEM A C2C 1 
HETATM 963  C  C3C . HEM E 2 .   ? -5.274  -4.797  1.735   1.00 19.14 ? 111 HEM A C3C 1 
HETATM 964  C  C4C . HEM E 2 .   ? -4.426  -5.673  0.931   1.00 19.10 ? 111 HEM A C4C 1 
HETATM 965  C  CMC . HEM E 2 .   ? -6.717  -5.200  3.899   1.00 18.91 ? 111 HEM A CMC 1 
HETATM 966  C  CAC . HEM E 2 .   ? -5.590  -3.463  1.454   1.00 22.66 ? 111 HEM A CAC 1 
HETATM 967  C  CBC . HEM E 2 .   ? -5.211  -2.407  2.319   1.00 20.50 ? 111 HEM A CBC 1 
HETATM 968  C  C1D . HEM E 2 .   ? -3.025  -6.141  -1.051  1.00 18.93 ? 111 HEM A C1D 1 
HETATM 969  C  C2D . HEM E 2 .   ? -2.367  -5.725  -2.263  1.00 17.48 ? 111 HEM A C2D 1 
HETATM 970  C  C3D . HEM E 2 .   ? -1.958  -6.813  -2.919  1.00 17.72 ? 111 HEM A C3D 1 
HETATM 971  C  C4D . HEM E 2 .   ? -2.373  -7.938  -2.099  1.00 19.14 ? 111 HEM A C4D 1 
HETATM 972  C  CMD . HEM E 2 .   ? -2.199  -4.260  -2.691  1.00 18.10 ? 111 HEM A CMD 1 
HETATM 973  C  CAD . HEM E 2 .   ? -1.128  -6.853  -4.212  1.00 20.19 ? 111 HEM A CAD 1 
HETATM 974  C  CBD . HEM E 2 .   ? 0.360   -6.551  -3.962  1.00 20.34 ? 111 HEM A CBD 1 
HETATM 975  C  CGD . HEM E 2 .   ? 1.098   -7.686  -3.258  1.00 22.61 ? 111 HEM A CGD 1 
HETATM 976  O  O1D . HEM E 2 .   ? 1.680   -8.558  -3.937  1.00 22.50 ? 111 HEM A O1D 1 
HETATM 977  O  O2D . HEM E 2 .   ? 1.094   -7.722  -2.015  1.00 23.07 ? 111 HEM A O2D 1 
HETATM 978  N  NA  . HEM E 2 .   ? -2.908  -10.184 -0.263  1.00 18.03 ? 111 HEM A NA  1 
HETATM 979  N  NB  . HEM E 2 .   ? -4.155  -9.639  2.199   1.00 18.75 ? 111 HEM A NB  1 
HETATM 980  N  NC  . HEM E 2 .   ? -4.413  -6.967  1.427   1.00 16.36 ? 111 HEM A NC  1 
HETATM 981  N  ND  . HEM E 2 .   ? -3.024  -7.520  -0.935  1.00 17.63 ? 111 HEM A ND  1 
HETATM 982  FE FE  . HEM E 2 .   ? -3.636  -8.585  0.611   1.00 19.66 ? 111 HEM A FE  1 
HETATM 983  O  O   . HOH F 3 .   ? 5.666   7.133   5.285   1.00 18.86 ? 112 HOH A O   1 
HETATM 984  O  O   . HOH F 3 .   ? 6.596   5.010   -5.466  1.00 18.58 ? 113 HOH A O   1 
HETATM 985  O  O   . HOH F 3 .   ? 3.123   -10.606 -3.451  1.00 27.00 ? 114 HOH A O   1 
HETATM 986  O  O   . HOH F 3 .   ? 7.469   8.033   3.526   1.00 26.82 ? 115 HOH A O   1 
HETATM 987  O  O   . HOH F 3 .   ? 5.746   -10.433 -2.650  1.00 20.62 ? 116 HOH A O   1 
HETATM 988  O  O   . HOH F 3 .   ? -9.653  -4.738  -5.072  1.00 34.36 ? 117 HOH A O   1 
HETATM 989  O  O   . HOH F 3 .   ? 10.165  9.064   2.753   1.00 24.39 ? 118 HOH A O   1 
HETATM 990  O  O   . HOH F 3 .   ? 8.849   5.497   -3.708  1.00 30.07 ? 119 HOH A O   1 
HETATM 991  O  O   . HOH F 3 .   ? -2.621  12.186  -2.086  1.00 25.65 ? 120 HOH A O   1 
HETATM 992  O  O   . HOH F 3 .   ? 1.271   2.851   1.817   1.00 27.74 ? 121 HOH A O   1 
HETATM 993  O  O   . HOH F 3 .   ? 2.904   -1.446  9.577   1.00 22.31 ? 122 HOH A O   1 
HETATM 994  O  O   . HOH F 3 .   ? 3.821   2.704   1.810   1.00 30.68 ? 123 HOH A O   1 
HETATM 995  O  O   . HOH F 3 .   ? -6.565  -8.469  9.523   1.00 76.02 ? 124 HOH A O   1 
HETATM 996  O  O   . HOH F 3 .   ? -9.032  6.980   -7.477  1.00 30.58 ? 125 HOH A O   1 
HETATM 997  O  O   . HOH F 3 .   ? 1.182   -2.839  -9.911  1.00 27.44 ? 126 HOH A O   1 
HETATM 998  O  O   . HOH F 3 .   ? -16.263 -2.739  7.705   1.00 29.79 ? 127 HOH A O   1 
HETATM 999  O  O   . HOH F 3 .   ? 5.379   1.647   10.131  1.00 42.34 ? 128 HOH A O   1 
HETATM 1000 O  O   . HOH F 3 .   ? 2.198   -9.490  -11.595 1.00 50.62 ? 129 HOH A O   1 
HETATM 1001 O  O   . HOH F 3 .   ? -4.158  10.643  -3.670  1.00 35.00 ? 130 HOH A O   1 
HETATM 1002 O  O   . HOH F 3 .   ? 7.114   -3.511  15.483  1.00 49.30 ? 131 HOH A O   1 
HETATM 1003 O  O   . HOH F 3 .   ? 8.766   -12.071 -8.248  1.00 32.37 ? 132 HOH A O   1 
HETATM 1004 O  O   . HOH F 3 .   ? -5.788  5.632   -8.487  1.00 28.82 ? 133 HOH A O   1 
HETATM 1005 O  O   . HOH F 3 .   ? -7.657  10.664  2.584   1.00 28.43 ? 134 HOH A O   1 
HETATM 1006 O  O   . HOH F 3 .   ? 3.130   1.091   8.900   1.00 36.30 ? 135 HOH A O   1 
HETATM 1007 O  O   . HOH F 3 .   ? 4.457   -2.574  -8.695  1.00 29.17 ? 136 HOH A O   1 
HETATM 1008 O  O   . HOH F 3 .   ? 5.788   -3.065  -11.368 1.00 33.23 ? 137 HOH A O   1 
HETATM 1009 O  O   . HOH F 3 .   ? 4.770   -11.959 5.789   1.00 35.85 ? 138 HOH A O   1 
HETATM 1010 O  O   . HOH F 3 .   ? -10.564 -10.809 -3.670  1.00 48.79 ? 139 HOH A O   1 
HETATM 1011 O  O   . HOH F 3 .   ? 9.702   -8.914  -10.284 1.00 41.18 ? 140 HOH A O   1 
HETATM 1012 O  O   . HOH F 3 .   ? 3.581   -6.118  -11.707 1.00 52.89 ? 141 HOH A O   1 
HETATM 1013 O  O   . HOH F 3 .   ? -3.577  -15.890 2.581   1.00 49.49 ? 142 HOH A O   1 
HETATM 1014 O  O   . HOH F 3 .   ? 7.747   2.649   18.443  1.00 52.50 ? 143 HOH A O   1 
HETATM 1015 O  O   . HOH F 3 .   ? 9.894   -5.650  -13.382 1.00 36.54 ? 144 HOH A O   1 
HETATM 1016 O  O   . HOH F 3 .   ? 7.252   -9.803  -12.818 1.00 53.20 ? 145 HOH A O   1 
HETATM 1017 O  O   . HOH F 3 .   ? 2.802   -10.299 6.833   1.00 52.91 ? 146 HOH A O   1 
HETATM 1018 O  O   . HOH F 3 .   ? 0.324   15.992  -7.941  1.00 50.15 ? 147 HOH A O   1 
HETATM 1019 O  O   . HOH F 3 .   ? 3.041   -4.896  -9.052  1.00 41.91 ? 148 HOH A O   1 
HETATM 1020 O  O   . HOH F 3 .   ? -7.272  -10.470 -8.273  1.00 47.26 ? 149 HOH A O   1 
HETATM 1021 O  O   . HOH F 3 .   ? 1.410   15.958  -0.998  1.00 39.61 ? 150 HOH A O   1 
HETATM 1022 O  O   . HOH F 3 .   ? -3.731  14.708  -2.486  1.00 46.23 ? 151 HOH A O   1 
HETATM 1023 O  O   . HOH F 3 .   ? 9.708   4.432   18.005  1.00 39.79 ? 152 HOH A O   1 
HETATM 1024 O  O   . HOH F 3 .   ? -0.558  12.900  5.252   1.00 40.91 ? 153 HOH A O   1 
HETATM 1025 O  O   . HOH F 3 .   ? -1.145  10.751  6.830   1.00 62.51 ? 154 HOH A O   1 
HETATM 1026 O  O   . HOH F 3 .   ? 10.415  2.551   -12.937 1.00 43.62 ? 155 HOH A O   1 
HETATM 1027 O  O   . HOH F 3 .   ? 9.849   8.889   -10.105 1.00 38.06 ? 156 HOH A O   1 
HETATM 1028 O  O   . HOH F 3 .   ? 0.742   -2.849  -12.574 1.00 47.86 ? 157 HOH A O   1 
HETATM 1029 O  O   . HOH F 3 .   ? 6.441   -5.712  -12.057 1.00 53.80 ? 158 HOH A O   1 
HETATM 1030 O  O   . HOH F 3 .   ? 7.704   0.029   -14.222 1.00 62.92 ? 159 HOH A O   1 
HETATM 1031 O  O   . HOH F 3 .   ? 9.338   -3.459  -13.940 1.00 37.18 ? 160 HOH A O   1 
HETATM 1032 O  O   . HOH F 3 .   ? 12.115  1.667   -11.024 1.00 46.72 ? 161 HOH A O   1 
HETATM 1033 O  O   . HOH F 3 .   ? -0.731  -14.769 2.900   1.00 35.90 ? 162 HOH A O   1 
HETATM 1034 O  O   . HOH F 3 .   ? 10.295  6.255   10.565  1.00 21.41 ? 163 HOH A O   1 
HETATM 1035 O  O   . HOH F 3 .   ? 9.416   4.301   12.387  1.00 50.79 ? 164 HOH A O   1 
HETATM 1036 O  O   . HOH F 3 .   ? 2.428   0.466   1.422   1.00 63.13 ? 165 HOH A O   1 
HETATM 1037 O  O   . HOH F 3 .   ? -6.849  -1.560  14.595  1.00 36.15 ? 166 HOH A O   1 
HETATM 1038 O  O   . HOH F 3 .   ? -18.574 4.816   8.558   1.00 45.08 ? 167 HOH A O   1 
HETATM 1039 O  O   . HOH F 3 .   ? -16.098 -4.222  10.603  1.00 42.26 ? 168 HOH A O   1 
HETATM 1040 O  O   . HOH F 3 .   ? -12.146 -12.356 -0.645  1.00 48.13 ? 169 HOH A O   1 
HETATM 1041 O  O   . HOH F 3 .   ? -4.795  -15.446 6.511   1.00 50.56 ? 170 HOH A O   1 
HETATM 1042 O  O   . HOH F 3 .   ? -13.283 -12.001 6.988   1.00 47.12 ? 171 HOH A O   1 
HETATM 1043 O  O   . HOH F 3 .   ? 14.876  0.339   -8.759  1.00 40.16 ? 172 HOH A O   1 
HETATM 1044 O  O   . HOH F 3 .   ? -9.412  -16.703 3.361   1.00 79.26 ? 173 HOH A O   1 
HETATM 1045 O  O   . HOH F 3 .   ? -12.783 -10.613 9.112   1.00 66.43 ? 174 HOH A O   1 
HETATM 1046 O  O   . HOH F 3 .   ? 4.123   14.564  -0.582  1.00 30.99 ? 175 HOH A O   1 
HETATM 1047 O  O   . HOH F 3 .   ? -2.179  -9.218  -14.846 1.00 64.65 ? 176 HOH A O   1 
HETATM 1048 O  O   . HOH F 3 .   ? -6.023  -7.777  -13.704 1.00 74.66 ? 177 HOH A O   1 
HETATM 1049 O  O   . HOH F 3 .   ? -1.385  -10.553 -11.076 1.00 53.89 ? 178 HOH A O   1 
HETATM 1050 O  O   . HOH F 3 .   ? 2.573   -14.356 -3.583  1.00 52.79 ? 179 HOH A O   1 
HETATM 1051 O  O   . HOH F 3 .   ? 9.171   -6.482  -11.003 1.00 36.76 ? 180 HOH A O   1 
HETATM 1052 O  O   . HOH F 3 .   ? -7.655  -9.332  -4.421  1.00 34.89 ? 181 HOH A O   1 
HETATM 1053 O  O   . HOH F 3 .   ? 0.649   -15.856 -2.558  1.00 57.16 ? 182 HOH A O   1 
HETATM 1054 O  O   . HOH F 3 .   ? 12.531  8.961   4.110   1.00 38.09 ? 183 HOH A O   1 
HETATM 1055 O  O   . HOH F 3 .   ? 12.122  13.943  4.362   1.00 66.99 ? 184 HOH A O   1 
HETATM 1056 O  O   . HOH F 3 .   ? -11.829 -2.392  15.046  1.00 79.35 ? 185 HOH A O   1 
HETATM 1057 O  O   . HOH F 3 .   ? 4.200   4.447   -8.089  1.00 50.05 ? 186 HOH A O   1 
HETATM 1058 O  O   . HOH F 3 .   ? 13.449  -0.238  -12.412 1.00 20.79 ? 187 HOH A O   1 
HETATM 1059 O  O   . HOH F 3 .   ? 10.324  -14.144 1.021   1.00 78.45 ? 188 HOH A O   1 
HETATM 1060 O  O   . HOH F 3 .   ? 4.952   -16.071 -10.035 1.00 48.88 ? 189 HOH A O   1 
HETATM 1061 O  O   . HOH F 3 .   ? -9.636  -13.112 -0.172  1.00 43.98 ? 190 HOH A O   1 
HETATM 1062 O  O   . HOH F 3 .   ? 18.141  -2.431  -5.660  1.00 50.43 ? 191 HOH A O   1 
HETATM 1063 O  O   . HOH F 3 .   ? 15.344  -8.319  3.711   1.00 75.21 ? 192 HOH A O   1 
HETATM 1064 O  O   . HOH F 3 .   ? 11.635  -4.798  8.322   1.00 60.60 ? 193 HOH A O   1 
HETATM 1065 O  O   . HOH F 3 .   ? -15.722 7.736   8.310   1.00 50.10 ? 194 HOH A O   1 
HETATM 1066 O  O   . HOH F 3 .   ? -17.234 4.135   3.965   1.00 56.58 ? 195 HOH A O   1 
HETATM 1067 O  O   . HOH F 3 .   ? -13.526 2.906   2.681   1.00 58.29 ? 196 HOH A O   1 
HETATM 1068 O  O   . HOH F 3 .   ? 1.751   2.612   10.272  1.00 51.38 ? 197 HOH A O   1 
HETATM 1069 O  O   . HOH F 3 .   ? -0.487  9.785   -13.623 1.00 71.56 ? 198 HOH A O   1 
HETATM 1070 O  O   . HOH F 3 .   ? -10.071 1.787   -12.983 1.00 66.21 ? 199 HOH A O   1 
HETATM 1071 O  O   . HOH F 3 .   ? -11.576 -12.505 -9.874  1.00 73.97 ? 200 HOH A O   1 
HETATM 1072 O  O   . HOH F 3 .   ? -6.527  -13.308 -8.959  1.00 65.76 ? 201 HOH A O   1 
HETATM 1073 O  O   . HOH F 3 .   ? 13.386  3.736   -10.076 1.00 43.95 ? 202 HOH A O   1 
HETATM 1074 O  O   . HOH F 3 .   ? 10.694  -13.631 -6.703  1.00 67.84 ? 203 HOH A O   1 
HETATM 1075 O  O   . HOH F 3 .   ? 14.825  -10.912 -4.364  1.00 59.09 ? 204 HOH A O   1 
HETATM 1076 O  O   . HOH F 3 .   ? -3.029  15.373  -7.488  1.00 67.26 ? 205 HOH A O   1 
HETATM 1077 O  O   . HOH F 3 .   ? -14.315 2.243   -11.023 1.00 68.62 ? 206 HOH A O   1 
HETATM 1078 O  O   . HOH F 3 .   ? -12.505 -0.670  -11.211 1.00 64.60 ? 207 HOH A O   1 
HETATM 1079 O  O   . HOH F 3 .   ? -12.276 0.084   -8.635  1.00 54.85 ? 208 HOH A O   1 
HETATM 1080 O  O   . HOH F 3 .   ? -11.340 1.254   -6.153  1.00 47.89 ? 209 HOH A O   1 
HETATM 1081 O  O   . HOH F 3 .   ? -13.113 3.973   -4.722  1.00 54.96 ? 210 HOH A O   1 
HETATM 1082 O  O   . HOH F 3 .   ? -0.731  0.490   -11.693 1.00 59.63 ? 211 HOH A O   1 
HETATM 1083 O  O   . HOH F 3 .   ? -0.070  -3.928  -17.159 1.00 61.06 ? 212 HOH A O   1 
HETATM 1084 O  O   . HOH F 3 .   ? -16.568 3.634   0.089   1.00 63.22 ? 213 HOH A O   1 
HETATM 1085 O  O   . HOH F 3 .   ? -16.068 1.304   -2.766  1.00 51.05 ? 214 HOH A O   1 
HETATM 1086 O  O   . HOH F 3 .   ? -18.279 4.632   -2.356  1.00 68.48 ? 215 HOH A O   1 
HETATM 1087 O  O   . HOH F 3 .   ? 7.678   2.733   -12.448 1.00 43.06 ? 216 HOH A O   1 
HETATM 1088 O  O   . HOH F 3 .   ? 11.290  -15.282 -2.323  1.00 55.54 ? 217 HOH A O   1 
HETATM 1089 O  O   . HOH F 3 .   ? -7.898  6.368   15.077  1.00 48.65 ? 218 HOH A O   1 
HETATM 1090 O  O   . HOH F 3 .   ? -16.089 1.496   3.382   1.00 57.28 ? 219 HOH A O   1 
HETATM 1091 O  O   . HOH F 3 .   ? -18.986 -2.978  4.228   1.00 63.58 ? 220 HOH A O   1 
HETATM 1092 O  O   . HOH F 3 .   ? 2.064   10.708  -13.857 1.00 61.81 ? 221 HOH A O   1 
HETATM 1093 O  O   . HOH F 3 .   ? -10.392 -3.325  -12.967 1.00 53.68 ? 222 HOH A O   1 
HETATM 1094 O  O   . HOH F 3 .   ? -15.690 -1.572  -3.798  1.00 66.58 ? 223 HOH A O   1 
HETATM 1095 O  O   . HOH F 3 .   ? 5.762   4.036   2.071   1.00 46.25 ? 224 HOH A O   1 
HETATM 1096 O  O   . HOH F 3 .   ? 15.400  9.225   2.446   1.00 53.33 ? 225 HOH A O   1 
HETATM 1097 O  O   . HOH F 3 .   ? 17.302  6.111   3.717   1.00 62.41 ? 226 HOH A O   1 
HETATM 1098 O  O   . HOH F 3 .   ? -4.671  7.602   12.397  1.00 52.14 ? 227 HOH A O   1 
HETATM 1099 O  O   . HOH F 3 .   ? -1.088  0.645   13.184  1.00 45.54 ? 228 HOH A O   1 
# 
